data_1N1F
# 
_entry.id   1N1F 
# 
_audit_conform.dict_name       mmcif_pdbx.dic 
_audit_conform.dict_version    5.398 
_audit_conform.dict_location   http://mmcif.pdb.org/dictionaries/ascii/mmcif_pdbx.dic 
# 
loop_
_database_2.database_id 
_database_2.database_code 
_database_2.pdbx_database_accession 
_database_2.pdbx_DOI 
PDB   1N1F         pdb_00001n1f 10.2210/pdb1n1f/pdb 
RCSB  RCSB017398   ?            ?                   
WWPDB D_1000017398 ?            ?                   
# 
loop_
_pdbx_audit_revision_history.ordinal 
_pdbx_audit_revision_history.data_content_type 
_pdbx_audit_revision_history.major_revision 
_pdbx_audit_revision_history.minor_revision 
_pdbx_audit_revision_history.revision_date 
1 'Structure model' 1 0 2003-02-04 
2 'Structure model' 1 1 2008-04-28 
3 'Structure model' 1 2 2011-07-13 
4 'Structure model' 1 3 2020-07-29 
5 'Structure model' 1 4 2024-10-30 
# 
loop_
_pdbx_audit_revision_details.ordinal 
_pdbx_audit_revision_details.revision_ordinal 
_pdbx_audit_revision_details.data_content_type 
_pdbx_audit_revision_details.provider 
_pdbx_audit_revision_details.type 
_pdbx_audit_revision_details.description 
_pdbx_audit_revision_details.details 
1 1 'Structure model' repository 'Initial release' ?                          ? 
2 4 'Structure model' repository Remediation       'Carbohydrate remediation' ? 
# 
loop_
_pdbx_audit_revision_group.ordinal 
_pdbx_audit_revision_group.revision_ordinal 
_pdbx_audit_revision_group.data_content_type 
_pdbx_audit_revision_group.group 
1 2 'Structure model' 'Version format compliance' 
2 3 'Structure model' 'Non-polymer description'   
3 3 'Structure model' 'Version format compliance' 
4 4 'Structure model' 'Data collection'           
5 4 'Structure model' 'Derived calculations'      
6 4 'Structure model' 'Structure summary'         
7 5 'Structure model' 'Data collection'           
8 5 'Structure model' 'Database references'       
9 5 'Structure model' 'Structure summary'         
# 
loop_
_pdbx_audit_revision_category.ordinal 
_pdbx_audit_revision_category.revision_ordinal 
_pdbx_audit_revision_category.data_content_type 
_pdbx_audit_revision_category.category 
1  4 'Structure model' chem_comp                 
2  4 'Structure model' entity                    
3  4 'Structure model' pdbx_chem_comp_identifier 
4  4 'Structure model' pdbx_entity_nonpoly       
5  4 'Structure model' struct_conn               
6  4 'Structure model' struct_site               
7  4 'Structure model' struct_site_gen           
8  5 'Structure model' chem_comp                 
9  5 'Structure model' chem_comp_atom            
10 5 'Structure model' chem_comp_bond            
11 5 'Structure model' database_2                
12 5 'Structure model' pdbx_entry_details        
13 5 'Structure model' pdbx_modification_feature 
# 
loop_
_pdbx_audit_revision_item.ordinal 
_pdbx_audit_revision_item.revision_ordinal 
_pdbx_audit_revision_item.data_content_type 
_pdbx_audit_revision_item.item 
1 4 'Structure model' '_chem_comp.name'                     
2 4 'Structure model' '_chem_comp.type'                     
3 4 'Structure model' '_entity.pdbx_description'            
4 4 'Structure model' '_pdbx_entity_nonpoly.name'           
5 4 'Structure model' '_struct_conn.pdbx_leaving_atom_flag' 
6 4 'Structure model' '_struct_conn.pdbx_role'              
7 5 'Structure model' '_chem_comp.pdbx_synonyms'            
8 5 'Structure model' '_database_2.pdbx_DOI'                
9 5 'Structure model' '_database_2.pdbx_database_accession' 
# 
_pdbx_database_status.status_code                     REL 
_pdbx_database_status.entry_id                        1N1F 
_pdbx_database_status.recvd_initial_deposition_date   2002-10-17 
_pdbx_database_status.deposit_site                    RCSB 
_pdbx_database_status.process_site                    RCSB 
_pdbx_database_status.status_code_sf                  REL 
_pdbx_database_status.SG_entry                        . 
_pdbx_database_status.pdb_format_compatible           Y 
_pdbx_database_status.status_code_mr                  ? 
_pdbx_database_status.status_code_cs                  ? 
_pdbx_database_status.status_code_nmr_data            ? 
_pdbx_database_status.methods_development_category    ? 
# 
loop_
_audit_author.name 
_audit_author.pdbx_ordinal 
'Chang, C.'      1 
'Magracheva, E.' 2 
'Kozlov, S.'     3 
'Fong, S.'       4 
'Tobin, G.'      5 
'Kotenko, S.'    6 
'Wlodawer, A.'   7 
'Zdanov, A.'     8 
# 
_citation.id                        primary 
_citation.title                     'Crystal structure of interleukin-19 defines a new subfamily of helical cytokines' 
_citation.journal_abbrev            J.Biol.Chem. 
_citation.journal_volume            278 
_citation.page_first                3308 
_citation.page_last                 3313 
_citation.year                      2003 
_citation.journal_id_ASTM           JBCHA3 
_citation.country                   US 
_citation.journal_id_ISSN           0021-9258 
_citation.journal_id_CSD            0071 
_citation.book_publisher            ? 
_citation.pdbx_database_id_PubMed   12403790 
_citation.pdbx_database_id_DOI      10.1074/jbc.M208602200 
# 
loop_
_citation_author.citation_id 
_citation_author.name 
_citation_author.ordinal 
_citation_author.identifier_ORCID 
primary 'Chang, C.'      1 ? 
primary 'Magracheva, E.' 2 ? 
primary 'Kozlov, S.'     3 ? 
primary 'Fong, S.'       4 ? 
primary 'Tobin, G.'      5 ? 
primary 'Kotenko, S.'    6 ? 
primary 'Wlodawer, A.'   7 ? 
primary 'Zdanov, A.'     8 ? 
# 
loop_
_entity.id 
_entity.type 
_entity.src_method 
_entity.pdbx_description 
_entity.formula_weight 
_entity.pdbx_number_of_molecules 
_entity.pdbx_ec 
_entity.pdbx_mutation 
_entity.pdbx_fragment 
_entity.details 
1 polymer     man interleukin-19                           18389.088 1   ? ? ? ? 
2 non-polymer man 2-acetamido-2-deoxy-beta-D-glucopyranose 221.208   1   ? ? ? ? 
3 water       nat water                                    18.015    164 ? ? ? ? 
# 
_entity_name_com.entity_id   1 
_entity_name_com.name        'IL-19, Melanoma differentiation associated protein-like protein, NG.1' 
# 
_entity_poly.entity_id                      1 
_entity_poly.type                           'polypeptide(L)' 
_entity_poly.nstd_linkage                   no 
_entity_poly.nstd_monomer                   no 
_entity_poly.pdbx_seq_one_letter_code       
;SVDNHGLRRCLISTDMHHIEESFQEIKRAIQAKDTFPNVTILSTLETLQIIKPLDVCCVTKNLLAFYVDRVFKDHQEPNP
KILRKISSIANSFLYMQKTLRQCQEQRQCHCRQEATNATRVIHDNYDQLEVHAAAIKSLGELDVFLAWINKNHEVMSSA
;
_entity_poly.pdbx_seq_one_letter_code_can   
;SVDNHGLRRCLISTDMHHIEESFQEIKRAIQAKDTFPNVTILSTLETLQIIKPLDVCCVTKNLLAFYVDRVFKDHQEPNP
KILRKISSIANSFLYMQKTLRQCQEQRQCHCRQEATNATRVIHDNYDQLEVHAAAIKSLGELDVFLAWINKNHEVMSSA
;
_entity_poly.pdbx_strand_id                 A 
_entity_poly.pdbx_target_identifier         ? 
# 
loop_
_pdbx_entity_nonpoly.entity_id 
_pdbx_entity_nonpoly.name 
_pdbx_entity_nonpoly.comp_id 
2 2-acetamido-2-deoxy-beta-D-glucopyranose NAG 
3 water                                    HOH 
# 
loop_
_entity_poly_seq.entity_id 
_entity_poly_seq.num 
_entity_poly_seq.mon_id 
_entity_poly_seq.hetero 
1 1   SER n 
1 2   VAL n 
1 3   ASP n 
1 4   ASN n 
1 5   HIS n 
1 6   GLY n 
1 7   LEU n 
1 8   ARG n 
1 9   ARG n 
1 10  CYS n 
1 11  LEU n 
1 12  ILE n 
1 13  SER n 
1 14  THR n 
1 15  ASP n 
1 16  MET n 
1 17  HIS n 
1 18  HIS n 
1 19  ILE n 
1 20  GLU n 
1 21  GLU n 
1 22  SER n 
1 23  PHE n 
1 24  GLN n 
1 25  GLU n 
1 26  ILE n 
1 27  LYS n 
1 28  ARG n 
1 29  ALA n 
1 30  ILE n 
1 31  GLN n 
1 32  ALA n 
1 33  LYS n 
1 34  ASP n 
1 35  THR n 
1 36  PHE n 
1 37  PRO n 
1 38  ASN n 
1 39  VAL n 
1 40  THR n 
1 41  ILE n 
1 42  LEU n 
1 43  SER n 
1 44  THR n 
1 45  LEU n 
1 46  GLU n 
1 47  THR n 
1 48  LEU n 
1 49  GLN n 
1 50  ILE n 
1 51  ILE n 
1 52  LYS n 
1 53  PRO n 
1 54  LEU n 
1 55  ASP n 
1 56  VAL n 
1 57  CYS n 
1 58  CYS n 
1 59  VAL n 
1 60  THR n 
1 61  LYS n 
1 62  ASN n 
1 63  LEU n 
1 64  LEU n 
1 65  ALA n 
1 66  PHE n 
1 67  TYR n 
1 68  VAL n 
1 69  ASP n 
1 70  ARG n 
1 71  VAL n 
1 72  PHE n 
1 73  LYS n 
1 74  ASP n 
1 75  HIS n 
1 76  GLN n 
1 77  GLU n 
1 78  PRO n 
1 79  ASN n 
1 80  PRO n 
1 81  LYS n 
1 82  ILE n 
1 83  LEU n 
1 84  ARG n 
1 85  LYS n 
1 86  ILE n 
1 87  SER n 
1 88  SER n 
1 89  ILE n 
1 90  ALA n 
1 91  ASN n 
1 92  SER n 
1 93  PHE n 
1 94  LEU n 
1 95  TYR n 
1 96  MET n 
1 97  GLN n 
1 98  LYS n 
1 99  THR n 
1 100 LEU n 
1 101 ARG n 
1 102 GLN n 
1 103 CYS n 
1 104 GLN n 
1 105 GLU n 
1 106 GLN n 
1 107 ARG n 
1 108 GLN n 
1 109 CYS n 
1 110 HIS n 
1 111 CYS n 
1 112 ARG n 
1 113 GLN n 
1 114 GLU n 
1 115 ALA n 
1 116 THR n 
1 117 ASN n 
1 118 ALA n 
1 119 THR n 
1 120 ARG n 
1 121 VAL n 
1 122 ILE n 
1 123 HIS n 
1 124 ASP n 
1 125 ASN n 
1 126 TYR n 
1 127 ASP n 
1 128 GLN n 
1 129 LEU n 
1 130 GLU n 
1 131 VAL n 
1 132 HIS n 
1 133 ALA n 
1 134 ALA n 
1 135 ALA n 
1 136 ILE n 
1 137 LYS n 
1 138 SER n 
1 139 LEU n 
1 140 GLY n 
1 141 GLU n 
1 142 LEU n 
1 143 ASP n 
1 144 VAL n 
1 145 PHE n 
1 146 LEU n 
1 147 ALA n 
1 148 TRP n 
1 149 ILE n 
1 150 ASN n 
1 151 LYS n 
1 152 ASN n 
1 153 HIS n 
1 154 GLU n 
1 155 VAL n 
1 156 MET n 
1 157 SER n 
1 158 SER n 
1 159 ALA n 
# 
_entity_src_gen.entity_id                          1 
_entity_src_gen.pdbx_src_id                        1 
_entity_src_gen.pdbx_alt_source_flag               sample 
_entity_src_gen.pdbx_seq_type                      ? 
_entity_src_gen.pdbx_beg_seq_num                   ? 
_entity_src_gen.pdbx_end_seq_num                   ? 
_entity_src_gen.gene_src_common_name               human 
_entity_src_gen.gene_src_genus                     Homo 
_entity_src_gen.pdbx_gene_src_gene                 ? 
_entity_src_gen.gene_src_species                   ? 
_entity_src_gen.gene_src_strain                    ? 
_entity_src_gen.gene_src_tissue                    ? 
_entity_src_gen.gene_src_tissue_fraction           ? 
_entity_src_gen.gene_src_details                   ? 
_entity_src_gen.pdbx_gene_src_fragment             ? 
_entity_src_gen.pdbx_gene_src_scientific_name      'Homo sapiens' 
_entity_src_gen.pdbx_gene_src_ncbi_taxonomy_id     9606 
_entity_src_gen.pdbx_gene_src_variant              ? 
_entity_src_gen.pdbx_gene_src_cell_line            ? 
_entity_src_gen.pdbx_gene_src_atcc                 ? 
_entity_src_gen.pdbx_gene_src_organ                ? 
_entity_src_gen.pdbx_gene_src_organelle            ? 
_entity_src_gen.pdbx_gene_src_cell                 ? 
_entity_src_gen.pdbx_gene_src_cellular_location    ? 
_entity_src_gen.host_org_common_name               'fruit fly' 
_entity_src_gen.pdbx_host_org_scientific_name      'Drosophila melanogaster' 
_entity_src_gen.pdbx_host_org_ncbi_taxonomy_id     7227 
_entity_src_gen.host_org_genus                     Drosophila 
_entity_src_gen.pdbx_host_org_gene                 ? 
_entity_src_gen.pdbx_host_org_organ                ? 
_entity_src_gen.host_org_species                   ? 
_entity_src_gen.pdbx_host_org_tissue               ? 
_entity_src_gen.pdbx_host_org_tissue_fraction      ? 
_entity_src_gen.pdbx_host_org_strain               ? 
_entity_src_gen.pdbx_host_org_variant              ? 
_entity_src_gen.pdbx_host_org_cell_line            'Schneider-2 (S2)' 
_entity_src_gen.pdbx_host_org_atcc                 ? 
_entity_src_gen.pdbx_host_org_culture_collection   ? 
_entity_src_gen.pdbx_host_org_cell                 ? 
_entity_src_gen.pdbx_host_org_organelle            ? 
_entity_src_gen.pdbx_host_org_cellular_location    ? 
_entity_src_gen.pdbx_host_org_vector_type          plasmid 
_entity_src_gen.pdbx_host_org_vector               'constitutive pAc5.1/V5-HisA vector' 
_entity_src_gen.host_org_details                   ? 
_entity_src_gen.expression_system_id               ? 
_entity_src_gen.plasmid_name                       ? 
_entity_src_gen.plasmid_details                    ? 
_entity_src_gen.pdbx_description                   ? 
# 
loop_
_chem_comp.id 
_chem_comp.type 
_chem_comp.mon_nstd_flag 
_chem_comp.name 
_chem_comp.pdbx_synonyms 
_chem_comp.formula 
_chem_comp.formula_weight 
ALA 'L-peptide linking'          y ALANINE                                  ? 'C3 H7 N O2'     89.093  
ARG 'L-peptide linking'          y ARGININE                                 ? 'C6 H15 N4 O2 1' 175.209 
ASN 'L-peptide linking'          y ASPARAGINE                               ? 'C4 H8 N2 O3'    132.118 
ASP 'L-peptide linking'          y 'ASPARTIC ACID'                          ? 'C4 H7 N O4'     133.103 
CYS 'L-peptide linking'          y CYSTEINE                                 ? 'C3 H7 N O2 S'   121.158 
GLN 'L-peptide linking'          y GLUTAMINE                                ? 'C5 H10 N2 O3'   146.144 
GLU 'L-peptide linking'          y 'GLUTAMIC ACID'                          ? 'C5 H9 N O4'     147.129 
GLY 'peptide linking'            y GLYCINE                                  ? 'C2 H5 N O2'     75.067  
HIS 'L-peptide linking'          y HISTIDINE                                ? 'C6 H10 N3 O2 1' 156.162 
HOH non-polymer                  . WATER                                    ? 'H2 O'           18.015  
ILE 'L-peptide linking'          y ISOLEUCINE                               ? 'C6 H13 N O2'    131.173 
LEU 'L-peptide linking'          y LEUCINE                                  ? 'C6 H13 N O2'    131.173 
LYS 'L-peptide linking'          y LYSINE                                   ? 'C6 H15 N2 O2 1' 147.195 
MET 'L-peptide linking'          y METHIONINE                               ? 'C5 H11 N O2 S'  149.211 
NAG 'D-saccharide, beta linking' . 2-acetamido-2-deoxy-beta-D-glucopyranose 
;N-acetyl-beta-D-glucosamine; 2-acetamido-2-deoxy-beta-D-glucose; 2-acetamido-2-deoxy-D-glucose; 2-acetamido-2-deoxy-glucose; N-ACETYL-D-GLUCOSAMINE
;
'C8 H15 N O6'    221.208 
PHE 'L-peptide linking'          y PHENYLALANINE                            ? 'C9 H11 N O2'    165.189 
PRO 'L-peptide linking'          y PROLINE                                  ? 'C5 H9 N O2'     115.130 
SER 'L-peptide linking'          y SERINE                                   ? 'C3 H7 N O3'     105.093 
THR 'L-peptide linking'          y THREONINE                                ? 'C4 H9 N O3'     119.119 
TRP 'L-peptide linking'          y TRYPTOPHAN                               ? 'C11 H12 N2 O2'  204.225 
TYR 'L-peptide linking'          y TYROSINE                                 ? 'C9 H11 N O3'    181.189 
VAL 'L-peptide linking'          y VALINE                                   ? 'C5 H11 N O2'    117.146 
# 
loop_
_pdbx_chem_comp_identifier.comp_id 
_pdbx_chem_comp_identifier.type 
_pdbx_chem_comp_identifier.program 
_pdbx_chem_comp_identifier.program_version 
_pdbx_chem_comp_identifier.identifier 
NAG 'CONDENSED IUPAC CARBOHYDRATE SYMBOL' GMML     1.0 DGlcpNAcb                      
NAG 'COMMON NAME'                         GMML     1.0 N-acetyl-b-D-glucopyranosamine 
NAG 'IUPAC CARBOHYDRATE SYMBOL'           PDB-CARE 1.0 b-D-GlcpNAc                    
NAG 'SNFG CARBOHYDRATE SYMBOL'            GMML     1.0 GlcNAc                         
# 
loop_
_pdbx_poly_seq_scheme.asym_id 
_pdbx_poly_seq_scheme.entity_id 
_pdbx_poly_seq_scheme.seq_id 
_pdbx_poly_seq_scheme.mon_id 
_pdbx_poly_seq_scheme.ndb_seq_num 
_pdbx_poly_seq_scheme.pdb_seq_num 
_pdbx_poly_seq_scheme.auth_seq_num 
_pdbx_poly_seq_scheme.pdb_mon_id 
_pdbx_poly_seq_scheme.auth_mon_id 
_pdbx_poly_seq_scheme.pdb_strand_id 
_pdbx_poly_seq_scheme.pdb_ins_code 
_pdbx_poly_seq_scheme.hetero 
A 1 1   SER 1   1   ?   ?   ?   A . n 
A 1 2   VAL 2   2   ?   ?   ?   A . n 
A 1 3   ASP 3   3   ?   ?   ?   A . n 
A 1 4   ASN 4   4   4   ASN ASN A . n 
A 1 5   HIS 5   5   5   HIS HIS A . n 
A 1 6   GLY 6   6   6   GLY GLY A . n 
A 1 7   LEU 7   7   7   LEU LEU A . n 
A 1 8   ARG 8   8   8   ARG ALA A . n 
A 1 9   ARG 9   9   9   ARG ALA A . n 
A 1 10  CYS 10  10  10  CYS CYS A . n 
A 1 11  LEU 11  11  11  LEU LEU A . n 
A 1 12  ILE 12  12  12  ILE ILE A . n 
A 1 13  SER 13  13  13  SER SER A . n 
A 1 14  THR 14  14  14  THR THR A . n 
A 1 15  ASP 15  15  15  ASP ASP A . n 
A 1 16  MET 16  16  16  MET MET A . n 
A 1 17  HIS 17  17  17  HIS HIS A . n 
A 1 18  HIS 18  18  18  HIS HIS A . n 
A 1 19  ILE 19  19  19  ILE ILE A . n 
A 1 20  GLU 20  20  20  GLU GLU A . n 
A 1 21  GLU 21  21  21  GLU ALA A . n 
A 1 22  SER 22  22  22  SER SER A . n 
A 1 23  PHE 23  23  23  PHE PHE A . n 
A 1 24  GLN 24  24  24  GLN GLN A . n 
A 1 25  GLU 25  25  25  GLU GLU A . n 
A 1 26  ILE 26  26  26  ILE ILE A . n 
A 1 27  LYS 27  27  27  LYS LYS A . n 
A 1 28  ARG 28  28  28  ARG ARG A . n 
A 1 29  ALA 29  29  29  ALA ALA A . n 
A 1 30  ILE 30  30  30  ILE ILE A . n 
A 1 31  GLN 31  31  31  GLN GLN A . n 
A 1 32  ALA 32  32  32  ALA ALA A . n 
A 1 33  LYS 33  33  33  LYS LYS A . n 
A 1 34  ASP 34  34  34  ASP ASP A . n 
A 1 35  THR 35  35  35  THR THR A . n 
A 1 36  PHE 36  36  36  PHE PHE A . n 
A 1 37  PRO 37  37  37  PRO PRO A . n 
A 1 38  ASN 38  38  38  ASN ASN A . n 
A 1 39  VAL 39  39  39  VAL VAL A . n 
A 1 40  THR 40  40  40  THR THR A . n 
A 1 41  ILE 41  41  41  ILE ILE A . n 
A 1 42  LEU 42  42  42  LEU LEU A . n 
A 1 43  SER 43  43  43  SER SER A . n 
A 1 44  THR 44  44  44  THR THR A . n 
A 1 45  LEU 45  45  45  LEU LEU A . n 
A 1 46  GLU 46  46  46  GLU GLU A . n 
A 1 47  THR 47  47  47  THR THR A . n 
A 1 48  LEU 48  48  48  LEU LEU A . n 
A 1 49  GLN 49  49  49  GLN GLN A . n 
A 1 50  ILE 50  50  50  ILE ILE A . n 
A 1 51  ILE 51  51  51  ILE ILE A . n 
A 1 52  LYS 52  52  52  LYS LYS A . n 
A 1 53  PRO 53  53  53  PRO PRO A . n 
A 1 54  LEU 54  54  54  LEU LEU A . n 
A 1 55  ASP 55  55  55  ASP ASP A . n 
A 1 56  VAL 56  56  56  VAL VAL A . n 
A 1 57  CYS 57  57  57  CYS CYS A . n 
A 1 58  CYS 58  58  58  CYS CYS A . n 
A 1 59  VAL 59  59  59  VAL VAL A . n 
A 1 60  THR 60  60  60  THR THR A . n 
A 1 61  LYS 61  61  61  LYS LYS A . n 
A 1 62  ASN 62  62  62  ASN ASN A . n 
A 1 63  LEU 63  63  63  LEU LEU A . n 
A 1 64  LEU 64  64  64  LEU LEU A . n 
A 1 65  ALA 65  65  65  ALA ALA A . n 
A 1 66  PHE 66  66  66  PHE PHE A . n 
A 1 67  TYR 67  67  67  TYR TYR A . n 
A 1 68  VAL 68  68  68  VAL VAL A . n 
A 1 69  ASP 69  69  69  ASP ASP A . n 
A 1 70  ARG 70  70  70  ARG ARG A . n 
A 1 71  VAL 71  71  71  VAL VAL A . n 
A 1 72  PHE 72  72  72  PHE PHE A . n 
A 1 73  LYS 73  73  73  LYS LYS A . n 
A 1 74  ASP 74  74  74  ASP ASP A . n 
A 1 75  HIS 75  75  75  HIS HIS A . n 
A 1 76  GLN 76  76  76  GLN GLN A . n 
A 1 77  GLU 77  77  77  GLU GLU A . n 
A 1 78  PRO 78  78  78  PRO PRO A . n 
A 1 79  ASN 79  79  79  ASN ASN A . n 
A 1 80  PRO 80  80  80  PRO PRO A . n 
A 1 81  LYS 81  81  81  LYS LYS A . n 
A 1 82  ILE 82  82  82  ILE ILE A . n 
A 1 83  LEU 83  83  83  LEU LEU A . n 
A 1 84  ARG 84  84  84  ARG ARG A . n 
A 1 85  LYS 85  85  85  LYS LYS A . n 
A 1 86  ILE 86  86  86  ILE ILE A . n 
A 1 87  SER 87  87  87  SER SER A . n 
A 1 88  SER 88  88  88  SER SER A . n 
A 1 89  ILE 89  89  89  ILE ILE A . n 
A 1 90  ALA 90  90  90  ALA ALA A . n 
A 1 91  ASN 91  91  91  ASN ASN A . n 
A 1 92  SER 92  92  92  SER SER A . n 
A 1 93  PHE 93  93  93  PHE PHE A . n 
A 1 94  LEU 94  94  94  LEU LEU A . n 
A 1 95  TYR 95  95  95  TYR TYR A . n 
A 1 96  MET 96  96  96  MET MET A . n 
A 1 97  GLN 97  97  97  GLN GLN A . n 
A 1 98  LYS 98  98  98  LYS LYS A . n 
A 1 99  THR 99  99  99  THR THR A . n 
A 1 100 LEU 100 100 100 LEU LEU A . n 
A 1 101 ARG 101 101 101 ARG ARG A . n 
A 1 102 GLN 102 102 102 GLN GLN A . n 
A 1 103 CYS 103 103 103 CYS CYS A . n 
A 1 104 GLN 104 104 104 GLN ALA A . n 
A 1 105 GLU 105 105 ?   ?   ?   A . n 
A 1 106 GLN 106 106 ?   ?   ?   A . n 
A 1 107 ARG 107 107 ?   ?   ?   A . n 
A 1 108 GLN 108 108 108 GLN ALA A . n 
A 1 109 CYS 109 109 109 CYS CYS A . n 
A 1 110 HIS 110 110 110 HIS HIS A . n 
A 1 111 CYS 111 111 111 CYS CYS A . n 
A 1 112 ARG 112 112 112 ARG ARG A . n 
A 1 113 GLN 113 113 113 GLN GLN A . n 
A 1 114 GLU 114 114 114 GLU GLU A . n 
A 1 115 ALA 115 115 115 ALA ALA A . n 
A 1 116 THR 116 116 116 THR THR A . n 
A 1 117 ASN 117 117 117 ASN ASN A . n 
A 1 118 ALA 118 118 118 ALA ALA A . n 
A 1 119 THR 119 119 119 THR THR A . n 
A 1 120 ARG 120 120 120 ARG ARG A . n 
A 1 121 VAL 121 121 121 VAL VAL A . n 
A 1 122 ILE 122 122 122 ILE ILE A . n 
A 1 123 HIS 123 123 123 HIS HIS A . n 
A 1 124 ASP 124 124 124 ASP ASP A . n 
A 1 125 ASN 125 125 125 ASN ASN A . n 
A 1 126 TYR 126 126 126 TYR TYR A . n 
A 1 127 ASP 127 127 127 ASP ASP A . n 
A 1 128 GLN 128 128 128 GLN GLN A . n 
A 1 129 LEU 129 129 129 LEU LEU A . n 
A 1 130 GLU 130 130 130 GLU GLU A . n 
A 1 131 VAL 131 131 131 VAL VAL A . n 
A 1 132 HIS 132 132 132 HIS HIS A . n 
A 1 133 ALA 133 133 133 ALA ALA A . n 
A 1 134 ALA 134 134 134 ALA ALA A . n 
A 1 135 ALA 135 135 135 ALA ALA A . n 
A 1 136 ILE 136 136 136 ILE ILE A . n 
A 1 137 LYS 137 137 137 LYS LYS A . n 
A 1 138 SER 138 138 138 SER SER A . n 
A 1 139 LEU 139 139 139 LEU LEU A . n 
A 1 140 GLY 140 140 140 GLY GLY A . n 
A 1 141 GLU 141 141 141 GLU GLU A . n 
A 1 142 LEU 142 142 142 LEU LEU A . n 
A 1 143 ASP 143 143 143 ASP ASP A . n 
A 1 144 VAL 144 144 144 VAL VAL A . n 
A 1 145 PHE 145 145 145 PHE PHE A . n 
A 1 146 LEU 146 146 146 LEU LEU A . n 
A 1 147 ALA 147 147 147 ALA ALA A . n 
A 1 148 TRP 148 148 148 TRP TRP A . n 
A 1 149 ILE 149 149 149 ILE ILE A . n 
A 1 150 ASN 150 150 150 ASN ASN A . n 
A 1 151 LYS 151 151 151 LYS LYS A . n 
A 1 152 ASN 152 152 152 ASN ASN A . n 
A 1 153 HIS 153 153 153 HIS HIS A . n 
A 1 154 GLU 154 154 154 GLU GLU A . n 
A 1 155 VAL 155 155 155 VAL VAL A . n 
A 1 156 MET 156 156 156 MET MET A . n 
A 1 157 SER 157 157 157 SER SER A . n 
A 1 158 SER 158 158 158 SER SER A . n 
A 1 159 ALA 159 159 159 ALA ALA A . n 
# 
loop_
_pdbx_nonpoly_scheme.asym_id 
_pdbx_nonpoly_scheme.entity_id 
_pdbx_nonpoly_scheme.mon_id 
_pdbx_nonpoly_scheme.ndb_seq_num 
_pdbx_nonpoly_scheme.pdb_seq_num 
_pdbx_nonpoly_scheme.auth_seq_num 
_pdbx_nonpoly_scheme.pdb_mon_id 
_pdbx_nonpoly_scheme.auth_mon_id 
_pdbx_nonpoly_scheme.pdb_strand_id 
_pdbx_nonpoly_scheme.pdb_ins_code 
B 2 NAG 1   300 300 NAG NAG A . 
C 3 HOH 1   501 501 HOH WAT A . 
C 3 HOH 2   502 502 HOH WAT A . 
C 3 HOH 3   503 503 HOH WAT A . 
C 3 HOH 4   504 504 HOH WAT A . 
C 3 HOH 5   505 505 HOH WAT A . 
C 3 HOH 6   506 506 HOH WAT A . 
C 3 HOH 7   507 507 HOH WAT A . 
C 3 HOH 8   508 508 HOH WAT A . 
C 3 HOH 9   509 509 HOH WAT A . 
C 3 HOH 10  510 510 HOH WAT A . 
C 3 HOH 11  511 511 HOH WAT A . 
C 3 HOH 12  512 512 HOH WAT A . 
C 3 HOH 13  513 513 HOH WAT A . 
C 3 HOH 14  514 514 HOH WAT A . 
C 3 HOH 15  515 515 HOH WAT A . 
C 3 HOH 16  516 516 HOH WAT A . 
C 3 HOH 17  517 517 HOH WAT A . 
C 3 HOH 18  518 518 HOH WAT A . 
C 3 HOH 19  519 519 HOH WAT A . 
C 3 HOH 20  520 520 HOH WAT A . 
C 3 HOH 21  521 521 HOH WAT A . 
C 3 HOH 22  522 522 HOH WAT A . 
C 3 HOH 23  523 523 HOH WAT A . 
C 3 HOH 24  524 524 HOH WAT A . 
C 3 HOH 25  525 525 HOH WAT A . 
C 3 HOH 26  526 526 HOH WAT A . 
C 3 HOH 27  527 527 HOH WAT A . 
C 3 HOH 28  528 528 HOH WAT A . 
C 3 HOH 29  529 529 HOH WAT A . 
C 3 HOH 30  530 530 HOH WAT A . 
C 3 HOH 31  531 531 HOH WAT A . 
C 3 HOH 32  532 532 HOH WAT A . 
C 3 HOH 33  533 533 HOH WAT A . 
C 3 HOH 34  534 534 HOH WAT A . 
C 3 HOH 35  535 535 HOH WAT A . 
C 3 HOH 36  536 536 HOH WAT A . 
C 3 HOH 37  537 537 HOH WAT A . 
C 3 HOH 38  538 538 HOH WAT A . 
C 3 HOH 39  539 539 HOH WAT A . 
C 3 HOH 40  540 540 HOH WAT A . 
C 3 HOH 41  541 541 HOH WAT A . 
C 3 HOH 42  542 542 HOH WAT A . 
C 3 HOH 43  543 543 HOH WAT A . 
C 3 HOH 44  544 544 HOH WAT A . 
C 3 HOH 45  545 545 HOH WAT A . 
C 3 HOH 46  546 546 HOH WAT A . 
C 3 HOH 47  547 547 HOH WAT A . 
C 3 HOH 48  548 548 HOH WAT A . 
C 3 HOH 49  549 549 HOH WAT A . 
C 3 HOH 50  550 550 HOH WAT A . 
C 3 HOH 51  551 551 HOH WAT A . 
C 3 HOH 52  552 552 HOH WAT A . 
C 3 HOH 53  553 553 HOH WAT A . 
C 3 HOH 54  554 554 HOH WAT A . 
C 3 HOH 55  555 555 HOH WAT A . 
C 3 HOH 56  556 556 HOH WAT A . 
C 3 HOH 57  557 557 HOH WAT A . 
C 3 HOH 58  558 558 HOH WAT A . 
C 3 HOH 59  559 559 HOH WAT A . 
C 3 HOH 60  560 560 HOH WAT A . 
C 3 HOH 61  561 561 HOH WAT A . 
C 3 HOH 62  562 562 HOH WAT A . 
C 3 HOH 63  563 563 HOH WAT A . 
C 3 HOH 64  564 564 HOH WAT A . 
C 3 HOH 65  565 565 HOH WAT A . 
C 3 HOH 66  566 566 HOH WAT A . 
C 3 HOH 67  567 567 HOH WAT A . 
C 3 HOH 68  568 568 HOH WAT A . 
C 3 HOH 69  569 569 HOH WAT A . 
C 3 HOH 70  570 570 HOH WAT A . 
C 3 HOH 71  571 571 HOH WAT A . 
C 3 HOH 72  572 572 HOH WAT A . 
C 3 HOH 73  573 573 HOH WAT A . 
C 3 HOH 74  574 574 HOH WAT A . 
C 3 HOH 75  575 575 HOH WAT A . 
C 3 HOH 76  576 576 HOH WAT A . 
C 3 HOH 77  577 577 HOH WAT A . 
C 3 HOH 78  578 578 HOH WAT A . 
C 3 HOH 79  579 579 HOH WAT A . 
C 3 HOH 80  580 580 HOH WAT A . 
C 3 HOH 81  581 581 HOH WAT A . 
C 3 HOH 82  582 582 HOH WAT A . 
C 3 HOH 83  583 583 HOH WAT A . 
C 3 HOH 84  584 584 HOH WAT A . 
C 3 HOH 85  585 585 HOH WAT A . 
C 3 HOH 86  586 586 HOH WAT A . 
C 3 HOH 87  587 587 HOH WAT A . 
C 3 HOH 88  588 588 HOH WAT A . 
C 3 HOH 89  589 589 HOH WAT A . 
C 3 HOH 90  590 590 HOH WAT A . 
C 3 HOH 91  591 591 HOH WAT A . 
C 3 HOH 92  592 592 HOH WAT A . 
C 3 HOH 93  593 593 HOH WAT A . 
C 3 HOH 94  594 594 HOH WAT A . 
C 3 HOH 95  595 595 HOH WAT A . 
C 3 HOH 96  596 596 HOH WAT A . 
C 3 HOH 97  597 597 HOH WAT A . 
C 3 HOH 98  598 598 HOH WAT A . 
C 3 HOH 99  599 599 HOH WAT A . 
C 3 HOH 100 600 600 HOH WAT A . 
C 3 HOH 101 601 601 HOH WAT A . 
C 3 HOH 102 602 602 HOH WAT A . 
C 3 HOH 103 603 603 HOH WAT A . 
C 3 HOH 104 604 604 HOH WAT A . 
C 3 HOH 105 605 605 HOH WAT A . 
C 3 HOH 106 606 606 HOH WAT A . 
C 3 HOH 107 607 607 HOH WAT A . 
C 3 HOH 108 608 608 HOH WAT A . 
C 3 HOH 109 609 609 HOH WAT A . 
C 3 HOH 110 610 610 HOH WAT A . 
C 3 HOH 111 611 611 HOH WAT A . 
C 3 HOH 112 612 612 HOH WAT A . 
C 3 HOH 113 613 613 HOH WAT A . 
C 3 HOH 114 614 614 HOH WAT A . 
C 3 HOH 115 615 615 HOH WAT A . 
C 3 HOH 116 616 616 HOH WAT A . 
C 3 HOH 117 617 617 HOH WAT A . 
C 3 HOH 118 618 618 HOH WAT A . 
C 3 HOH 119 619 619 HOH WAT A . 
C 3 HOH 120 620 620 HOH WAT A . 
C 3 HOH 121 621 621 HOH WAT A . 
C 3 HOH 122 622 622 HOH WAT A . 
C 3 HOH 123 623 623 HOH WAT A . 
C 3 HOH 124 624 624 HOH WAT A . 
C 3 HOH 125 625 625 HOH WAT A . 
C 3 HOH 126 626 626 HOH WAT A . 
C 3 HOH 127 627 627 HOH WAT A . 
C 3 HOH 128 628 628 HOH WAT A . 
C 3 HOH 129 629 629 HOH WAT A . 
C 3 HOH 130 630 630 HOH WAT A . 
C 3 HOH 131 631 631 HOH WAT A . 
C 3 HOH 132 632 632 HOH WAT A . 
C 3 HOH 133 633 633 HOH WAT A . 
C 3 HOH 134 634 634 HOH WAT A . 
C 3 HOH 135 635 635 HOH WAT A . 
C 3 HOH 136 636 636 HOH WAT A . 
C 3 HOH 137 637 637 HOH WAT A . 
C 3 HOH 138 638 638 HOH WAT A . 
C 3 HOH 139 639 639 HOH WAT A . 
C 3 HOH 140 640 640 HOH WAT A . 
C 3 HOH 141 641 641 HOH WAT A . 
C 3 HOH 142 642 642 HOH WAT A . 
C 3 HOH 143 643 643 HOH WAT A . 
C 3 HOH 144 644 644 HOH WAT A . 
C 3 HOH 145 645 645 HOH WAT A . 
C 3 HOH 146 646 646 HOH WAT A . 
C 3 HOH 147 647 647 HOH WAT A . 
C 3 HOH 148 648 648 HOH WAT A . 
C 3 HOH 149 649 649 HOH WAT A . 
C 3 HOH 150 650 650 HOH WAT A . 
C 3 HOH 151 651 651 HOH WAT A . 
C 3 HOH 152 652 652 HOH WAT A . 
C 3 HOH 153 653 653 HOH WAT A . 
C 3 HOH 154 654 654 HOH WAT A . 
C 3 HOH 155 655 655 HOH WAT A . 
C 3 HOH 156 656 656 HOH WAT A . 
C 3 HOH 157 657 657 HOH WAT A . 
C 3 HOH 158 658 658 HOH WAT A . 
C 3 HOH 159 659 659 HOH WAT A . 
C 3 HOH 160 660 660 HOH WAT A . 
C 3 HOH 161 661 661 HOH WAT A . 
C 3 HOH 162 662 662 HOH WAT A . 
C 3 HOH 163 663 663 HOH WAT A . 
C 3 HOH 164 664 664 HOH WAT A . 
# 
loop_
_pdbx_unobs_or_zero_occ_atoms.id 
_pdbx_unobs_or_zero_occ_atoms.PDB_model_num 
_pdbx_unobs_or_zero_occ_atoms.polymer_flag 
_pdbx_unobs_or_zero_occ_atoms.occupancy_flag 
_pdbx_unobs_or_zero_occ_atoms.auth_asym_id 
_pdbx_unobs_or_zero_occ_atoms.auth_comp_id 
_pdbx_unobs_or_zero_occ_atoms.auth_seq_id 
_pdbx_unobs_or_zero_occ_atoms.PDB_ins_code 
_pdbx_unobs_or_zero_occ_atoms.auth_atom_id 
_pdbx_unobs_or_zero_occ_atoms.label_alt_id 
_pdbx_unobs_or_zero_occ_atoms.label_asym_id 
_pdbx_unobs_or_zero_occ_atoms.label_comp_id 
_pdbx_unobs_or_zero_occ_atoms.label_seq_id 
_pdbx_unobs_or_zero_occ_atoms.label_atom_id 
1  1 Y 1 A ARG 8   ? CG  ? A ARG 8   CG  
2  1 Y 1 A ARG 8   ? CD  ? A ARG 8   CD  
3  1 Y 1 A ARG 8   ? NE  ? A ARG 8   NE  
4  1 Y 1 A ARG 8   ? CZ  ? A ARG 8   CZ  
5  1 Y 1 A ARG 8   ? NH1 ? A ARG 8   NH1 
6  1 Y 1 A ARG 8   ? NH2 ? A ARG 8   NH2 
7  1 Y 1 A ARG 9   ? CG  ? A ARG 9   CG  
8  1 Y 1 A ARG 9   ? CD  ? A ARG 9   CD  
9  1 Y 1 A ARG 9   ? NE  ? A ARG 9   NE  
10 1 Y 1 A ARG 9   ? CZ  ? A ARG 9   CZ  
11 1 Y 1 A ARG 9   ? NH1 ? A ARG 9   NH1 
12 1 Y 1 A ARG 9   ? NH2 ? A ARG 9   NH2 
13 1 Y 1 A GLU 21  ? CG  ? A GLU 21  CG  
14 1 Y 1 A GLU 21  ? CD  ? A GLU 21  CD  
15 1 Y 1 A GLU 21  ? OE1 ? A GLU 21  OE1 
16 1 Y 1 A GLU 21  ? OE2 ? A GLU 21  OE2 
17 1 Y 1 A GLN 104 ? CG  ? A GLN 104 CG  
18 1 Y 1 A GLN 104 ? CD  ? A GLN 104 CD  
19 1 Y 1 A GLN 104 ? OE1 ? A GLN 104 OE1 
20 1 Y 1 A GLN 104 ? NE2 ? A GLN 104 NE2 
21 1 Y 1 A GLN 108 ? CG  ? A GLN 108 CG  
22 1 Y 1 A GLN 108 ? CD  ? A GLN 108 CD  
23 1 Y 1 A GLN 108 ? OE1 ? A GLN 108 OE1 
24 1 Y 1 A GLN 108 ? NE2 ? A GLN 108 NE2 
# 
loop_
_software.name 
_software.classification 
_software.version 
_software.citation_id 
_software.pdbx_ordinal 
DENZO     'data reduction' .   ? 1 
SCALEPACK 'data scaling'   .   ? 2 
SOLVE     phasing          .   ? 3 
CNS       refinement       1.0 ? 4 
# 
_cell.entry_id           1N1F 
_cell.length_a           30.657 
_cell.length_b           52.974 
_cell.length_c           93.474 
_cell.angle_alpha        90.00 
_cell.angle_beta         90.00 
_cell.angle_gamma        90.00 
_cell.Z_PDB              4 
_cell.pdbx_unique_axis   ? 
# 
_symmetry.entry_id                         1N1F 
_symmetry.space_group_name_H-M             'P 21 21 21' 
_symmetry.pdbx_full_space_group_name_H-M   ? 
_symmetry.cell_setting                     ? 
_symmetry.Int_Tables_number                19 
# 
_exptl.entry_id          1N1F 
_exptl.method            'X-RAY DIFFRACTION' 
_exptl.crystals_number   1 
# 
_exptl_crystal.id                    1 
_exptl_crystal.density_meas          ? 
_exptl_crystal.density_Matthews      2.06 
_exptl_crystal.density_percent_sol   40.39 
_exptl_crystal.description           ? 
# 
_exptl_crystal_grow.crystal_id      1 
_exptl_crystal_grow.method          'VAPOR DIFFUSION, HANGING DROP' 
_exptl_crystal_grow.temp            273 
_exptl_crystal_grow.temp_details    ? 
_exptl_crystal_grow.pH              6.9 
_exptl_crystal_grow.pdbx_details    
'1.9M Ammonium sulfate, 2% PEG400, 100mM HEPES, pH 6.9, VAPOR DIFFUSION, HANGING DROP, temperature 273K' 
_exptl_crystal_grow.pdbx_pH_range   ? 
# 
_diffrn.id                     1 
_diffrn.ambient_temp           100 
_diffrn.ambient_temp_details   ? 
_diffrn.crystal_id             1 
# 
_diffrn_detector.diffrn_id              1 
_diffrn_detector.detector               'IMAGE PLATE' 
_diffrn_detector.type                   MARRESEARCH 
_diffrn_detector.pdbx_collection_date   2002-03-22 
_diffrn_detector.details                'OSMIC mirrors' 
# 
_diffrn_radiation.diffrn_id                        1 
_diffrn_radiation.wavelength_id                    1 
_diffrn_radiation.pdbx_monochromatic_or_laue_m_l   M 
_diffrn_radiation.monochromator                    ? 
_diffrn_radiation.pdbx_diffrn_protocol             'SINGLE WAVELENGTH' 
_diffrn_radiation.pdbx_scattering_type             x-ray 
# 
_diffrn_radiation_wavelength.id           1 
_diffrn_radiation_wavelength.wavelength   . 
_diffrn_radiation_wavelength.wt           1.0 
# 
_diffrn_source.diffrn_id                   1 
_diffrn_source.source                      'ROTATING ANODE' 
_diffrn_source.type                        'RIGAKU RU200' 
_diffrn_source.pdbx_synchrotron_site       ? 
_diffrn_source.pdbx_synchrotron_beamline   ? 
_diffrn_source.pdbx_wavelength             ? 
_diffrn_source.pdbx_wavelength_list        ? 
# 
_reflns.entry_id                     1N1F 
_reflns.observed_criterion_sigma_I   -3 
_reflns.observed_criterion_sigma_F   0.0 
_reflns.d_resolution_low             45 
_reflns.d_resolution_high            1.95 
_reflns.number_obs                   10404 
_reflns.number_all                   11673 
_reflns.percent_possible_obs         87.9 
_reflns.pdbx_Rmerge_I_obs            0.065 
_reflns.pdbx_Rsym_value              ? 
_reflns.pdbx_netI_over_sigmaI        15.8 
_reflns.B_iso_Wilson_estimate        21.7 
_reflns.pdbx_redundancy              ? 
_reflns.R_free_details               ? 
_reflns.limit_h_max                  ? 
_reflns.limit_h_min                  ? 
_reflns.limit_k_max                  ? 
_reflns.limit_k_min                  ? 
_reflns.limit_l_max                  ? 
_reflns.limit_l_min                  ? 
_reflns.observed_criterion_F_max     ? 
_reflns.observed_criterion_F_min     ? 
_reflns.pdbx_ordinal                 1 
_reflns.pdbx_diffrn_id               1 
# 
_reflns_shell.d_res_high             1.95 
_reflns_shell.d_res_low              2.02 
_reflns_shell.percent_possible_all   62.3 
_reflns_shell.Rmerge_I_obs           0.268 
_reflns_shell.pdbx_Rsym_value        ? 
_reflns_shell.meanI_over_sigI_obs    2.6 
_reflns_shell.pdbx_redundancy        ? 
_reflns_shell.percent_possible_obs   ? 
_reflns_shell.number_unique_all      ? 
_reflns_shell.pdbx_ordinal           1 
_reflns_shell.pdbx_diffrn_id         1 
# 
_refine.entry_id                                 1N1F 
_refine.ls_number_reflns_obs                     10259 
_refine.ls_number_reflns_all                     11673 
_refine.pdbx_ls_sigma_I                          0 
_refine.pdbx_ls_sigma_F                          0 
_refine.pdbx_data_cutoff_high_absF               ? 
_refine.pdbx_data_cutoff_low_absF                ? 
_refine.ls_d_res_low                             45.00 
_refine.ls_d_res_high                            1.95 
_refine.ls_percent_reflns_obs                    87.8 
_refine.ls_R_factor_obs                          0.156 
_refine.ls_R_factor_all                          0.165 
_refine.ls_R_factor_R_work                       0.156 
_refine.ls_R_factor_R_free                       0.243 
_refine.ls_R_factor_R_free_error                 0.007 
_refine.ls_R_factor_R_free_error_details         ? 
_refine.ls_percent_reflns_R_free                 10.3 
_refine.ls_number_reflns_R_free                  1055 
_refine.ls_number_parameters                     ? 
_refine.ls_number_restraints                     ? 
_refine.occupancy_min                            ? 
_refine.occupancy_max                            ? 
_refine.correlation_coeff_Fo_to_Fc               ? 
_refine.correlation_coeff_Fo_to_Fc_free          ? 
_refine.B_iso_mean                               40.0 
_refine.aniso_B[1][1]                            -7.10 
_refine.aniso_B[2][2]                            6.54 
_refine.aniso_B[3][3]                            0.56 
_refine.aniso_B[1][2]                            0.00 
_refine.aniso_B[1][3]                            0.00 
_refine.aniso_B[2][3]                            0.00 
_refine.solvent_model_details                    'FLAT MODEL' 
_refine.solvent_model_param_ksol                 0.378043 
_refine.solvent_model_param_bsol                 85.1553 
_refine.pdbx_solvent_vdw_probe_radii             ? 
_refine.pdbx_solvent_ion_probe_radii             ? 
_refine.pdbx_solvent_shrinkage_radii             ? 
_refine.pdbx_ls_cross_valid_method               THROUGHOUT 
_refine.details                                  ? 
_refine.pdbx_starting_model                      ? 
_refine.pdbx_method_to_determine_struct          MIR 
_refine.pdbx_isotropic_thermal_model             RESTRAINED 
_refine.pdbx_stereochemistry_target_values       'Engh & Huber' 
_refine.pdbx_stereochem_target_val_spec_case     ? 
_refine.pdbx_R_Free_selection_details            RANDOM 
_refine.pdbx_overall_ESU_R_Free                  ? 
_refine.overall_SU_B                             ? 
_refine.ls_redundancy_reflns_obs                 ? 
_refine.B_iso_min                                ? 
_refine.B_iso_max                                ? 
_refine.overall_SU_R_Cruickshank_DPI             ? 
_refine.overall_SU_R_free                        ? 
_refine.overall_SU_ML                            ? 
_refine.pdbx_overall_ESU_R                       ? 
_refine.pdbx_data_cutoff_high_rms_absF           ? 
_refine.pdbx_refine_id                           'X-RAY DIFFRACTION' 
_refine.pdbx_diffrn_id                           1 
_refine.pdbx_TLS_residual_ADP_flag               ? 
_refine.pdbx_overall_phase_error                 ? 
_refine.pdbx_overall_SU_R_free_Cruickshank_DPI   ? 
_refine.pdbx_overall_SU_R_Blow_DPI               ? 
_refine.pdbx_overall_SU_R_free_Blow_DPI          ? 
# 
_refine_analyze.entry_id                        1N1F 
_refine_analyze.Luzzati_coordinate_error_obs    0.17 
_refine_analyze.Luzzati_sigma_a_obs             0.22 
_refine_analyze.Luzzati_d_res_low_obs           5 
_refine_analyze.Luzzati_coordinate_error_free   0.27 
_refine_analyze.Luzzati_sigma_a_free            0.31 
_refine_analyze.Luzzati_d_res_low_free          ? 
_refine_analyze.number_disordered_residues      ? 
_refine_analyze.occupancy_sum_hydrogen          ? 
_refine_analyze.occupancy_sum_non_hydrogen      ? 
_refine_analyze.pdbx_Luzzati_d_res_high_obs     ? 
_refine_analyze.pdbx_refine_id                  'X-RAY DIFFRACTION' 
# 
_refine_hist.pdbx_refine_id                   'X-RAY DIFFRACTION' 
_refine_hist.cycle_id                         LAST 
_refine_hist.pdbx_number_atoms_protein        1213 
_refine_hist.pdbx_number_atoms_nucleic_acid   0 
_refine_hist.pdbx_number_atoms_ligand         14 
_refine_hist.number_atoms_solvent             164 
_refine_hist.number_atoms_total               1391 
_refine_hist.d_res_high                       1.95 
_refine_hist.d_res_low                        45.00 
# 
loop_
_refine_ls_restr.type 
_refine_ls_restr.dev_ideal 
_refine_ls_restr.dev_ideal_target 
_refine_ls_restr.weight 
_refine_ls_restr.number 
_refine_ls_restr.pdbx_refine_id 
_refine_ls_restr.pdbx_restraint_function 
c_bond_d                0.019 ?    ? ? 'X-RAY DIFFRACTION' ? 
c_bond_d_na             ?     ?    ? ? 'X-RAY DIFFRACTION' ? 
c_bond_d_prot           ?     ?    ? ? 'X-RAY DIFFRACTION' ? 
c_angle_d               ?     ?    ? ? 'X-RAY DIFFRACTION' ? 
c_angle_d_na            ?     ?    ? ? 'X-RAY DIFFRACTION' ? 
c_angle_d_prot          ?     ?    ? ? 'X-RAY DIFFRACTION' ? 
c_angle_deg             1.9   ?    ? ? 'X-RAY DIFFRACTION' ? 
c_angle_deg_na          ?     ?    ? ? 'X-RAY DIFFRACTION' ? 
c_angle_deg_prot        ?     ?    ? ? 'X-RAY DIFFRACTION' ? 
c_dihedral_angle_d      21.8  ?    ? ? 'X-RAY DIFFRACTION' ? 
c_dihedral_angle_d_na   ?     ?    ? ? 'X-RAY DIFFRACTION' ? 
c_dihedral_angle_d_prot ?     ?    ? ? 'X-RAY DIFFRACTION' ? 
c_improper_angle_d      1.05  ?    ? ? 'X-RAY DIFFRACTION' ? 
c_improper_angle_d_na   ?     ?    ? ? 'X-RAY DIFFRACTION' ? 
c_improper_angle_d_prot ?     ?    ? ? 'X-RAY DIFFRACTION' ? 
c_mcbond_it             5.79  1.50 ? ? 'X-RAY DIFFRACTION' ? 
c_mcangle_it            6.32  2.00 ? ? 'X-RAY DIFFRACTION' ? 
c_scbond_it             7.76  2.00 ? ? 'X-RAY DIFFRACTION' ? 
c_scangle_it            9.54  2.50 ? ? 'X-RAY DIFFRACTION' ? 
# 
_refine_ls_shell.pdbx_total_number_of_bins_used   6 
_refine_ls_shell.d_res_high                       1.95 
_refine_ls_shell.d_res_low                        2.07 
_refine_ls_shell.number_reflns_R_work             1196 
_refine_ls_shell.R_factor_R_work                  0.254 
_refine_ls_shell.percent_reflns_obs               69.9 
_refine_ls_shell.R_factor_R_free                  0.352 
_refine_ls_shell.R_factor_R_free_error            0.032 
_refine_ls_shell.percent_reflns_R_free            9.4 
_refine_ls_shell.number_reflns_R_free             124 
_refine_ls_shell.number_reflns_obs                ? 
_refine_ls_shell.redundancy_reflns_obs            ? 
_refine_ls_shell.number_reflns_all                ? 
_refine_ls_shell.pdbx_refine_id                   'X-RAY DIFFRACTION' 
_refine_ls_shell.R_factor_all                     ? 
# 
loop_
_pdbx_xplor_file.serial_no 
_pdbx_xplor_file.param_file 
_pdbx_xplor_file.topol_file 
_pdbx_xplor_file.pdbx_refine_id 
1 PROTEIN_REP.PARAM  PROTEIN.TOP      'X-RAY DIFFRACTION' 
2 WATER_REP.PARAM    WATER.TOP        'X-RAY DIFFRACTION' 
3 CARBOHYDRATE.PARAM CARBOHYDRATE.TOP 'X-RAY DIFFRACTION' 
# 
_struct.entry_id                  1N1F 
_struct.title                     'Crystal Structure of Human Interleukin-19' 
_struct.pdbx_model_details        ? 
_struct.pdbx_CASP_flag            ? 
_struct.pdbx_model_type_details   ? 
# 
_struct_keywords.entry_id        1N1F 
_struct_keywords.pdbx_keywords   'IMMUNE SYSTEM' 
_struct_keywords.text            'cytokine, interleukin, four helix bundle, immune system' 
# 
loop_
_struct_asym.id 
_struct_asym.pdbx_blank_PDB_chainid_flag 
_struct_asym.pdbx_modified 
_struct_asym.entity_id 
_struct_asym.details 
A N N 1 ? 
B N N 2 ? 
C N N 3 ? 
# 
_struct_ref.id                         1 
_struct_ref.db_name                    UNP 
_struct_ref.db_code                    IL19_HUMAN 
_struct_ref.entity_id                  1 
_struct_ref.pdbx_seq_one_letter_code   
;SVDNHGLRRCLISTDMHHIEESFQEIKRAIQAKDTFPNVTILSTLETLQIIKPLDVCCVTKNLLAFYVDRVFKDHQEPNP
KILRKISSIANSFLYMQKTLRQCQEQRQCHCRQEATNATRVIHDNYDQLEVHAAAIKSLGELDVFLAWINKNHEVMSSA
;
_struct_ref.pdbx_align_begin           19 
_struct_ref.pdbx_db_accession          Q9UHD0 
_struct_ref.pdbx_db_isoform            ? 
# 
_struct_ref_seq.align_id                      1 
_struct_ref_seq.ref_id                        1 
_struct_ref_seq.pdbx_PDB_id_code              1N1F 
_struct_ref_seq.pdbx_strand_id                A 
_struct_ref_seq.seq_align_beg                 1 
_struct_ref_seq.pdbx_seq_align_beg_ins_code   ? 
_struct_ref_seq.seq_align_end                 159 
_struct_ref_seq.pdbx_seq_align_end_ins_code   ? 
_struct_ref_seq.pdbx_db_accession             Q9UHD0 
_struct_ref_seq.db_align_beg                  19 
_struct_ref_seq.pdbx_db_align_beg_ins_code    ? 
_struct_ref_seq.db_align_end                  177 
_struct_ref_seq.pdbx_db_align_end_ins_code    ? 
_struct_ref_seq.pdbx_auth_seq_align_beg       1 
_struct_ref_seq.pdbx_auth_seq_align_end       159 
# 
_pdbx_struct_assembly.id                   1 
_pdbx_struct_assembly.details              author_defined_assembly 
_pdbx_struct_assembly.method_details       ? 
_pdbx_struct_assembly.oligomeric_details   monomeric 
_pdbx_struct_assembly.oligomeric_count     1 
# 
_pdbx_struct_assembly_gen.assembly_id       1 
_pdbx_struct_assembly_gen.oper_expression   1 
_pdbx_struct_assembly_gen.asym_id_list      A,B,C 
# 
_pdbx_struct_oper_list.id                   1 
_pdbx_struct_oper_list.type                 'identity operation' 
_pdbx_struct_oper_list.name                 1_555 
_pdbx_struct_oper_list.symmetry_operation   x,y,z 
_pdbx_struct_oper_list.matrix[1][1]         1.0000000000 
_pdbx_struct_oper_list.matrix[1][2]         0.0000000000 
_pdbx_struct_oper_list.matrix[1][3]         0.0000000000 
_pdbx_struct_oper_list.vector[1]            0.0000000000 
_pdbx_struct_oper_list.matrix[2][1]         0.0000000000 
_pdbx_struct_oper_list.matrix[2][2]         1.0000000000 
_pdbx_struct_oper_list.matrix[2][3]         0.0000000000 
_pdbx_struct_oper_list.vector[2]            0.0000000000 
_pdbx_struct_oper_list.matrix[3][1]         0.0000000000 
_pdbx_struct_oper_list.matrix[3][2]         0.0000000000 
_pdbx_struct_oper_list.matrix[3][3]         1.0000000000 
_pdbx_struct_oper_list.vector[3]            0.0000000000 
# 
_struct_biol.id                    1 
_struct_biol.pdbx_parent_biol_id   ? 
_struct_biol.details               ? 
# 
loop_
_struct_conf.conf_type_id 
_struct_conf.id 
_struct_conf.pdbx_PDB_helix_id 
_struct_conf.beg_label_comp_id 
_struct_conf.beg_label_asym_id 
_struct_conf.beg_label_seq_id 
_struct_conf.pdbx_beg_PDB_ins_code 
_struct_conf.end_label_comp_id 
_struct_conf.end_label_asym_id 
_struct_conf.end_label_seq_id 
_struct_conf.pdbx_end_PDB_ins_code 
_struct_conf.beg_auth_comp_id 
_struct_conf.beg_auth_asym_id 
_struct_conf.beg_auth_seq_id 
_struct_conf.end_auth_comp_id 
_struct_conf.end_auth_asym_id 
_struct_conf.end_auth_seq_id 
_struct_conf.pdbx_PDB_helix_class 
_struct_conf.details 
_struct_conf.pdbx_PDB_helix_length 
HELX_P HELX_P1 1 ASN A 4   ? ARG A 9   ? ASN A 4   ARG A 9   5 ? 6  
HELX_P HELX_P2 2 ASP A 15  ? ALA A 32  ? ASP A 15  ALA A 32  1 ? 18 
HELX_P HELX_P3 3 LEU A 42  ? THR A 47  ? LEU A 42  THR A 47  5 ? 6  
HELX_P HELX_P4 4 LYS A 52  ? ARG A 70  ? LYS A 52  ARG A 70  1 ? 19 
HELX_P HELX_P5 5 ARG A 70  ? HIS A 75  ? ARG A 70  HIS A 75  1 ? 6  
HELX_P HELX_P6 6 ASN A 79  ? GLN A 104 ? ASN A 79  GLN A 104 1 ? 26 
HELX_P HELX_P7 7 ARG A 112 ? LEU A 129 ? ARG A 112 LEU A 129 1 ? 18 
HELX_P HELX_P8 8 GLU A 130 ? GLU A 141 ? GLU A 130 GLU A 141 1 ? 12 
HELX_P HELX_P9 9 GLU A 141 ? HIS A 153 ? GLU A 141 HIS A 153 1 ? 13 
# 
_struct_conf_type.id          HELX_P 
_struct_conf_type.criteria    ? 
_struct_conf_type.reference   ? 
# 
loop_
_struct_conn.id 
_struct_conn.conn_type_id 
_struct_conn.pdbx_leaving_atom_flag 
_struct_conn.pdbx_PDB_id 
_struct_conn.ptnr1_label_asym_id 
_struct_conn.ptnr1_label_comp_id 
_struct_conn.ptnr1_label_seq_id 
_struct_conn.ptnr1_label_atom_id 
_struct_conn.pdbx_ptnr1_label_alt_id 
_struct_conn.pdbx_ptnr1_PDB_ins_code 
_struct_conn.pdbx_ptnr1_standard_comp_id 
_struct_conn.ptnr1_symmetry 
_struct_conn.ptnr2_label_asym_id 
_struct_conn.ptnr2_label_comp_id 
_struct_conn.ptnr2_label_seq_id 
_struct_conn.ptnr2_label_atom_id 
_struct_conn.pdbx_ptnr2_label_alt_id 
_struct_conn.pdbx_ptnr2_PDB_ins_code 
_struct_conn.ptnr1_auth_asym_id 
_struct_conn.ptnr1_auth_comp_id 
_struct_conn.ptnr1_auth_seq_id 
_struct_conn.ptnr2_auth_asym_id 
_struct_conn.ptnr2_auth_comp_id 
_struct_conn.ptnr2_auth_seq_id 
_struct_conn.ptnr2_symmetry 
_struct_conn.pdbx_ptnr3_label_atom_id 
_struct_conn.pdbx_ptnr3_label_seq_id 
_struct_conn.pdbx_ptnr3_label_comp_id 
_struct_conn.pdbx_ptnr3_label_asym_id 
_struct_conn.pdbx_ptnr3_label_alt_id 
_struct_conn.pdbx_ptnr3_PDB_ins_code 
_struct_conn.details 
_struct_conn.pdbx_dist_value 
_struct_conn.pdbx_value_order 
_struct_conn.pdbx_role 
disulf1 disulf ?   ? A CYS 10 SG  ? ? ? 1_555 A CYS 103 SG ? ? A CYS 10 A CYS 103 1_555 ? ? ? ? ? ? ? 2.024 ? ?               
disulf2 disulf ?   ? A CYS 57 SG  ? ? ? 1_555 A CYS 109 SG ? ? A CYS 57 A CYS 109 1_555 ? ? ? ? ? ? ? 2.022 ? ?               
disulf3 disulf ?   ? A CYS 58 SG  ? ? ? 1_555 A CYS 111 SG ? ? A CYS 58 A CYS 111 1_555 ? ? ? ? ? ? ? 2.015 ? ?               
covale1 covale one ? A ASN 38 ND2 ? ? ? 1_555 B NAG .   C1 ? ? A ASN 38 A NAG 300 1_555 ? ? ? ? ? ? ? 1.455 ? N-Glycosylation 
# 
loop_
_struct_conn_type.id 
_struct_conn_type.criteria 
_struct_conn_type.reference 
disulf ? ? 
covale ? ? 
# 
loop_
_pdbx_modification_feature.ordinal 
_pdbx_modification_feature.label_comp_id 
_pdbx_modification_feature.label_asym_id 
_pdbx_modification_feature.label_seq_id 
_pdbx_modification_feature.label_alt_id 
_pdbx_modification_feature.modified_residue_label_comp_id 
_pdbx_modification_feature.modified_residue_label_asym_id 
_pdbx_modification_feature.modified_residue_label_seq_id 
_pdbx_modification_feature.modified_residue_label_alt_id 
_pdbx_modification_feature.auth_comp_id 
_pdbx_modification_feature.auth_asym_id 
_pdbx_modification_feature.auth_seq_id 
_pdbx_modification_feature.PDB_ins_code 
_pdbx_modification_feature.symmetry 
_pdbx_modification_feature.modified_residue_auth_comp_id 
_pdbx_modification_feature.modified_residue_auth_asym_id 
_pdbx_modification_feature.modified_residue_auth_seq_id 
_pdbx_modification_feature.modified_residue_PDB_ins_code 
_pdbx_modification_feature.modified_residue_symmetry 
_pdbx_modification_feature.comp_id_linking_atom 
_pdbx_modification_feature.modified_residue_id_linking_atom 
_pdbx_modification_feature.modified_residue_id 
_pdbx_modification_feature.ref_pcm_id 
_pdbx_modification_feature.ref_comp_id 
_pdbx_modification_feature.type 
_pdbx_modification_feature.category 
1 NAG B .  ? ASN A 38  ? NAG A 300 ? 1_555 ASN A 38  ? 1_555 C1 ND2 ASN 1 NAG N-Glycosylation Carbohydrate       
2 CYS A 10 ? CYS A 103 ? CYS A 10  ? 1_555 CYS A 103 ? 1_555 SG SG  .   . .   None            'Disulfide bridge' 
3 CYS A 57 ? CYS A 109 ? CYS A 57  ? 1_555 CYS A 109 ? 1_555 SG SG  .   . .   None            'Disulfide bridge' 
4 CYS A 58 ? CYS A 111 ? CYS A 58  ? 1_555 CYS A 111 ? 1_555 SG SG  .   . .   None            'Disulfide bridge' 
# 
_pdbx_entry_details.entry_id                   1N1F 
_pdbx_entry_details.compound_details           ? 
_pdbx_entry_details.source_details             ? 
_pdbx_entry_details.nonpolymer_details         ? 
_pdbx_entry_details.sequence_details           ? 
_pdbx_entry_details.has_ligand_of_interest     ? 
_pdbx_entry_details.has_protein_modification   Y 
# 
loop_
_pdbx_validate_torsion.id 
_pdbx_validate_torsion.PDB_model_num 
_pdbx_validate_torsion.auth_comp_id 
_pdbx_validate_torsion.auth_asym_id 
_pdbx_validate_torsion.auth_seq_id 
_pdbx_validate_torsion.PDB_ins_code 
_pdbx_validate_torsion.label_alt_id 
_pdbx_validate_torsion.phi 
_pdbx_validate_torsion.psi 
1 1 LEU A 7   ? ? -57.28 -5.87   
2 1 LEU A 42  ? ? -79.83 43.07   
3 1 CYS A 103 ? ? -65.75 -104.05 
# 
_pdbx_struct_mod_residue.id               1 
_pdbx_struct_mod_residue.label_asym_id    A 
_pdbx_struct_mod_residue.label_comp_id    ASN 
_pdbx_struct_mod_residue.label_seq_id     38 
_pdbx_struct_mod_residue.auth_asym_id     A 
_pdbx_struct_mod_residue.auth_comp_id     ASN 
_pdbx_struct_mod_residue.auth_seq_id      38 
_pdbx_struct_mod_residue.PDB_ins_code     ? 
_pdbx_struct_mod_residue.parent_comp_id   ASN 
_pdbx_struct_mod_residue.details          'GLYCOSYLATION SITE' 
# 
loop_
_pdbx_unobs_or_zero_occ_residues.id 
_pdbx_unobs_or_zero_occ_residues.PDB_model_num 
_pdbx_unobs_or_zero_occ_residues.polymer_flag 
_pdbx_unobs_or_zero_occ_residues.occupancy_flag 
_pdbx_unobs_or_zero_occ_residues.auth_asym_id 
_pdbx_unobs_or_zero_occ_residues.auth_comp_id 
_pdbx_unobs_or_zero_occ_residues.auth_seq_id 
_pdbx_unobs_or_zero_occ_residues.PDB_ins_code 
_pdbx_unobs_or_zero_occ_residues.label_asym_id 
_pdbx_unobs_or_zero_occ_residues.label_comp_id 
_pdbx_unobs_or_zero_occ_residues.label_seq_id 
1 1 Y 1 A SER 1   ? A SER 1   
2 1 Y 1 A VAL 2   ? A VAL 2   
3 1 Y 1 A ASP 3   ? A ASP 3   
4 1 Y 1 A GLU 105 ? A GLU 105 
5 1 Y 1 A GLN 106 ? A GLN 106 
6 1 Y 1 A ARG 107 ? A ARG 107 
# 
loop_
_chem_comp_atom.comp_id 
_chem_comp_atom.atom_id 
_chem_comp_atom.type_symbol 
_chem_comp_atom.pdbx_aromatic_flag 
_chem_comp_atom.pdbx_stereo_config 
_chem_comp_atom.pdbx_ordinal 
ALA N    N N N 1   
ALA CA   C N S 2   
ALA C    C N N 3   
ALA O    O N N 4   
ALA CB   C N N 5   
ALA OXT  O N N 6   
ALA H    H N N 7   
ALA H2   H N N 8   
ALA HA   H N N 9   
ALA HB1  H N N 10  
ALA HB2  H N N 11  
ALA HB3  H N N 12  
ALA HXT  H N N 13  
ARG N    N N N 14  
ARG CA   C N S 15  
ARG C    C N N 16  
ARG O    O N N 17  
ARG CB   C N N 18  
ARG CG   C N N 19  
ARG CD   C N N 20  
ARG NE   N N N 21  
ARG CZ   C N N 22  
ARG NH1  N N N 23  
ARG NH2  N N N 24  
ARG OXT  O N N 25  
ARG H    H N N 26  
ARG H2   H N N 27  
ARG HA   H N N 28  
ARG HB2  H N N 29  
ARG HB3  H N N 30  
ARG HG2  H N N 31  
ARG HG3  H N N 32  
ARG HD2  H N N 33  
ARG HD3  H N N 34  
ARG HE   H N N 35  
ARG HH11 H N N 36  
ARG HH12 H N N 37  
ARG HH21 H N N 38  
ARG HH22 H N N 39  
ARG HXT  H N N 40  
ASN N    N N N 41  
ASN CA   C N S 42  
ASN C    C N N 43  
ASN O    O N N 44  
ASN CB   C N N 45  
ASN CG   C N N 46  
ASN OD1  O N N 47  
ASN ND2  N N N 48  
ASN OXT  O N N 49  
ASN H    H N N 50  
ASN H2   H N N 51  
ASN HA   H N N 52  
ASN HB2  H N N 53  
ASN HB3  H N N 54  
ASN HD21 H N N 55  
ASN HD22 H N N 56  
ASN HXT  H N N 57  
ASP N    N N N 58  
ASP CA   C N S 59  
ASP C    C N N 60  
ASP O    O N N 61  
ASP CB   C N N 62  
ASP CG   C N N 63  
ASP OD1  O N N 64  
ASP OD2  O N N 65  
ASP OXT  O N N 66  
ASP H    H N N 67  
ASP H2   H N N 68  
ASP HA   H N N 69  
ASP HB2  H N N 70  
ASP HB3  H N N 71  
ASP HD2  H N N 72  
ASP HXT  H N N 73  
CYS N    N N N 74  
CYS CA   C N R 75  
CYS C    C N N 76  
CYS O    O N N 77  
CYS CB   C N N 78  
CYS SG   S N N 79  
CYS OXT  O N N 80  
CYS H    H N N 81  
CYS H2   H N N 82  
CYS HA   H N N 83  
CYS HB2  H N N 84  
CYS HB3  H N N 85  
CYS HG   H N N 86  
CYS HXT  H N N 87  
GLN N    N N N 88  
GLN CA   C N S 89  
GLN C    C N N 90  
GLN O    O N N 91  
GLN CB   C N N 92  
GLN CG   C N N 93  
GLN CD   C N N 94  
GLN OE1  O N N 95  
GLN NE2  N N N 96  
GLN OXT  O N N 97  
GLN H    H N N 98  
GLN H2   H N N 99  
GLN HA   H N N 100 
GLN HB2  H N N 101 
GLN HB3  H N N 102 
GLN HG2  H N N 103 
GLN HG3  H N N 104 
GLN HE21 H N N 105 
GLN HE22 H N N 106 
GLN HXT  H N N 107 
GLU N    N N N 108 
GLU CA   C N S 109 
GLU C    C N N 110 
GLU O    O N N 111 
GLU CB   C N N 112 
GLU CG   C N N 113 
GLU CD   C N N 114 
GLU OE1  O N N 115 
GLU OE2  O N N 116 
GLU OXT  O N N 117 
GLU H    H N N 118 
GLU H2   H N N 119 
GLU HA   H N N 120 
GLU HB2  H N N 121 
GLU HB3  H N N 122 
GLU HG2  H N N 123 
GLU HG3  H N N 124 
GLU HE2  H N N 125 
GLU HXT  H N N 126 
GLY N    N N N 127 
GLY CA   C N N 128 
GLY C    C N N 129 
GLY O    O N N 130 
GLY OXT  O N N 131 
GLY H    H N N 132 
GLY H2   H N N 133 
GLY HA2  H N N 134 
GLY HA3  H N N 135 
GLY HXT  H N N 136 
HIS N    N N N 137 
HIS CA   C N S 138 
HIS C    C N N 139 
HIS O    O N N 140 
HIS CB   C N N 141 
HIS CG   C Y N 142 
HIS ND1  N Y N 143 
HIS CD2  C Y N 144 
HIS CE1  C Y N 145 
HIS NE2  N Y N 146 
HIS OXT  O N N 147 
HIS H    H N N 148 
HIS H2   H N N 149 
HIS HA   H N N 150 
HIS HB2  H N N 151 
HIS HB3  H N N 152 
HIS HD1  H N N 153 
HIS HD2  H N N 154 
HIS HE1  H N N 155 
HIS HE2  H N N 156 
HIS HXT  H N N 157 
HOH O    O N N 158 
HOH H1   H N N 159 
HOH H2   H N N 160 
ILE N    N N N 161 
ILE CA   C N S 162 
ILE C    C N N 163 
ILE O    O N N 164 
ILE CB   C N S 165 
ILE CG1  C N N 166 
ILE CG2  C N N 167 
ILE CD1  C N N 168 
ILE OXT  O N N 169 
ILE H    H N N 170 
ILE H2   H N N 171 
ILE HA   H N N 172 
ILE HB   H N N 173 
ILE HG12 H N N 174 
ILE HG13 H N N 175 
ILE HG21 H N N 176 
ILE HG22 H N N 177 
ILE HG23 H N N 178 
ILE HD11 H N N 179 
ILE HD12 H N N 180 
ILE HD13 H N N 181 
ILE HXT  H N N 182 
LEU N    N N N 183 
LEU CA   C N S 184 
LEU C    C N N 185 
LEU O    O N N 186 
LEU CB   C N N 187 
LEU CG   C N N 188 
LEU CD1  C N N 189 
LEU CD2  C N N 190 
LEU OXT  O N N 191 
LEU H    H N N 192 
LEU H2   H N N 193 
LEU HA   H N N 194 
LEU HB2  H N N 195 
LEU HB3  H N N 196 
LEU HG   H N N 197 
LEU HD11 H N N 198 
LEU HD12 H N N 199 
LEU HD13 H N N 200 
LEU HD21 H N N 201 
LEU HD22 H N N 202 
LEU HD23 H N N 203 
LEU HXT  H N N 204 
LYS N    N N N 205 
LYS CA   C N S 206 
LYS C    C N N 207 
LYS O    O N N 208 
LYS CB   C N N 209 
LYS CG   C N N 210 
LYS CD   C N N 211 
LYS CE   C N N 212 
LYS NZ   N N N 213 
LYS OXT  O N N 214 
LYS H    H N N 215 
LYS H2   H N N 216 
LYS HA   H N N 217 
LYS HB2  H N N 218 
LYS HB3  H N N 219 
LYS HG2  H N N 220 
LYS HG3  H N N 221 
LYS HD2  H N N 222 
LYS HD3  H N N 223 
LYS HE2  H N N 224 
LYS HE3  H N N 225 
LYS HZ1  H N N 226 
LYS HZ2  H N N 227 
LYS HZ3  H N N 228 
LYS HXT  H N N 229 
MET N    N N N 230 
MET CA   C N S 231 
MET C    C N N 232 
MET O    O N N 233 
MET CB   C N N 234 
MET CG   C N N 235 
MET SD   S N N 236 
MET CE   C N N 237 
MET OXT  O N N 238 
MET H    H N N 239 
MET H2   H N N 240 
MET HA   H N N 241 
MET HB2  H N N 242 
MET HB3  H N N 243 
MET HG2  H N N 244 
MET HG3  H N N 245 
MET HE1  H N N 246 
MET HE2  H N N 247 
MET HE3  H N N 248 
MET HXT  H N N 249 
NAG C1   C N R 250 
NAG C2   C N R 251 
NAG C3   C N R 252 
NAG C4   C N S 253 
NAG C5   C N R 254 
NAG C6   C N N 255 
NAG C7   C N N 256 
NAG C8   C N N 257 
NAG N2   N N N 258 
NAG O1   O N N 259 
NAG O3   O N N 260 
NAG O4   O N N 261 
NAG O5   O N N 262 
NAG O6   O N N 263 
NAG O7   O N N 264 
NAG H1   H N N 265 
NAG H2   H N N 266 
NAG H3   H N N 267 
NAG H4   H N N 268 
NAG H5   H N N 269 
NAG H61  H N N 270 
NAG H62  H N N 271 
NAG H81  H N N 272 
NAG H82  H N N 273 
NAG H83  H N N 274 
NAG HN2  H N N 275 
NAG HO1  H N N 276 
NAG HO3  H N N 277 
NAG HO4  H N N 278 
NAG HO6  H N N 279 
PHE N    N N N 280 
PHE CA   C N S 281 
PHE C    C N N 282 
PHE O    O N N 283 
PHE CB   C N N 284 
PHE CG   C Y N 285 
PHE CD1  C Y N 286 
PHE CD2  C Y N 287 
PHE CE1  C Y N 288 
PHE CE2  C Y N 289 
PHE CZ   C Y N 290 
PHE OXT  O N N 291 
PHE H    H N N 292 
PHE H2   H N N 293 
PHE HA   H N N 294 
PHE HB2  H N N 295 
PHE HB3  H N N 296 
PHE HD1  H N N 297 
PHE HD2  H N N 298 
PHE HE1  H N N 299 
PHE HE2  H N N 300 
PHE HZ   H N N 301 
PHE HXT  H N N 302 
PRO N    N N N 303 
PRO CA   C N S 304 
PRO C    C N N 305 
PRO O    O N N 306 
PRO CB   C N N 307 
PRO CG   C N N 308 
PRO CD   C N N 309 
PRO OXT  O N N 310 
PRO H    H N N 311 
PRO HA   H N N 312 
PRO HB2  H N N 313 
PRO HB3  H N N 314 
PRO HG2  H N N 315 
PRO HG3  H N N 316 
PRO HD2  H N N 317 
PRO HD3  H N N 318 
PRO HXT  H N N 319 
SER N    N N N 320 
SER CA   C N S 321 
SER C    C N N 322 
SER O    O N N 323 
SER CB   C N N 324 
SER OG   O N N 325 
SER OXT  O N N 326 
SER H    H N N 327 
SER H2   H N N 328 
SER HA   H N N 329 
SER HB2  H N N 330 
SER HB3  H N N 331 
SER HG   H N N 332 
SER HXT  H N N 333 
THR N    N N N 334 
THR CA   C N S 335 
THR C    C N N 336 
THR O    O N N 337 
THR CB   C N R 338 
THR OG1  O N N 339 
THR CG2  C N N 340 
THR OXT  O N N 341 
THR H    H N N 342 
THR H2   H N N 343 
THR HA   H N N 344 
THR HB   H N N 345 
THR HG1  H N N 346 
THR HG21 H N N 347 
THR HG22 H N N 348 
THR HG23 H N N 349 
THR HXT  H N N 350 
TRP N    N N N 351 
TRP CA   C N S 352 
TRP C    C N N 353 
TRP O    O N N 354 
TRP CB   C N N 355 
TRP CG   C Y N 356 
TRP CD1  C Y N 357 
TRP CD2  C Y N 358 
TRP NE1  N Y N 359 
TRP CE2  C Y N 360 
TRP CE3  C Y N 361 
TRP CZ2  C Y N 362 
TRP CZ3  C Y N 363 
TRP CH2  C Y N 364 
TRP OXT  O N N 365 
TRP H    H N N 366 
TRP H2   H N N 367 
TRP HA   H N N 368 
TRP HB2  H N N 369 
TRP HB3  H N N 370 
TRP HD1  H N N 371 
TRP HE1  H N N 372 
TRP HE3  H N N 373 
TRP HZ2  H N N 374 
TRP HZ3  H N N 375 
TRP HH2  H N N 376 
TRP HXT  H N N 377 
TYR N    N N N 378 
TYR CA   C N S 379 
TYR C    C N N 380 
TYR O    O N N 381 
TYR CB   C N N 382 
TYR CG   C Y N 383 
TYR CD1  C Y N 384 
TYR CD2  C Y N 385 
TYR CE1  C Y N 386 
TYR CE2  C Y N 387 
TYR CZ   C Y N 388 
TYR OH   O N N 389 
TYR OXT  O N N 390 
TYR H    H N N 391 
TYR H2   H N N 392 
TYR HA   H N N 393 
TYR HB2  H N N 394 
TYR HB3  H N N 395 
TYR HD1  H N N 396 
TYR HD2  H N N 397 
TYR HE1  H N N 398 
TYR HE2  H N N 399 
TYR HH   H N N 400 
TYR HXT  H N N 401 
VAL N    N N N 402 
VAL CA   C N S 403 
VAL C    C N N 404 
VAL O    O N N 405 
VAL CB   C N N 406 
VAL CG1  C N N 407 
VAL CG2  C N N 408 
VAL OXT  O N N 409 
VAL H    H N N 410 
VAL H2   H N N 411 
VAL HA   H N N 412 
VAL HB   H N N 413 
VAL HG11 H N N 414 
VAL HG12 H N N 415 
VAL HG13 H N N 416 
VAL HG21 H N N 417 
VAL HG22 H N N 418 
VAL HG23 H N N 419 
VAL HXT  H N N 420 
# 
loop_
_chem_comp_bond.comp_id 
_chem_comp_bond.atom_id_1 
_chem_comp_bond.atom_id_2 
_chem_comp_bond.value_order 
_chem_comp_bond.pdbx_aromatic_flag 
_chem_comp_bond.pdbx_stereo_config 
_chem_comp_bond.pdbx_ordinal 
ALA N   CA   sing N N 1   
ALA N   H    sing N N 2   
ALA N   H2   sing N N 3   
ALA CA  C    sing N N 4   
ALA CA  CB   sing N N 5   
ALA CA  HA   sing N N 6   
ALA C   O    doub N N 7   
ALA C   OXT  sing N N 8   
ALA CB  HB1  sing N N 9   
ALA CB  HB2  sing N N 10  
ALA CB  HB3  sing N N 11  
ALA OXT HXT  sing N N 12  
ARG N   CA   sing N N 13  
ARG N   H    sing N N 14  
ARG N   H2   sing N N 15  
ARG CA  C    sing N N 16  
ARG CA  CB   sing N N 17  
ARG CA  HA   sing N N 18  
ARG C   O    doub N N 19  
ARG C   OXT  sing N N 20  
ARG CB  CG   sing N N 21  
ARG CB  HB2  sing N N 22  
ARG CB  HB3  sing N N 23  
ARG CG  CD   sing N N 24  
ARG CG  HG2  sing N N 25  
ARG CG  HG3  sing N N 26  
ARG CD  NE   sing N N 27  
ARG CD  HD2  sing N N 28  
ARG CD  HD3  sing N N 29  
ARG NE  CZ   sing N N 30  
ARG NE  HE   sing N N 31  
ARG CZ  NH1  sing N N 32  
ARG CZ  NH2  doub N N 33  
ARG NH1 HH11 sing N N 34  
ARG NH1 HH12 sing N N 35  
ARG NH2 HH21 sing N N 36  
ARG NH2 HH22 sing N N 37  
ARG OXT HXT  sing N N 38  
ASN N   CA   sing N N 39  
ASN N   H    sing N N 40  
ASN N   H2   sing N N 41  
ASN CA  C    sing N N 42  
ASN CA  CB   sing N N 43  
ASN CA  HA   sing N N 44  
ASN C   O    doub N N 45  
ASN C   OXT  sing N N 46  
ASN CB  CG   sing N N 47  
ASN CB  HB2  sing N N 48  
ASN CB  HB3  sing N N 49  
ASN CG  OD1  doub N N 50  
ASN CG  ND2  sing N N 51  
ASN ND2 HD21 sing N N 52  
ASN ND2 HD22 sing N N 53  
ASN OXT HXT  sing N N 54  
ASP N   CA   sing N N 55  
ASP N   H    sing N N 56  
ASP N   H2   sing N N 57  
ASP CA  C    sing N N 58  
ASP CA  CB   sing N N 59  
ASP CA  HA   sing N N 60  
ASP C   O    doub N N 61  
ASP C   OXT  sing N N 62  
ASP CB  CG   sing N N 63  
ASP CB  HB2  sing N N 64  
ASP CB  HB3  sing N N 65  
ASP CG  OD1  doub N N 66  
ASP CG  OD2  sing N N 67  
ASP OD2 HD2  sing N N 68  
ASP OXT HXT  sing N N 69  
CYS N   CA   sing N N 70  
CYS N   H    sing N N 71  
CYS N   H2   sing N N 72  
CYS CA  C    sing N N 73  
CYS CA  CB   sing N N 74  
CYS CA  HA   sing N N 75  
CYS C   O    doub N N 76  
CYS C   OXT  sing N N 77  
CYS CB  SG   sing N N 78  
CYS CB  HB2  sing N N 79  
CYS CB  HB3  sing N N 80  
CYS SG  HG   sing N N 81  
CYS OXT HXT  sing N N 82  
GLN N   CA   sing N N 83  
GLN N   H    sing N N 84  
GLN N   H2   sing N N 85  
GLN CA  C    sing N N 86  
GLN CA  CB   sing N N 87  
GLN CA  HA   sing N N 88  
GLN C   O    doub N N 89  
GLN C   OXT  sing N N 90  
GLN CB  CG   sing N N 91  
GLN CB  HB2  sing N N 92  
GLN CB  HB3  sing N N 93  
GLN CG  CD   sing N N 94  
GLN CG  HG2  sing N N 95  
GLN CG  HG3  sing N N 96  
GLN CD  OE1  doub N N 97  
GLN CD  NE2  sing N N 98  
GLN NE2 HE21 sing N N 99  
GLN NE2 HE22 sing N N 100 
GLN OXT HXT  sing N N 101 
GLU N   CA   sing N N 102 
GLU N   H    sing N N 103 
GLU N   H2   sing N N 104 
GLU CA  C    sing N N 105 
GLU CA  CB   sing N N 106 
GLU CA  HA   sing N N 107 
GLU C   O    doub N N 108 
GLU C   OXT  sing N N 109 
GLU CB  CG   sing N N 110 
GLU CB  HB2  sing N N 111 
GLU CB  HB3  sing N N 112 
GLU CG  CD   sing N N 113 
GLU CG  HG2  sing N N 114 
GLU CG  HG3  sing N N 115 
GLU CD  OE1  doub N N 116 
GLU CD  OE2  sing N N 117 
GLU OE2 HE2  sing N N 118 
GLU OXT HXT  sing N N 119 
GLY N   CA   sing N N 120 
GLY N   H    sing N N 121 
GLY N   H2   sing N N 122 
GLY CA  C    sing N N 123 
GLY CA  HA2  sing N N 124 
GLY CA  HA3  sing N N 125 
GLY C   O    doub N N 126 
GLY C   OXT  sing N N 127 
GLY OXT HXT  sing N N 128 
HIS N   CA   sing N N 129 
HIS N   H    sing N N 130 
HIS N   H2   sing N N 131 
HIS CA  C    sing N N 132 
HIS CA  CB   sing N N 133 
HIS CA  HA   sing N N 134 
HIS C   O    doub N N 135 
HIS C   OXT  sing N N 136 
HIS CB  CG   sing N N 137 
HIS CB  HB2  sing N N 138 
HIS CB  HB3  sing N N 139 
HIS CG  ND1  sing Y N 140 
HIS CG  CD2  doub Y N 141 
HIS ND1 CE1  doub Y N 142 
HIS ND1 HD1  sing N N 143 
HIS CD2 NE2  sing Y N 144 
HIS CD2 HD2  sing N N 145 
HIS CE1 NE2  sing Y N 146 
HIS CE1 HE1  sing N N 147 
HIS NE2 HE2  sing N N 148 
HIS OXT HXT  sing N N 149 
HOH O   H1   sing N N 150 
HOH O   H2   sing N N 151 
ILE N   CA   sing N N 152 
ILE N   H    sing N N 153 
ILE N   H2   sing N N 154 
ILE CA  C    sing N N 155 
ILE CA  CB   sing N N 156 
ILE CA  HA   sing N N 157 
ILE C   O    doub N N 158 
ILE C   OXT  sing N N 159 
ILE CB  CG1  sing N N 160 
ILE CB  CG2  sing N N 161 
ILE CB  HB   sing N N 162 
ILE CG1 CD1  sing N N 163 
ILE CG1 HG12 sing N N 164 
ILE CG1 HG13 sing N N 165 
ILE CG2 HG21 sing N N 166 
ILE CG2 HG22 sing N N 167 
ILE CG2 HG23 sing N N 168 
ILE CD1 HD11 sing N N 169 
ILE CD1 HD12 sing N N 170 
ILE CD1 HD13 sing N N 171 
ILE OXT HXT  sing N N 172 
LEU N   CA   sing N N 173 
LEU N   H    sing N N 174 
LEU N   H2   sing N N 175 
LEU CA  C    sing N N 176 
LEU CA  CB   sing N N 177 
LEU CA  HA   sing N N 178 
LEU C   O    doub N N 179 
LEU C   OXT  sing N N 180 
LEU CB  CG   sing N N 181 
LEU CB  HB2  sing N N 182 
LEU CB  HB3  sing N N 183 
LEU CG  CD1  sing N N 184 
LEU CG  CD2  sing N N 185 
LEU CG  HG   sing N N 186 
LEU CD1 HD11 sing N N 187 
LEU CD1 HD12 sing N N 188 
LEU CD1 HD13 sing N N 189 
LEU CD2 HD21 sing N N 190 
LEU CD2 HD22 sing N N 191 
LEU CD2 HD23 sing N N 192 
LEU OXT HXT  sing N N 193 
LYS N   CA   sing N N 194 
LYS N   H    sing N N 195 
LYS N   H2   sing N N 196 
LYS CA  C    sing N N 197 
LYS CA  CB   sing N N 198 
LYS CA  HA   sing N N 199 
LYS C   O    doub N N 200 
LYS C   OXT  sing N N 201 
LYS CB  CG   sing N N 202 
LYS CB  HB2  sing N N 203 
LYS CB  HB3  sing N N 204 
LYS CG  CD   sing N N 205 
LYS CG  HG2  sing N N 206 
LYS CG  HG3  sing N N 207 
LYS CD  CE   sing N N 208 
LYS CD  HD2  sing N N 209 
LYS CD  HD3  sing N N 210 
LYS CE  NZ   sing N N 211 
LYS CE  HE2  sing N N 212 
LYS CE  HE3  sing N N 213 
LYS NZ  HZ1  sing N N 214 
LYS NZ  HZ2  sing N N 215 
LYS NZ  HZ3  sing N N 216 
LYS OXT HXT  sing N N 217 
MET N   CA   sing N N 218 
MET N   H    sing N N 219 
MET N   H2   sing N N 220 
MET CA  C    sing N N 221 
MET CA  CB   sing N N 222 
MET CA  HA   sing N N 223 
MET C   O    doub N N 224 
MET C   OXT  sing N N 225 
MET CB  CG   sing N N 226 
MET CB  HB2  sing N N 227 
MET CB  HB3  sing N N 228 
MET CG  SD   sing N N 229 
MET CG  HG2  sing N N 230 
MET CG  HG3  sing N N 231 
MET SD  CE   sing N N 232 
MET CE  HE1  sing N N 233 
MET CE  HE2  sing N N 234 
MET CE  HE3  sing N N 235 
MET OXT HXT  sing N N 236 
NAG C1  C2   sing N N 237 
NAG C1  O1   sing N N 238 
NAG C1  O5   sing N N 239 
NAG C1  H1   sing N N 240 
NAG C2  C3   sing N N 241 
NAG C2  N2   sing N N 242 
NAG C2  H2   sing N N 243 
NAG C3  C4   sing N N 244 
NAG C3  O3   sing N N 245 
NAG C3  H3   sing N N 246 
NAG C4  C5   sing N N 247 
NAG C4  O4   sing N N 248 
NAG C4  H4   sing N N 249 
NAG C5  C6   sing N N 250 
NAG C5  O5   sing N N 251 
NAG C5  H5   sing N N 252 
NAG C6  O6   sing N N 253 
NAG C6  H61  sing N N 254 
NAG C6  H62  sing N N 255 
NAG C7  C8   sing N N 256 
NAG C7  N2   sing N N 257 
NAG C7  O7   doub N N 258 
NAG C8  H81  sing N N 259 
NAG C8  H82  sing N N 260 
NAG C8  H83  sing N N 261 
NAG N2  HN2  sing N N 262 
NAG O1  HO1  sing N N 263 
NAG O3  HO3  sing N N 264 
NAG O4  HO4  sing N N 265 
NAG O6  HO6  sing N N 266 
PHE N   CA   sing N N 267 
PHE N   H    sing N N 268 
PHE N   H2   sing N N 269 
PHE CA  C    sing N N 270 
PHE CA  CB   sing N N 271 
PHE CA  HA   sing N N 272 
PHE C   O    doub N N 273 
PHE C   OXT  sing N N 274 
PHE CB  CG   sing N N 275 
PHE CB  HB2  sing N N 276 
PHE CB  HB3  sing N N 277 
PHE CG  CD1  doub Y N 278 
PHE CG  CD2  sing Y N 279 
PHE CD1 CE1  sing Y N 280 
PHE CD1 HD1  sing N N 281 
PHE CD2 CE2  doub Y N 282 
PHE CD2 HD2  sing N N 283 
PHE CE1 CZ   doub Y N 284 
PHE CE1 HE1  sing N N 285 
PHE CE2 CZ   sing Y N 286 
PHE CE2 HE2  sing N N 287 
PHE CZ  HZ   sing N N 288 
PHE OXT HXT  sing N N 289 
PRO N   CA   sing N N 290 
PRO N   CD   sing N N 291 
PRO N   H    sing N N 292 
PRO CA  C    sing N N 293 
PRO CA  CB   sing N N 294 
PRO CA  HA   sing N N 295 
PRO C   O    doub N N 296 
PRO C   OXT  sing N N 297 
PRO CB  CG   sing N N 298 
PRO CB  HB2  sing N N 299 
PRO CB  HB3  sing N N 300 
PRO CG  CD   sing N N 301 
PRO CG  HG2  sing N N 302 
PRO CG  HG3  sing N N 303 
PRO CD  HD2  sing N N 304 
PRO CD  HD3  sing N N 305 
PRO OXT HXT  sing N N 306 
SER N   CA   sing N N 307 
SER N   H    sing N N 308 
SER N   H2   sing N N 309 
SER CA  C    sing N N 310 
SER CA  CB   sing N N 311 
SER CA  HA   sing N N 312 
SER C   O    doub N N 313 
SER C   OXT  sing N N 314 
SER CB  OG   sing N N 315 
SER CB  HB2  sing N N 316 
SER CB  HB3  sing N N 317 
SER OG  HG   sing N N 318 
SER OXT HXT  sing N N 319 
THR N   CA   sing N N 320 
THR N   H    sing N N 321 
THR N   H2   sing N N 322 
THR CA  C    sing N N 323 
THR CA  CB   sing N N 324 
THR CA  HA   sing N N 325 
THR C   O    doub N N 326 
THR C   OXT  sing N N 327 
THR CB  OG1  sing N N 328 
THR CB  CG2  sing N N 329 
THR CB  HB   sing N N 330 
THR OG1 HG1  sing N N 331 
THR CG2 HG21 sing N N 332 
THR CG2 HG22 sing N N 333 
THR CG2 HG23 sing N N 334 
THR OXT HXT  sing N N 335 
TRP N   CA   sing N N 336 
TRP N   H    sing N N 337 
TRP N   H2   sing N N 338 
TRP CA  C    sing N N 339 
TRP CA  CB   sing N N 340 
TRP CA  HA   sing N N 341 
TRP C   O    doub N N 342 
TRP C   OXT  sing N N 343 
TRP CB  CG   sing N N 344 
TRP CB  HB2  sing N N 345 
TRP CB  HB3  sing N N 346 
TRP CG  CD1  doub Y N 347 
TRP CG  CD2  sing Y N 348 
TRP CD1 NE1  sing Y N 349 
TRP CD1 HD1  sing N N 350 
TRP CD2 CE2  doub Y N 351 
TRP CD2 CE3  sing Y N 352 
TRP NE1 CE2  sing Y N 353 
TRP NE1 HE1  sing N N 354 
TRP CE2 CZ2  sing Y N 355 
TRP CE3 CZ3  doub Y N 356 
TRP CE3 HE3  sing N N 357 
TRP CZ2 CH2  doub Y N 358 
TRP CZ2 HZ2  sing N N 359 
TRP CZ3 CH2  sing Y N 360 
TRP CZ3 HZ3  sing N N 361 
TRP CH2 HH2  sing N N 362 
TRP OXT HXT  sing N N 363 
TYR N   CA   sing N N 364 
TYR N   H    sing N N 365 
TYR N   H2   sing N N 366 
TYR CA  C    sing N N 367 
TYR CA  CB   sing N N 368 
TYR CA  HA   sing N N 369 
TYR C   O    doub N N 370 
TYR C   OXT  sing N N 371 
TYR CB  CG   sing N N 372 
TYR CB  HB2  sing N N 373 
TYR CB  HB3  sing N N 374 
TYR CG  CD1  doub Y N 375 
TYR CG  CD2  sing Y N 376 
TYR CD1 CE1  sing Y N 377 
TYR CD1 HD1  sing N N 378 
TYR CD2 CE2  doub Y N 379 
TYR CD2 HD2  sing N N 380 
TYR CE1 CZ   doub Y N 381 
TYR CE1 HE1  sing N N 382 
TYR CE2 CZ   sing Y N 383 
TYR CE2 HE2  sing N N 384 
TYR CZ  OH   sing N N 385 
TYR OH  HH   sing N N 386 
TYR OXT HXT  sing N N 387 
VAL N   CA   sing N N 388 
VAL N   H    sing N N 389 
VAL N   H2   sing N N 390 
VAL CA  C    sing N N 391 
VAL CA  CB   sing N N 392 
VAL CA  HA   sing N N 393 
VAL C   O    doub N N 394 
VAL C   OXT  sing N N 395 
VAL CB  CG1  sing N N 396 
VAL CB  CG2  sing N N 397 
VAL CB  HB   sing N N 398 
VAL CG1 HG11 sing N N 399 
VAL CG1 HG12 sing N N 400 
VAL CG1 HG13 sing N N 401 
VAL CG2 HG21 sing N N 402 
VAL CG2 HG22 sing N N 403 
VAL CG2 HG23 sing N N 404 
VAL OXT HXT  sing N N 405 
# 
_atom_sites.entry_id                    1N1F 
_atom_sites.fract_transf_matrix[1][1]   0.02270393 
_atom_sites.fract_transf_matrix[1][2]   -0.01299548 
_atom_sites.fract_transf_matrix[1][3]   0.01948456 
_atom_sites.fract_transf_matrix[2][1]   -0.00909510 
_atom_sites.fract_transf_matrix[2][2]   -0.01653586 
_atom_sites.fract_transf_matrix[2][3]   -0.00043095 
_atom_sites.fract_transf_matrix[3][1]   0.00569509 
_atom_sites.fract_transf_matrix[3][2]   -0.00290892 
_atom_sites.fract_transf_matrix[3][3]   -0.00857621 
_atom_sites.fract_transf_vector[1]      -0.052528 
_atom_sites.fract_transf_vector[2]      0.796107 
_atom_sites.fract_transf_vector[3]      0.320812 
# 
loop_
_atom_type.symbol 
C 
N 
O 
S 
# 
loop_
_atom_site.group_PDB 
_atom_site.id 
_atom_site.type_symbol 
_atom_site.label_atom_id 
_atom_site.label_alt_id 
_atom_site.label_comp_id 
_atom_site.label_asym_id 
_atom_site.label_entity_id 
_atom_site.label_seq_id 
_atom_site.pdbx_PDB_ins_code 
_atom_site.Cartn_x 
_atom_site.Cartn_y 
_atom_site.Cartn_z 
_atom_site.occupancy 
_atom_site.B_iso_or_equiv 
_atom_site.pdbx_formal_charge 
_atom_site.auth_seq_id 
_atom_site.auth_comp_id 
_atom_site.auth_asym_id 
_atom_site.auth_atom_id 
_atom_site.pdbx_PDB_model_num 
ATOM   1    N N   . ASN A 1 4   ? -17.938 12.718  8.105   1.00 96.44 ? 4   ASN A N   1 
ATOM   2    C CA  . ASN A 1 4   ? -18.152 13.474  6.836   1.00 99.58 ? 4   ASN A CA  1 
ATOM   3    C C   . ASN A 1 4   ? -17.104 13.037  5.814   1.00 98.12 ? 4   ASN A C   1 
ATOM   4    O O   . ASN A 1 4   ? -16.867 11.839  5.620   1.00 98.11 ? 4   ASN A O   1 
ATOM   5    C CB  . ASN A 1 4   ? -18.021 14.990  7.076   1.00 98.02 ? 4   ASN A CB  1 
ATOM   6    C CG  . ASN A 1 4   ? -19.056 15.536  8.063   1.00 98.22 ? 4   ASN A CG  1 
ATOM   7    O OD1 . ASN A 1 4   ? -19.118 16.747  8.297   1.00 98.35 ? 4   ASN A OD1 1 
ATOM   8    N ND2 . ASN A 1 4   ? -19.865 14.648  8.646   1.00 98.43 ? 4   ASN A ND2 1 
ATOM   9    N N   . HIS A 1 5   ? -16.489 14.021  5.158   1.00 98.46 ? 5   HIS A N   1 
ATOM   10   C CA  . HIS A 1 5   ? -15.440 13.777  4.165   1.00 97.55 ? 5   HIS A CA  1 
ATOM   11   C C   . HIS A 1 5   ? -14.108 13.703  4.919   1.00 98.84 ? 5   HIS A C   1 
ATOM   12   O O   . HIS A 1 5   ? -13.078 13.317  4.357   1.00 97.08 ? 5   HIS A O   1 
ATOM   13   C CB  . HIS A 1 5   ? -15.389 14.933  3.147   1.00 98.45 ? 5   HIS A CB  1 
ATOM   14   C CG  . HIS A 1 5   ? -16.280 14.744  1.954   1.00 99.42 ? 5   HIS A CG  1 
ATOM   15   N ND1 . HIS A 1 5   ? -15.958 13.902  0.909   1.00 99.75 ? 5   HIS A ND1 1 
ATOM   16   C CD2 . HIS A 1 5   ? -17.475 15.297  1.636   1.00 99.44 ? 5   HIS A CD2 1 
ATOM   17   C CE1 . HIS A 1 5   ? -16.916 13.945  0.001   1.00 99.53 ? 5   HIS A CE1 1 
ATOM   18   N NE2 . HIS A 1 5   ? -17.849 14.783  0.418   1.00 99.43 ? 5   HIS A NE2 1 
ATOM   19   N N   . GLY A 1 6   ? -14.149 14.088  6.196   1.00 93.81 ? 6   GLY A N   1 
ATOM   20   C CA  . GLY A 1 6   ? -12.964 14.077  7.036   1.00 83.95 ? 6   GLY A CA  1 
ATOM   21   C C   . GLY A 1 6   ? -12.152 12.792  6.995   1.00 82.41 ? 6   GLY A C   1 
ATOM   22   O O   . GLY A 1 6   ? -10.968 12.813  7.336   1.00 86.37 ? 6   GLY A O   1 
ATOM   23   N N   . LEU A 1 7   ? -12.774 11.681  6.588   1.00 68.87 ? 7   LEU A N   1 
ATOM   24   C CA  . LEU A 1 7   ? -12.085 10.400  6.491   1.00 60.67 ? 7   LEU A CA  1 
ATOM   25   C C   . LEU A 1 7   ? -10.881 10.511  5.564   1.00 58.31 ? 7   LEU A C   1 
ATOM   26   O O   . LEU A 1 7   ? -10.092 9.581   5.436   1.00 70.37 ? 7   LEU A O   1 
ATOM   27   C CB  . LEU A 1 7   ? -13.037 9.312   5.992   1.00 64.08 ? 7   LEU A CB  1 
ATOM   28   C CG  . LEU A 1 7   ? -14.045 8.788   7.021   1.00 70.34 ? 7   LEU A CG  1 
ATOM   29   C CD1 . LEU A 1 7   ? -13.451 7.665   7.854   1.00 72.71 ? 7   LEU A CD1 1 
ATOM   30   C CD2 . LEU A 1 7   ? -14.470 9.936   7.921   1.00 82.33 ? 7   LEU A CD2 1 
ATOM   31   N N   . ARG A 1 8   ? -10.725 11.659  4.924   1.00 54.11 ? 8   ARG A N   1 
ATOM   32   C CA  . ARG A 1 8   ? -9.591  11.863  4.048   1.00 55.55 ? 8   ARG A CA  1 
ATOM   33   C C   . ARG A 1 8   ? -8.498  12.570  4.846   1.00 54.80 ? 8   ARG A C   1 
ATOM   34   O O   . ARG A 1 8   ? -7.439  12.888  4.300   1.00 61.26 ? 8   ARG A O   1 
ATOM   35   C CB  . ARG A 1 8   ? -10.005 12.716  2.808   1.00 46.82 ? 8   ARG A CB  1 
ATOM   36   N N   . ARG A 1 9   ? -8.740  12.792  6.139   1.00 52.19 ? 9   ARG A N   1 
ATOM   37   C CA  . ARG A 1 9   ? -7.768  13.502  6.987   1.00 59.53 ? 9   ARG A CA  1 
ATOM   38   C C   . ARG A 1 9   ? -7.042  12.613  8.025   1.00 63.36 ? 9   ARG A C   1 
ATOM   39   O O   . ARG A 1 9   ? -6.195  13.088  8.816   1.00 58.57 ? 9   ARG A O   1 
ATOM   40   C CB  . ARG A 1 9   ? -8.472  14.686  7.687   1.00 53.28 ? 9   ARG A CB  1 
ATOM   41   N N   . CYS A 1 10  ? -7.366  11.322  7.999   1.00 57.13 ? 10  CYS A N   1 
ATOM   42   C CA  . CYS A 1 10  ? -6.779  10.327  8.903   1.00 47.57 ? 10  CYS A CA  1 
ATOM   43   C C   . CYS A 1 10  ? -5.295  10.014  8.679   1.00 43.59 ? 10  CYS A C   1 
ATOM   44   O O   . CYS A 1 10  ? -4.705  9.279   9.459   1.00 37.21 ? 10  CYS A O   1 
ATOM   45   C CB  . CYS A 1 10  ? -7.515  9.007   8.739   1.00 55.61 ? 10  CYS A CB  1 
ATOM   46   S SG  . CYS A 1 10  ? -9.309  9.073   9.001   1.00 62.58 ? 10  CYS A SG  1 
ATOM   47   N N   . LEU A 1 11  ? -4.675  10.524  7.620   1.00 34.10 ? 11  LEU A N   1 
ATOM   48   C CA  . LEU A 1 11  ? -3.272  10.162  7.376   1.00 33.47 ? 11  LEU A CA  1 
ATOM   49   C C   . LEU A 1 11  ? -2.451  11.403  7.216   1.00 31.13 ? 11  LEU A C   1 
ATOM   50   O O   . LEU A 1 11  ? -1.289  11.364  6.800   1.00 42.11 ? 11  LEU A O   1 
ATOM   51   C CB  . LEU A 1 11  ? -3.172  9.338   6.078   1.00 36.08 ? 11  LEU A CB  1 
ATOM   52   C CG  . LEU A 1 11  ? -3.998  8.050   6.001   1.00 40.30 ? 11  LEU A CG  1 
ATOM   53   C CD1 . LEU A 1 11  ? -3.742  7.383   4.642   1.00 35.40 ? 11  LEU A CD1 1 
ATOM   54   C CD2 . LEU A 1 11  ? -3.659  7.102   7.154   1.00 33.62 ? 11  LEU A CD2 1 
ATOM   55   N N   . ILE A 1 12  ? -3.067  12.525  7.555   1.00 40.86 ? 12  ILE A N   1 
ATOM   56   C CA  . ILE A 1 12  ? -2.432  13.827  7.407   1.00 29.71 ? 12  ILE A CA  1 
ATOM   57   C C   . ILE A 1 12  ? -1.105  13.838  8.172   1.00 39.67 ? 12  ILE A C   1 
ATOM   58   O O   . ILE A 1 12  ? -0.103  14.474  7.743   1.00 38.12 ? 12  ILE A O   1 
ATOM   59   C CB  . ILE A 1 12  ? -3.433  14.961  7.897   1.00 31.29 ? 12  ILE A CB  1 
ATOM   60   C CG1 . ILE A 1 12  ? -2.834  16.351  7.661   1.00 43.01 ? 12  ILE A CG1 1 
ATOM   61   C CG2 . ILE A 1 12  ? -3.780  14.774  9.342   1.00 33.44 ? 12  ILE A CG2 1 
ATOM   62   C CD1 . ILE A 1 12  ? -2.466  16.624  6.212   1.00 45.10 ? 12  ILE A CD1 1 
ATOM   63   N N   . SER A 1 13  ? -1.062  13.114  9.287   1.00 29.51 ? 13  SER A N   1 
ATOM   64   C CA  . SER A 1 13  ? 0.186   13.103  10.059  1.00 32.64 ? 13  SER A CA  1 
ATOM   65   C C   . SER A 1 13  ? 1.240   12.246  9.378   1.00 44.15 ? 13  SER A C   1 
ATOM   66   O O   . SER A 1 13  ? 2.375   12.193  9.830   1.00 36.35 ? 13  SER A O   1 
ATOM   67   C CB  . SER A 1 13  ? -0.041  12.594  11.480  1.00 37.97 ? 13  SER A CB  1 
ATOM   68   O OG  . SER A 1 13  ? -0.592  11.279  11.510  1.00 35.63 ? 13  SER A OG  1 
ATOM   69   N N   . THR A 1 14  ? 0.871   11.537  8.317   1.00 39.12 ? 14  THR A N   1 
ATOM   70   C CA  . THR A 1 14  ? 1.874   10.718  7.652   1.00 44.03 ? 14  THR A CA  1 
ATOM   71   C C   . THR A 1 14  ? 2.639   11.554  6.619   1.00 46.71 ? 14  THR A C   1 
ATOM   72   O O   . THR A 1 14  ? 2.034   12.375  5.920   1.00 36.27 ? 14  THR A O   1 
ATOM   73   C CB  . THR A 1 14  ? 1.184   9.516   7.005   1.00 49.65 ? 14  THR A CB  1 
ATOM   74   O OG1 . THR A 1 14  ? 0.983   8.523   8.016   1.00 41.46 ? 14  THR A OG1 1 
ATOM   75   C CG2 . THR A 1 14  ? 1.997   8.957   5.841   1.00 49.05 ? 14  THR A CG2 1 
ATOM   76   N N   . ASP A 1 15  ? 3.958   11.375  6.543   1.00 41.05 ? 15  ASP A N   1 
ATOM   77   C CA  . ASP A 1 15  ? 4.730   12.135  5.571   1.00 35.98 ? 15  ASP A CA  1 
ATOM   78   C C   . ASP A 1 15  ? 5.007   11.325  4.318   1.00 33.11 ? 15  ASP A C   1 
ATOM   79   O O   . ASP A 1 15  ? 5.951   10.545  4.275   1.00 33.21 ? 15  ASP A O   1 
ATOM   80   C CB  . ASP A 1 15  ? 6.070   12.637  6.150   1.00 42.07 ? 15  ASP A CB  1 
ATOM   81   C CG  . ASP A 1 15  ? 6.784   13.643  5.204   1.00 51.40 ? 15  ASP A CG  1 
ATOM   82   O OD1 . ASP A 1 15  ? 7.797   14.274  5.602   1.00 50.17 ? 15  ASP A OD1 1 
ATOM   83   O OD2 . ASP A 1 15  ? 6.326   13.808  4.050   1.00 39.39 ? 15  ASP A OD2 1 
ATOM   84   N N   . MET A 1 16  ? 4.182   11.548  3.301   1.00 35.59 ? 16  MET A N   1 
ATOM   85   C CA  . MET A 1 16  ? 4.307   10.836  2.039   1.00 40.53 ? 16  MET A CA  1 
ATOM   86   C C   . MET A 1 16  ? 5.694   10.841  1.471   1.00 43.43 ? 16  MET A C   1 
ATOM   87   O O   . MET A 1 16  ? 6.169   9.847   0.866   1.00 32.45 ? 16  MET A O   1 
ATOM   88   C CB  . MET A 1 16  ? 3.391   11.430  0.989   1.00 38.51 ? 16  MET A CB  1 
ATOM   89   C CG  . MET A 1 16  ? 2.844   10.351  0.013   1.00 65.70 ? 16  MET A CG  1 
ATOM   90   S SD  . MET A 1 16  ? 1.917   8.959   0.851   1.00 77.63 ? 16  MET A SD  1 
ATOM   91   C CE  . MET A 1 16  ? 1.428   9.715   2.463   1.00 48.67 ? 16  MET A CE  1 
ATOM   92   N N   . HIS A 1 17  ? 6.340   11.982  1.648   1.00 34.44 ? 17  HIS A N   1 
ATOM   93   C CA  . HIS A 1 17  ? 7.663   12.158  1.121   1.00 42.88 ? 17  HIS A CA  1 
ATOM   94   C C   . HIS A 1 17  ? 8.603   11.173  1.794   1.00 38.06 ? 17  HIS A C   1 
ATOM   95   O O   . HIS A 1 17  ? 9.493   10.605  1.171   1.00 33.92 ? 17  HIS A O   1 
ATOM   96   C CB  . HIS A 1 17  ? 8.152   13.602  1.333   1.00 42.97 ? 17  HIS A CB  1 
ATOM   97   C CG  . HIS A 1 17  ? 9.471   13.867  0.685   1.00 44.23 ? 17  HIS A CG  1 
ATOM   98   N ND1 . HIS A 1 17  ? 10.595  14.223  1.402   1.00 56.89 ? 17  HIS A ND1 1 
ATOM   99   C CD2 . HIS A 1 17  ? 9.878   13.681  -0.588  1.00 31.04 ? 17  HIS A CD2 1 
ATOM   100  C CE1 . HIS A 1 17  ? 11.640  14.227  0.598   1.00 58.36 ? 17  HIS A CE1 1 
ATOM   101  N NE2 . HIS A 1 17  ? 11.231  13.898  -0.615  1.00 49.72 ? 17  HIS A NE2 1 
ATOM   102  N N   . HIS A 1 18  ? 8.411   10.962  3.073   1.00 34.02 ? 18  HIS A N   1 
ATOM   103  C CA  . HIS A 1 18  ? 9.307   10.026  3.755   1.00 36.32 ? 18  HIS A CA  1 
ATOM   104  C C   . HIS A 1 18  ? 9.216   8.625   3.103   1.00 41.30 ? 18  HIS A C   1 
ATOM   105  O O   . HIS A 1 18  ? 10.224  7.995   2.761   1.00 40.58 ? 18  HIS A O   1 
ATOM   106  C CB  . HIS A 1 18  ? 8.907   9.954   5.217   1.00 32.54 ? 18  HIS A CB  1 
ATOM   107  C CG  . HIS A 1 18  ? 9.706   8.985   6.022   1.00 49.23 ? 18  HIS A CG  1 
ATOM   108  N ND1 . HIS A 1 18  ? 11.077  9.070   6.150   1.00 53.47 ? 18  HIS A ND1 1 
ATOM   109  C CD2 . HIS A 1 18  ? 9.319   7.935   6.787   1.00 44.86 ? 18  HIS A CD2 1 
ATOM   110  C CE1 . HIS A 1 18  ? 11.497  8.119   6.965   1.00 52.49 ? 18  HIS A CE1 1 
ATOM   111  N NE2 . HIS A 1 18  ? 10.449  7.418   7.368   1.00 46.53 ? 18  HIS A NE2 1 
ATOM   112  N N   . ILE A 1 19  ? 7.998   8.148   2.918   1.00 35.12 ? 19  ILE A N   1 
ATOM   113  C CA  . ILE A 1 19  ? 7.811   6.823   2.362   1.00 30.17 ? 19  ILE A CA  1 
ATOM   114  C C   . ILE A 1 19  ? 8.296   6.791   0.942   1.00 30.29 ? 19  ILE A C   1 
ATOM   115  O O   . ILE A 1 19  ? 8.985   5.865   0.524   1.00 26.68 ? 19  ILE A O   1 
ATOM   116  C CB  . ILE A 1 19  ? 6.365   6.441   2.364   1.00 35.89 ? 19  ILE A CB  1 
ATOM   117  C CG1 . ILE A 1 19  ? 5.780   6.786   3.722   1.00 26.93 ? 19  ILE A CG1 1 
ATOM   118  C CG2 . ILE A 1 19  ? 6.233   4.942   1.960   1.00 22.74 ? 19  ILE A CG2 1 
ATOM   119  C CD1 . ILE A 1 19  ? 4.296   6.569   3.781   1.00 41.02 ? 19  ILE A CD1 1 
ATOM   120  N N   . GLU A 1 20  ? 7.929   7.825   0.206   1.00 31.37 ? 20  GLU A N   1 
ATOM   121  C CA  . GLU A 1 20  ? 8.316   7.936   -1.196  1.00 29.04 ? 20  GLU A CA  1 
ATOM   122  C C   . GLU A 1 20  ? 9.800   7.897   -1.346  1.00 27.92 ? 20  GLU A C   1 
ATOM   123  O O   . GLU A 1 20  ? 10.346  7.172   -2.195  1.00 31.54 ? 20  GLU A O   1 
ATOM   124  C CB  . GLU A 1 20  ? 7.767   9.224   -1.796  1.00 36.57 ? 20  GLU A CB  1 
ATOM   125  C CG  . GLU A 1 20  ? 6.266   9.175   -1.928  1.00 52.99 ? 20  GLU A CG  1 
ATOM   126  C CD  . GLU A 1 20  ? 5.686   10.412  -2.570  1.00 57.90 ? 20  GLU A CD  1 
ATOM   127  O OE1 . GLU A 1 20  ? 5.741   10.515  -3.814  1.00 67.46 ? 20  GLU A OE1 1 
ATOM   128  O OE2 . GLU A 1 20  ? 5.181   11.275  -1.821  1.00 67.31 ? 20  GLU A OE2 1 
ATOM   129  N N   . GLU A 1 21  ? 10.494  8.629   -0.499  1.00 27.86 ? 21  GLU A N   1 
ATOM   130  C CA  . GLU A 1 21  ? 11.940  8.611   -0.622  1.00 27.40 ? 21  GLU A CA  1 
ATOM   131  C C   . GLU A 1 21  ? 12.505  7.209   -0.299  1.00 30.82 ? 21  GLU A C   1 
ATOM   132  O O   . GLU A 1 21  ? 13.290  6.638   -1.078  1.00 31.16 ? 21  GLU A O   1 
ATOM   133  C CB  . GLU A 1 21  ? 12.554  9.663   0.291   1.00 31.10 ? 21  GLU A CB  1 
ATOM   134  N N   . SER A 1 22  ? 12.175  6.660   0.866   1.00 23.48 ? 22  SER A N   1 
ATOM   135  C CA  . SER A 1 22  ? 12.677  5.315   1.166   1.00 25.62 ? 22  SER A CA  1 
ATOM   136  C C   . SER A 1 22  ? 12.426  4.409   -0.050  1.00 24.30 ? 22  SER A C   1 
ATOM   137  O O   . SER A 1 22  ? 13.296  3.650   -0.435  1.00 30.57 ? 22  SER A O   1 
ATOM   138  C CB  . SER A 1 22  ? 11.980  4.676   2.357   1.00 28.18 ? 22  SER A CB  1 
ATOM   139  O OG  . SER A 1 22  ? 12.035  5.517   3.475   1.00 35.84 ? 22  SER A OG  1 
ATOM   140  N N   . PHE A 1 23  ? 11.233  4.482   -0.631  1.00 27.31 ? 23  PHE A N   1 
ATOM   141  C CA  . PHE A 1 23  ? 10.942  3.653   -1.785  1.00 24.51 ? 23  PHE A CA  1 
ATOM   142  C C   . PHE A 1 23  ? 11.770  3.967   -3.029  1.00 34.91 ? 23  PHE A C   1 
ATOM   143  O O   . PHE A 1 23  ? 12.192  3.065   -3.759  1.00 24.50 ? 23  PHE A O   1 
ATOM   144  C CB  . PHE A 1 23  ? 9.485   3.739   -2.162  1.00 19.83 ? 23  PHE A CB  1 
ATOM   145  C CG  . PHE A 1 23  ? 9.098   2.761   -3.269  1.00 24.15 ? 23  PHE A CG  1 
ATOM   146  C CD1 . PHE A 1 23  ? 9.352   1.404   -3.113  1.00 30.24 ? 23  PHE A CD1 1 
ATOM   147  C CD2 . PHE A 1 23  ? 8.578   3.214   -4.478  1.00 20.63 ? 23  PHE A CD2 1 
ATOM   148  C CE1 . PHE A 1 23  ? 9.108   0.492   -4.148  1.00 28.29 ? 23  PHE A CE1 1 
ATOM   149  C CE2 . PHE A 1 23  ? 8.318   2.296   -5.559  1.00 23.59 ? 23  PHE A CE2 1 
ATOM   150  C CZ  . PHE A 1 23  ? 8.597   0.937   -5.360  1.00 24.13 ? 23  PHE A CZ  1 
ATOM   151  N N   . GLN A 1 24  ? 12.001  5.240   -3.287  1.00 29.99 ? 24  GLN A N   1 
ATOM   152  C CA  . GLN A 1 24  ? 12.757  5.575   -4.454  1.00 33.61 ? 24  GLN A CA  1 
ATOM   153  C C   . GLN A 1 24  ? 14.106  4.953   -4.337  1.00 34.84 ? 24  GLN A C   1 
ATOM   154  O O   . GLN A 1 24  ? 14.712  4.599   -5.330  1.00 33.96 ? 24  GLN A O   1 
ATOM   155  C CB  . GLN A 1 24  ? 12.907  7.091   -4.604  1.00 40.62 ? 24  GLN A CB  1 
ATOM   156  C CG  . GLN A 1 24  ? 11.776  7.728   -5.351  1.00 58.54 ? 24  GLN A CG  1 
ATOM   157  C CD  . GLN A 1 24  ? 11.533  7.032   -6.673  1.00 68.20 ? 24  GLN A CD  1 
ATOM   158  O OE1 . GLN A 1 24  ? 12.473  6.765   -7.454  1.00 68.10 ? 24  GLN A OE1 1 
ATOM   159  N NE2 . GLN A 1 24  ? 10.270  6.728   -6.938  1.00 69.85 ? 24  GLN A NE2 1 
ATOM   160  N N   . GLU A 1 25  ? 14.601  4.820   -3.112  1.00 32.61 ? 25  GLU A N   1 
ATOM   161  C CA  . GLU A 1 25  ? 15.927  4.228   -2.936  1.00 33.93 ? 25  GLU A CA  1 
ATOM   162  C C   . GLU A 1 25  ? 16.075  2.778   -3.425  1.00 36.43 ? 25  GLU A C   1 
ATOM   163  O O   . GLU A 1 25  ? 17.150  2.372   -3.843  1.00 34.65 ? 25  GLU A O   1 
ATOM   164  C CB  . GLU A 1 25  ? 16.339  4.261   -1.455  1.00 39.27 ? 25  GLU A CB  1 
ATOM   165  C CG  . GLU A 1 25  ? 16.956  5.551   -0.929  1.00 50.30 ? 25  GLU A CG  1 
ATOM   166  C CD  . GLU A 1 25  ? 18.435  5.594   -1.203  1.00 60.04 ? 25  GLU A CD  1 
ATOM   167  O OE1 . GLU A 1 25  ? 18.817  5.928   -2.344  1.00 64.86 ? 25  GLU A OE1 1 
ATOM   168  O OE2 . GLU A 1 25  ? 19.215  5.253   -0.280  1.00 71.76 ? 25  GLU A OE2 1 
ATOM   169  N N   . ILE A 1 26  ? 15.009  1.992   -3.355  1.00 29.11 ? 26  ILE A N   1 
ATOM   170  C CA  . ILE A 1 26  ? 15.103  0.575   -3.738  1.00 28.85 ? 26  ILE A CA  1 
ATOM   171  C C   . ILE A 1 26  ? 14.192  0.225   -4.909  1.00 27.93 ? 26  ILE A C   1 
ATOM   172  O O   . ILE A 1 26  ? 14.150  -0.940  -5.359  1.00 27.35 ? 26  ILE A O   1 
ATOM   173  C CB  . ILE A 1 26  ? 14.668  -0.296  -2.529  1.00 29.96 ? 26  ILE A CB  1 
ATOM   174  C CG1 . ILE A 1 26  ? 13.212  0.022   -2.174  1.00 23.58 ? 26  ILE A CG1 1 
ATOM   175  C CG2 . ILE A 1 26  ? 15.530  0.019   -1.312  1.00 30.52 ? 26  ILE A CG2 1 
ATOM   176  C CD1 . ILE A 1 26  ? 12.728  -0.738  -1.037  1.00 31.78 ? 26  ILE A CD1 1 
ATOM   177  N N   . LYS A 1 27  ? 13.445  1.233   -5.366  1.00 26.58 ? 27  LYS A N   1 
ATOM   178  C CA  . LYS A 1 27  ? 12.448  1.034   -6.401  1.00 24.95 ? 27  LYS A CA  1 
ATOM   179  C C   . LYS A 1 27  ? 13.034  0.273   -7.601  1.00 27.28 ? 27  LYS A C   1 
ATOM   180  O O   . LYS A 1 27  ? 12.482  -0.718  -8.052  1.00 28.03 ? 27  LYS A O   1 
ATOM   181  C CB  . LYS A 1 27  ? 11.902  2.392   -6.805  1.00 29.82 ? 27  LYS A CB  1 
ATOM   182  C CG  . LYS A 1 27  ? 10.859  2.416   -7.921  1.00 41.32 ? 27  LYS A CG  1 
ATOM   183  C CD  . LYS A 1 27  ? 11.091  3.731   -8.677  1.00 43.43 ? 27  LYS A CD  1 
ATOM   184  C CE  . LYS A 1 27  ? 9.971   4.119   -9.580  1.00 54.76 ? 27  LYS A CE  1 
ATOM   185  N NZ  . LYS A 1 27  ? 8.966   5.012   -8.898  1.00 66.47 ? 27  LYS A NZ  1 
ATOM   186  N N   . ARG A 1 28  ? 14.206  0.689   -8.053  1.00 28.35 ? 28  ARG A N   1 
ATOM   187  C CA  . ARG A 1 28  ? 14.788  0.053   -9.201  1.00 26.97 ? 28  ARG A CA  1 
ATOM   188  C C   . ARG A 1 28  ? 15.208  -1.353  -8.916  1.00 22.26 ? 28  ARG A C   1 
ATOM   189  O O   . ARG A 1 28  ? 14.958  -2.250  -9.709  1.00 29.66 ? 28  ARG A O   1 
ATOM   190  C CB  . ARG A 1 28  ? 15.981  0.857   -9.694  1.00 33.45 ? 28  ARG A CB  1 
ATOM   191  C CG  . ARG A 1 28  ? 16.541  0.410   -11.017 1.00 41.01 ? 28  ARG A CG  1 
ATOM   192  C CD  . ARG A 1 28  ? 17.523  1.499   -11.556 1.00 41.51 ? 28  ARG A CD  1 
ATOM   193  N NE  . ARG A 1 28  ? 17.973  1.149   -12.906 1.00 33.98 ? 28  ARG A NE  1 
ATOM   194  C CZ  . ARG A 1 28  ? 18.912  0.245   -13.176 1.00 48.60 ? 28  ARG A CZ  1 
ATOM   195  N NH1 . ARG A 1 28  ? 19.531  -0.411  -12.187 1.00 44.39 ? 28  ARG A NH1 1 
ATOM   196  N NH2 . ARG A 1 28  ? 19.197  -0.029  -14.443 1.00 37.65 ? 28  ARG A NH2 1 
ATOM   197  N N   . ALA A 1 29  ? 15.858  -1.567  -7.782  1.00 20.59 ? 29  ALA A N   1 
ATOM   198  C CA  . ALA A 1 29  ? 16.330  -2.898  -7.476  1.00 22.56 ? 29  ALA A CA  1 
ATOM   199  C C   . ALA A 1 29  ? 15.130  -3.866  -7.292  1.00 28.41 ? 29  ALA A C   1 
ATOM   200  O O   . ALA A 1 29  ? 15.167  -4.995  -7.717  1.00 23.74 ? 29  ALA A O   1 
ATOM   201  C CB  . ALA A 1 29  ? 17.204  -2.868  -6.192  1.00 23.13 ? 29  ALA A CB  1 
ATOM   202  N N   . ILE A 1 30  ? 14.050  -3.391  -6.674  1.00 25.24 ? 30  ILE A N   1 
ATOM   203  C CA  . ILE A 1 30  ? 12.886  -4.265  -6.445  1.00 24.26 ? 30  ILE A CA  1 
ATOM   204  C C   . ILE A 1 30  ? 12.111  -4.437  -7.778  1.00 21.40 ? 30  ILE A C   1 
ATOM   205  O O   . ILE A 1 30  ? 11.720  -5.526  -8.181  1.00 30.45 ? 30  ILE A O   1 
ATOM   206  C CB  . ILE A 1 30  ? 11.940  -3.576  -5.433  1.00 36.70 ? 30  ILE A CB  1 
ATOM   207  C CG1 . ILE A 1 30  ? 12.662  -3.425  -4.085  1.00 20.98 ? 30  ILE A CG1 1 
ATOM   208  C CG2 . ILE A 1 30  ? 10.564  -4.273  -5.438  1.00 27.41 ? 30  ILE A CG2 1 
ATOM   209  C CD1 . ILE A 1 30  ? 13.120  -4.730  -3.485  1.00 23.04 ? 30  ILE A CD1 1 
ATOM   210  N N   . GLN A 1 31  ? 11.844  -3.351  -8.462  1.00 26.88 ? 31  GLN A N   1 
ATOM   211  C CA  . GLN A 1 31  ? 11.049  -3.536  -9.652  1.00 28.24 ? 31  GLN A CA  1 
ATOM   212  C C   . GLN A 1 31  ? 11.795  -4.395  -10.674 1.00 31.85 ? 31  GLN A C   1 
ATOM   213  O O   . GLN A 1 31  ? 11.195  -5.115  -11.440 1.00 32.58 ? 31  GLN A O   1 
ATOM   214  C CB  . GLN A 1 31  ? 10.617  -2.198  -10.262 1.00 31.42 ? 31  GLN A CB  1 
ATOM   215  C CG  . GLN A 1 31  ? 9.603   -1.485  -9.386  1.00 31.27 ? 31  GLN A CG  1 
ATOM   216  C CD  . GLN A 1 31  ? 9.078   -0.246  -10.076 1.00 34.60 ? 31  GLN A CD  1 
ATOM   217  O OE1 . GLN A 1 31  ? 9.749   0.296   -10.926 1.00 38.87 ? 31  GLN A OE1 1 
ATOM   218  N NE2 . GLN A 1 31  ? 7.906   0.222   -9.690  1.00 26.85 ? 31  GLN A NE2 1 
ATOM   219  N N   . ALA A 1 32  ? 13.104  -4.331  -10.657 1.00 29.76 ? 32  ALA A N   1 
ATOM   220  C CA  . ALA A 1 32  ? 13.895  -5.115  -11.575 1.00 32.64 ? 32  ALA A CA  1 
ATOM   221  C C   . ALA A 1 32  ? 13.615  -6.600  -11.365 1.00 40.96 ? 32  ALA A C   1 
ATOM   222  O O   . ALA A 1 32  ? 13.890  -7.418  -12.223 1.00 39.07 ? 32  ALA A O   1 
ATOM   223  C CB  . ALA A 1 32  ? 15.414  -4.807  -11.360 1.00 36.70 ? 32  ALA A CB  1 
ATOM   224  N N   . LYS A 1 33  ? 13.053  -6.961  -10.226 1.00 35.78 ? 33  LYS A N   1 
ATOM   225  C CA  . LYS A 1 33  ? 12.802  -8.361  -9.985  1.00 30.72 ? 33  LYS A CA  1 
ATOM   226  C C   . LYS A 1 33  ? 11.367  -8.807  -10.265 1.00 33.32 ? 33  LYS A C   1 
ATOM   227  O O   . LYS A 1 33  ? 11.031  -9.965  -10.071 1.00 40.69 ? 33  LYS A O   1 
ATOM   228  C CB  . LYS A 1 33  ? 13.199  -8.707  -8.556  1.00 39.21 ? 33  LYS A CB  1 
ATOM   229  C CG  . LYS A 1 33  ? 14.689  -8.782  -8.337  1.00 40.52 ? 33  LYS A CG  1 
ATOM   230  C CD  . LYS A 1 33  ? 14.947  -8.798  -6.843  1.00 47.45 ? 33  LYS A CD  1 
ATOM   231  C CE  . LYS A 1 33  ? 16.437  -9.062  -6.476  1.00 68.14 ? 33  LYS A CE  1 
ATOM   232  N NZ  . LYS A 1 33  ? 16.870  -8.576  -5.093  1.00 59.37 ? 33  LYS A NZ  1 
ATOM   233  N N   . ASP A 1 34  ? 10.526  -7.873  -10.692 1.00 36.91 ? 34  ASP A N   1 
ATOM   234  C CA  . ASP A 1 34  ? 9.142   -8.169  -11.038 1.00 36.21 ? 34  ASP A CA  1 
ATOM   235  C C   . ASP A 1 34  ? 9.100   -9.104  -12.269 1.00 41.60 ? 34  ASP A C   1 
ATOM   236  O O   . ASP A 1 34  ? 9.357   -8.688  -13.420 1.00 32.74 ? 34  ASP A O   1 
ATOM   237  C CB  . ASP A 1 34  ? 8.399   -6.859  -11.354 1.00 36.85 ? 34  ASP A CB  1 
ATOM   238  C CG  . ASP A 1 34  ? 7.041   -7.106  -11.937 1.00 46.28 ? 34  ASP A CG  1 
ATOM   239  O OD1 . ASP A 1 34  ? 6.623   -8.272  -11.869 1.00 38.88 ? 34  ASP A OD1 1 
ATOM   240  O OD2 . ASP A 1 34  ? 6.393   -6.168  -12.458 1.00 51.44 ? 34  ASP A OD2 1 
ATOM   241  N N   . THR A 1 35  ? 8.748   -10.358 -12.016 1.00 31.56 ? 35  THR A N   1 
ATOM   242  C CA  . THR A 1 35  ? 8.643   -11.398 -13.041 1.00 38.47 ? 35  THR A CA  1 
ATOM   243  C C   . THR A 1 35  ? 7.384   -11.381 -13.918 1.00 31.14 ? 35  THR A C   1 
ATOM   244  O O   . THR A 1 35  ? 7.302   -12.133 -14.880 1.00 46.35 ? 35  THR A O   1 
ATOM   245  C CB  . THR A 1 35  ? 8.752   -12.782 -12.387 1.00 45.22 ? 35  THR A CB  1 
ATOM   246  O OG1 . THR A 1 35  ? 7.943   -12.794 -11.188 1.00 45.82 ? 35  THR A OG1 1 
ATOM   247  C CG2 . THR A 1 35  ? 10.192  -13.067 -12.046 1.00 41.28 ? 35  THR A CG2 1 
ATOM   248  N N   . PHE A 1 36  ? 6.392   -10.563 -13.590 1.00 27.84 ? 36  PHE A N   1 
ATOM   249  C CA  . PHE A 1 36  ? 5.234   -10.469 -14.443 1.00 27.45 ? 36  PHE A CA  1 
ATOM   250  C C   . PHE A 1 36  ? 4.899   -9.039  -14.636 1.00 33.45 ? 36  PHE A C   1 
ATOM   251  O O   . PHE A 1 36  ? 3.897   -8.555  -14.108 1.00 26.22 ? 36  PHE A O   1 
ATOM   252  C CB  . PHE A 1 36  ? 4.070   -11.215 -13.837 1.00 34.67 ? 36  PHE A CB  1 
ATOM   253  C CG  . PHE A 1 36  ? 4.308   -12.695 -13.756 1.00 39.18 ? 36  PHE A CG  1 
ATOM   254  C CD1 . PHE A 1 36  ? 4.004   -13.526 -14.840 1.00 53.22 ? 36  PHE A CD1 1 
ATOM   255  C CD2 . PHE A 1 36  ? 4.859   -13.254 -12.625 1.00 36.32 ? 36  PHE A CD2 1 
ATOM   256  C CE1 . PHE A 1 36  ? 4.253   -14.917 -14.786 1.00 53.80 ? 36  PHE A CE1 1 
ATOM   257  C CE2 . PHE A 1 36  ? 5.116   -14.639 -12.552 1.00 48.59 ? 36  PHE A CE2 1 
ATOM   258  C CZ  . PHE A 1 36  ? 4.809   -15.468 -13.644 1.00 43.28 ? 36  PHE A CZ  1 
ATOM   259  N N   . PRO A 1 37  ? 5.715   -8.339  -15.446 1.00 26.22 ? 37  PRO A N   1 
ATOM   260  C CA  . PRO A 1 37  ? 5.493   -6.919  -15.699 1.00 33.49 ? 37  PRO A CA  1 
ATOM   261  C C   . PRO A 1 37  ? 4.202   -6.517  -16.408 1.00 28.53 ? 37  PRO A C   1 
ATOM   262  O O   . PRO A 1 37  ? 3.688   -5.434  -16.174 1.00 37.98 ? 37  PRO A O   1 
ATOM   263  C CB  . PRO A 1 37  ? 6.765   -6.497  -16.462 1.00 39.42 ? 37  PRO A CB  1 
ATOM   264  C CG  . PRO A 1 37  ? 7.151   -7.735  -17.195 1.00 35.68 ? 37  PRO A CG  1 
ATOM   265  C CD  . PRO A 1 37  ? 6.878   -8.846  -16.205 1.00 31.85 ? 37  PRO A CD  1 
ATOM   266  N N   . ASN A 1 38  ? 3.665   -7.382  -17.255 1.00 34.37 ? 38  ASN A N   1 
ATOM   267  C CA  . ASN A 1 38  ? 2.463   -7.021  -17.958 1.00 43.00 ? 38  ASN A CA  1 
ATOM   268  C C   . ASN A 1 38  ? 1.237   -7.034  -17.032 1.00 43.01 ? 38  ASN A C   1 
ATOM   269  O O   . ASN A 1 38  ? 0.135   -6.722  -17.470 1.00 54.17 ? 38  ASN A O   1 
ATOM   270  C CB  . ASN A 1 38  ? 2.234   -7.965  -19.149 1.00 52.82 ? 38  ASN A CB  1 
ATOM   271  C CG  . ASN A 1 38  ? 1.072   -7.512  -20.040 1.00 65.72 ? 38  ASN A CG  1 
ATOM   272  O OD1 . ASN A 1 38  ? 1.251   -6.679  -20.950 1.00 68.85 ? 38  ASN A OD1 1 
ATOM   273  N ND2 . ASN A 1 38  ? -0.124  -8.040  -19.759 1.00 77.18 ? 38  ASN A ND2 1 
ATOM   274  N N   . VAL A 1 39  ? 1.400   -7.398  -15.765 1.00 37.13 ? 39  VAL A N   1 
ATOM   275  C CA  . VAL A 1 39  ? 0.236   -7.376  -14.901 1.00 51.75 ? 39  VAL A CA  1 
ATOM   276  C C   . VAL A 1 39  ? 0.478   -6.559  -13.617 1.00 48.91 ? 39  VAL A C   1 
ATOM   277  O O   . VAL A 1 39  ? 1.647   -6.315  -13.248 1.00 35.40 ? 39  VAL A O   1 
ATOM   278  C CB  . VAL A 1 39  ? -0.234  -8.825  -14.599 1.00 48.37 ? 39  VAL A CB  1 
ATOM   279  C CG1 . VAL A 1 39  ? 0.483   -9.404  -13.435 1.00 45.04 ? 39  VAL A CG1 1 
ATOM   280  C CG2 . VAL A 1 39  ? -1.716  -8.826  -14.381 1.00 60.09 ? 39  VAL A CG2 1 
ATOM   281  N N   . THR A 1 40  ? -0.615  -6.099  -12.989 1.00 37.23 ? 40  THR A N   1 
ATOM   282  C CA  . THR A 1 40  ? -0.542  -5.320  -11.747 1.00 32.07 ? 40  THR A CA  1 
ATOM   283  C C   . THR A 1 40  ? -1.244  -6.060  -10.597 1.00 29.97 ? 40  THR A C   1 
ATOM   284  O O   . THR A 1 40  ? -2.358  -6.547  -10.766 1.00 31.17 ? 40  THR A O   1 
ATOM   285  C CB  . THR A 1 40  ? -1.219  -3.956  -11.880 1.00 30.93 ? 40  THR A CB  1 
ATOM   286  O OG1 . THR A 1 40  ? -0.575  -3.184  -12.892 1.00 45.68 ? 40  THR A OG1 1 
ATOM   287  C CG2 . THR A 1 40  ? -1.143  -3.187  -10.571 1.00 31.07 ? 40  THR A CG2 1 
ATOM   288  N N   . ILE A 1 41  ? -0.597  -6.168  -9.436  1.00 24.98 ? 41  ILE A N   1 
ATOM   289  C CA  . ILE A 1 41  ? -1.261  -6.865  -8.325  1.00 28.20 ? 41  ILE A CA  1 
ATOM   290  C C   . ILE A 1 41  ? -2.297  -5.891  -7.780  1.00 25.96 ? 41  ILE A C   1 
ATOM   291  O O   . ILE A 1 41  ? -3.458  -6.257  -7.555  1.00 21.72 ? 41  ILE A O   1 
ATOM   292  C CB  . ILE A 1 41  ? -0.243  -7.343  -7.261  1.00 29.43 ? 41  ILE A CB  1 
ATOM   293  C CG1 . ILE A 1 41  ? 0.463   -8.622  -7.794  1.00 22.73 ? 41  ILE A CG1 1 
ATOM   294  C CG2 . ILE A 1 41  ? -0.953  -7.604  -5.916  1.00 24.89 ? 41  ILE A CG2 1 
ATOM   295  C CD1 . ILE A 1 41  ? 1.670   -9.119  -6.912  1.00 24.75 ? 41  ILE A CD1 1 
ATOM   296  N N   . LEU A 1 42  ? -1.911  -4.630  -7.637  1.00 26.68 ? 42  LEU A N   1 
ATOM   297  C CA  . LEU A 1 42  ? -2.871  -3.636  -7.150  1.00 27.01 ? 42  LEU A CA  1 
ATOM   298  C C   . LEU A 1 42  ? -3.830  -3.146  -8.277  1.00 22.52 ? 42  LEU A C   1 
ATOM   299  O O   . LEU A 1 42  ? -4.126  -1.933  -8.381  1.00 27.35 ? 42  LEU A O   1 
ATOM   300  C CB  . LEU A 1 42  ? -2.108  -2.445  -6.521  1.00 17.57 ? 42  LEU A CB  1 
ATOM   301  C CG  . LEU A 1 42  ? -1.156  -2.856  -5.376  1.00 26.54 ? 42  LEU A CG  1 
ATOM   302  C CD1 . LEU A 1 42  ? -0.372  -1.569  -4.864  1.00 23.93 ? 42  LEU A CD1 1 
ATOM   303  C CD2 . LEU A 1 42  ? -1.978  -3.506  -4.247  1.00 22.49 ? 42  LEU A CD2 1 
ATOM   304  N N   . SER A 1 43  ? -4.328  -4.076  -9.098  1.00 25.79 ? 43  SER A N   1 
ATOM   305  C CA  . SER A 1 43  ? -5.204  -3.703  -10.230 1.00 26.63 ? 43  SER A CA  1 
ATOM   306  C C   . SER A 1 43  ? -6.344  -2.776  -9.832  1.00 27.09 ? 43  SER A C   1 
ATOM   307  O O   . SER A 1 43  ? -6.646  -1.818  -10.542 1.00 29.13 ? 43  SER A O   1 
ATOM   308  C CB  . SER A 1 43  ? -5.767  -4.951  -10.943 1.00 17.03 ? 43  SER A CB  1 
ATOM   309  O OG  . SER A 1 43  ? -6.482  -5.754  -10.040 1.00 26.94 ? 43  SER A OG  1 
ATOM   310  N N   . THR A 1 44  ? -6.983  -3.043  -8.695  1.00 28.06 ? 44  THR A N   1 
ATOM   311  C CA  . THR A 1 44  ? -8.060  -2.164  -8.232  1.00 32.17 ? 44  THR A CA  1 
ATOM   312  C C   . THR A 1 44  ? -7.630  -0.705  -8.154  1.00 28.10 ? 44  THR A C   1 
ATOM   313  O O   . THR A 1 44  ? -8.455  0.188   -8.305  1.00 38.83 ? 44  THR A O   1 
ATOM   314  C CB  . THR A 1 44  ? -8.452  -2.403  -6.760  1.00 38.06 ? 44  THR A CB  1 
ATOM   315  O OG1 . THR A 1 44  ? -8.804  -3.745  -6.562  1.00 32.12 ? 44  THR A OG1 1 
ATOM   316  C CG2 . THR A 1 44  ? -9.626  -1.494  -6.356  1.00 51.86 ? 44  THR A CG2 1 
ATOM   317  N N   . LEU A 1 45  ? -6.354  -0.470  -7.871  1.00 28.05 ? 45  LEU A N   1 
ATOM   318  C CA  . LEU A 1 45  ? -5.908  0.909   -7.661  1.00 25.27 ? 45  LEU A CA  1 
ATOM   319  C C   . LEU A 1 45  ? -5.624  1.663   -8.934  1.00 34.87 ? 45  LEU A C   1 
ATOM   320  O O   . LEU A 1 45  ? -5.229  2.841   -8.908  1.00 25.89 ? 45  LEU A O   1 
ATOM   321  C CB  . LEU A 1 45  ? -4.705  0.929   -6.693  1.00 23.33 ? 45  LEU A CB  1 
ATOM   322  C CG  . LEU A 1 45  ? -5.087  0.255   -5.343  1.00 23.57 ? 45  LEU A CG  1 
ATOM   323  C CD1 . LEU A 1 45  ? -3.978  0.560   -4.301  1.00 29.43 ? 45  LEU A CD1 1 
ATOM   324  C CD2 . LEU A 1 45  ? -6.424  0.782   -4.801  1.00 21.32 ? 45  LEU A CD2 1 
ATOM   325  N N   . GLU A 1 46  ? -5.852  0.961   -10.049 1.00 26.84 ? 46  GLU A N   1 
ATOM   326  C CA  . GLU A 1 46  ? -5.656  1.531   -11.377 1.00 26.63 ? 46  GLU A CA  1 
ATOM   327  C C   . GLU A 1 46  ? -7.002  1.816   -11.962 1.00 30.15 ? 46  GLU A C   1 
ATOM   328  O O   . GLU A 1 46  ? -7.113  2.171   -13.145 1.00 31.06 ? 46  GLU A O   1 
ATOM   329  C CB  . GLU A 1 46  ? -4.914  0.555   -12.303 1.00 18.40 ? 46  GLU A CB  1 
ATOM   330  C CG  . GLU A 1 46  ? -3.398  0.637   -12.115 1.00 22.29 ? 46  GLU A CG  1 
ATOM   331  C CD  . GLU A 1 46  ? -2.617  -0.508  -12.845 1.00 32.06 ? 46  GLU A CD  1 
ATOM   332  O OE1 . GLU A 1 46  ? -3.239  -1.471  -13.351 1.00 32.90 ? 46  GLU A OE1 1 
ATOM   333  O OE2 . GLU A 1 46  ? -1.376  -0.421  -12.870 1.00 30.84 ? 46  GLU A OE2 1 
ATOM   334  N N   . THR A 1 47  ? -8.042  1.627   -11.163 1.00 25.30 ? 47  THR A N   1 
ATOM   335  C CA  . THR A 1 47  ? -9.355  1.901   -11.718 1.00 28.16 ? 47  THR A CA  1 
ATOM   336  C C   . THR A 1 47  ? -9.880  2.968   -10.816 1.00 28.30 ? 47  THR A C   1 
ATOM   337  O O   . THR A 1 47  ? -9.231  3.359   -9.824  1.00 24.40 ? 47  THR A O   1 
ATOM   338  C CB  . THR A 1 47  ? -10.340 0.761   -11.567 1.00 25.97 ? 47  THR A CB  1 
ATOM   339  O OG1 . THR A 1 47  ? -10.654 0.651   -10.162 1.00 24.57 ? 47  THR A OG1 1 
ATOM   340  C CG2 . THR A 1 47  ? -9.766  -0.574  -12.085 1.00 23.22 ? 47  THR A CG2 1 
ATOM   341  N N   . LEU A 1 48  ? -11.086 3.401   -11.140 1.00 27.94 ? 48  LEU A N   1 
ATOM   342  C CA  . LEU A 1 48  ? -11.721 4.359   -10.299 1.00 30.98 ? 48  LEU A CA  1 
ATOM   343  C C   . LEU A 1 48  ? -12.904 3.702   -9.578  1.00 29.86 ? 48  LEU A C   1 
ATOM   344  O O   . LEU A 1 48  ? -13.938 4.331   -9.363  1.00 31.31 ? 48  LEU A O   1 
ATOM   345  C CB  . LEU A 1 48  ? -12.127 5.549   -11.154 1.00 30.69 ? 48  LEU A CB  1 
ATOM   346  C CG  . LEU A 1 48  ? -10.851 6.327   -11.463 1.00 26.60 ? 48  LEU A CG  1 
ATOM   347  C CD1 . LEU A 1 48  ? -11.137 7.388   -12.458 1.00 37.67 ? 48  LEU A CD1 1 
ATOM   348  C CD2 . LEU A 1 48  ? -10.287 6.920   -10.146 1.00 27.68 ? 48  LEU A CD2 1 
ATOM   349  N N   . GLN A 1 49  ? -12.742 2.433   -9.212  1.00 27.55 ? 49  GLN A N   1 
ATOM   350  C CA  . GLN A 1 49  ? -13.787 1.717   -8.489  1.00 36.11 ? 49  GLN A CA  1 
ATOM   351  C C   . GLN A 1 49  ? -13.951 2.222   -7.065  1.00 28.67 ? 49  GLN A C   1 
ATOM   352  O O   . GLN A 1 49  ? -15.048 2.187   -6.561  1.00 31.47 ? 49  GLN A O   1 
ATOM   353  C CB  . GLN A 1 49  ? -13.474 0.228   -8.395  1.00 22.87 ? 49  GLN A CB  1 
ATOM   354  C CG  . GLN A 1 49  ? -13.157 -0.307  -9.710  1.00 44.61 ? 49  GLN A CG  1 
ATOM   355  C CD  . GLN A 1 49  ? -12.773 -1.740  -9.660  1.00 45.42 ? 49  GLN A CD  1 
ATOM   356  O OE1 . GLN A 1 49  ? -12.450 -2.289  -8.593  1.00 44.14 ? 49  GLN A OE1 1 
ATOM   357  N NE2 . GLN A 1 49  ? -12.806 -2.374  -10.816 1.00 43.09 ? 49  GLN A NE2 1 
ATOM   358  N N   . ILE A 1 50  ? -12.859 2.679   -6.442  1.00 27.44 ? 50  ILE A N   1 
ATOM   359  C CA  . ILE A 1 50  ? -12.842 3.133   -5.029  1.00 21.06 ? 50  ILE A CA  1 
ATOM   360  C C   . ILE A 1 50  ? -12.492 4.611   -4.991  1.00 36.09 ? 50  ILE A C   1 
ATOM   361  O O   . ILE A 1 50  ? -11.331 4.975   -5.072  1.00 28.79 ? 50  ILE A O   1 
ATOM   362  C CB  . ILE A 1 50  ? -11.745 2.420   -4.213  1.00 27.78 ? 50  ILE A CB  1 
ATOM   363  C CG1 . ILE A 1 50  ? -11.854 0.907   -4.392  1.00 20.44 ? 50  ILE A CG1 1 
ATOM   364  C CG2 . ILE A 1 50  ? -11.927 2.719   -2.703  1.00 22.72 ? 50  ILE A CG2 1 
ATOM   365  C CD1 . ILE A 1 50  ? -13.260 0.343   -3.881  1.00 28.56 ? 50  ILE A CD1 1 
ATOM   366  N N   . ILE A 1 51  ? -13.494 5.456   -4.850  1.00 28.56 ? 51  ILE A N   1 
ATOM   367  C CA  . ILE A 1 51  ? -13.274 6.892   -4.866  1.00 34.49 ? 51  ILE A CA  1 
ATOM   368  C C   . ILE A 1 51  ? -14.124 7.586   -3.808  1.00 33.88 ? 51  ILE A C   1 
ATOM   369  O O   . ILE A 1 51  ? -13.793 8.672   -3.355  1.00 29.88 ? 51  ILE A O   1 
ATOM   370  C CB  . ILE A 1 51  ? -13.587 7.461   -6.267  1.00 36.91 ? 51  ILE A CB  1 
ATOM   371  C CG1 . ILE A 1 51  ? -15.019 7.082   -6.705  1.00 41.22 ? 51  ILE A CG1 1 
ATOM   372  C CG2 . ILE A 1 51  ? -12.598 6.875   -7.270  1.00 31.15 ? 51  ILE A CG2 1 
ATOM   373  C CD1 . ILE A 1 51  ? -15.416 7.634   -8.084  1.00 38.46 ? 51  ILE A CD1 1 
ATOM   374  N N   . LYS A 1 52  ? -15.205 6.949   -3.400  1.00 29.56 ? 52  LYS A N   1 
ATOM   375  C CA  . LYS A 1 52  ? -16.028 7.557   -2.364  1.00 37.48 ? 52  LYS A CA  1 
ATOM   376  C C   . LYS A 1 52  ? -15.341 7.378   -0.999  1.00 37.75 ? 52  LYS A C   1 
ATOM   377  O O   . LYS A 1 52  ? -14.724 6.337   -0.689  1.00 34.86 ? 52  LYS A O   1 
ATOM   378  C CB  . LYS A 1 52  ? -17.446 6.968   -2.339  1.00 38.49 ? 52  LYS A CB  1 
ATOM   379  C CG  . LYS A 1 52  ? -18.298 7.278   -3.566  1.00 34.45 ? 52  LYS A CG  1 
ATOM   380  C CD  . LYS A 1 52  ? -19.594 6.474   -3.464  1.00 47.51 ? 52  LYS A CD  1 
ATOM   381  C CE  . LYS A 1 52  ? -20.317 6.310   -4.787  1.00 40.99 ? 52  LYS A CE  1 
ATOM   382  N NZ  . LYS A 1 52  ? -21.097 7.481   -5.206  1.00 58.84 ? 52  LYS A NZ  1 
ATOM   383  N N   . PRO A 1 53  ? -15.438 8.418   -0.163  1.00 43.91 ? 53  PRO A N   1 
ATOM   384  C CA  . PRO A 1 53  ? -14.874 8.514   1.176   1.00 43.63 ? 53  PRO A CA  1 
ATOM   385  C C   . PRO A 1 53  ? -14.915 7.230   1.994   1.00 36.22 ? 53  PRO A C   1 
ATOM   386  O O   . PRO A 1 53  ? -13.884 6.715   2.437   1.00 37.62 ? 53  PRO A O   1 
ATOM   387  C CB  . PRO A 1 53  ? -15.706 9.633   1.802   1.00 46.41 ? 53  PRO A CB  1 
ATOM   388  C CG  . PRO A 1 53  ? -15.942 10.534  0.651   1.00 50.61 ? 53  PRO A CG  1 
ATOM   389  C CD  . PRO A 1 53  ? -16.331 9.568   -0.427  1.00 46.12 ? 53  PRO A CD  1 
ATOM   390  N N   . LEU A 1 54  ? -16.102 6.696   2.192   1.00 41.03 ? 54  LEU A N   1 
ATOM   391  C CA  . LEU A 1 54  ? -16.197 5.507   2.995   1.00 29.89 ? 54  LEU A CA  1 
ATOM   392  C C   . LEU A 1 54  ? -15.475 4.335   2.366   1.00 38.28 ? 54  LEU A C   1 
ATOM   393  O O   . LEU A 1 54  ? -14.871 3.527   3.058   1.00 37.22 ? 54  LEU A O   1 
ATOM   394  C CB  . LEU A 1 54  ? -17.636 5.115   3.197   1.00 44.80 ? 54  LEU A CB  1 
ATOM   395  C CG  . LEU A 1 54  ? -17.730 3.826   4.022   1.00 47.62 ? 54  LEU A CG  1 
ATOM   396  C CD1 . LEU A 1 54  ? -17.489 4.145   5.499   1.00 50.09 ? 54  LEU A CD1 1 
ATOM   397  C CD2 . LEU A 1 54  ? -19.110 3.189   3.818   1.00 52.14 ? 54  LEU A CD2 1 
ATOM   398  N N   . ASP A 1 55  ? -15.537 4.214   1.053   1.00 33.63 ? 55  ASP A N   1 
ATOM   399  C CA  . ASP A 1 55  ? -14.853 3.080   0.457   1.00 28.61 ? 55  ASP A CA  1 
ATOM   400  C C   . ASP A 1 55  ? -13.332 3.264   0.507   1.00 28.73 ? 55  ASP A C   1 
ATOM   401  O O   . ASP A 1 55  ? -12.590 2.308   0.676   1.00 37.51 ? 55  ASP A O   1 
ATOM   402  C CB  . ASP A 1 55  ? -15.306 2.934   -0.976  1.00 39.37 ? 55  ASP A CB  1 
ATOM   403  C CG  . ASP A 1 55  ? -16.770 2.632   -1.079  1.00 30.13 ? 55  ASP A CG  1 
ATOM   404  O OD1 . ASP A 1 55  ? -17.330 2.014   -0.149  1.00 31.42 ? 55  ASP A OD1 1 
ATOM   405  O OD2 . ASP A 1 55  ? -17.339 2.991   -2.105  1.00 32.23 ? 55  ASP A OD2 1 
ATOM   406  N N   . VAL A 1 56  ? -12.877 4.500   0.328   1.00 35.84 ? 56  VAL A N   1 
ATOM   407  C CA  . VAL A 1 56  ? -11.451 4.792   0.379   1.00 34.90 ? 56  VAL A CA  1 
ATOM   408  C C   . VAL A 1 56  ? -10.887 4.493   1.772   1.00 31.80 ? 56  VAL A C   1 
ATOM   409  O O   . VAL A 1 56  ? -9.820  3.974   1.917   1.00 39.02 ? 56  VAL A O   1 
ATOM   410  C CB  . VAL A 1 56  ? -11.159 6.241   0.123   1.00 32.30 ? 56  VAL A CB  1 
ATOM   411  C CG1 . VAL A 1 56  ? -9.713  6.532   0.641   1.00 26.74 ? 56  VAL A CG1 1 
ATOM   412  C CG2 . VAL A 1 56  ? -11.247 6.524   -1.363  1.00 36.42 ? 56  VAL A CG2 1 
ATOM   413  N N   . CYS A 1 57  ? -11.633 4.808   2.805   1.00 35.19 ? 57  CYS A N   1 
ATOM   414  C CA  . CYS A 1 57  ? -11.135 4.512   4.113   1.00 29.87 ? 57  CYS A CA  1 
ATOM   415  C C   . CYS A 1 57  ? -11.004 2.989   4.365   1.00 39.06 ? 57  CYS A C   1 
ATOM   416  O O   . CYS A 1 57  ? -10.032 2.488   4.974   1.00 36.74 ? 57  CYS A O   1 
ATOM   417  C CB  . CYS A 1 57  ? -12.054 5.119   5.162   1.00 43.38 ? 57  CYS A CB  1 
ATOM   418  S SG  . CYS A 1 57  ? -11.243 4.921   6.779   1.00 55.51 ? 57  CYS A SG  1 
ATOM   419  N N   . CYS A 1 58  ? -12.007 2.256   3.944   1.00 28.52 ? 58  CYS A N   1 
ATOM   420  C CA  . CYS A 1 58  ? -12.014 0.821   4.101   1.00 34.61 ? 58  CYS A CA  1 
ATOM   421  C C   . CYS A 1 58  ? -10.835 0.170   3.315   1.00 29.18 ? 58  CYS A C   1 
ATOM   422  O O   . CYS A 1 58  ? -10.128 -0.696  3.816   1.00 24.79 ? 58  CYS A O   1 
ATOM   423  C CB  . CYS A 1 58  ? -13.323 0.266   3.538   1.00 30.69 ? 58  CYS A CB  1 
ATOM   424  S SG  . CYS A 1 58  ? -13.137 -1.479  2.995   1.00 36.13 ? 58  CYS A SG  1 
ATOM   425  N N   . VAL A 1 59  ? -10.640 0.613   2.091   1.00 22.22 ? 59  VAL A N   1 
ATOM   426  C CA  . VAL A 1 59  ? -9.614  0.022   1.236   1.00 25.07 ? 59  VAL A CA  1 
ATOM   427  C C   . VAL A 1 59  ? -8.221  0.398   1.702   1.00 29.18 ? 59  VAL A C   1 
ATOM   428  O O   . VAL A 1 59  ? -7.277  -0.384  1.584   1.00 27.09 ? 59  VAL A O   1 
ATOM   429  C CB  . VAL A 1 59  ? -9.849  0.466   -0.224  1.00 22.12 ? 59  VAL A CB  1 
ATOM   430  C CG1 . VAL A 1 59  ? -8.640  0.175   -1.130  1.00 19.51 ? 59  VAL A CG1 1 
ATOM   431  C CG2 . VAL A 1 59  ? -11.096 -0.261  -0.783  1.00 19.94 ? 59  VAL A CG2 1 
ATOM   432  N N   . THR A 1 60  ? -8.096  1.606   2.238   1.00 27.13 ? 60  THR A N   1 
ATOM   433  C CA  . THR A 1 60  ? -6.820  2.052   2.745   1.00 25.26 ? 60  THR A CA  1 
ATOM   434  C C   . THR A 1 60  ? -6.403  1.139   3.905   1.00 30.30 ? 60  THR A C   1 
ATOM   435  O O   . THR A 1 60  ? -5.277  0.639   3.898   1.00 25.25 ? 60  THR A O   1 
ATOM   436  C CB  . THR A 1 60  ? -6.924  3.467   3.258   1.00 36.94 ? 60  THR A CB  1 
ATOM   437  O OG1 . THR A 1 60  ? -7.249  4.321   2.165   1.00 27.92 ? 60  THR A OG1 1 
ATOM   438  C CG2 . THR A 1 60  ? -5.611  3.924   3.829   1.00 36.74 ? 60  THR A CG2 1 
ATOM   439  N N   . LYS A 1 61  ? -7.305  0.912   4.882   1.00 20.83 ? 61  LYS A N   1 
ATOM   440  C CA  . LYS A 1 61  ? -6.962  0.059   5.981   1.00 24.80 ? 61  LYS A CA  1 
ATOM   441  C C   . LYS A 1 61  ? -6.778  -1.371  5.456   1.00 23.20 ? 61  LYS A C   1 
ATOM   442  O O   . LYS A 1 61  ? -5.928  -2.079  5.963   1.00 30.30 ? 61  LYS A O   1 
ATOM   443  C CB  . LYS A 1 61  ? -7.979  0.100   7.145   1.00 24.89 ? 61  LYS A CB  1 
ATOM   444  C CG  . LYS A 1 61  ? -9.380  -0.365  6.850   1.00 55.01 ? 61  LYS A CG  1 
ATOM   445  C CD  . LYS A 1 61  ? -10.212 -0.541  8.133   1.00 61.36 ? 61  LYS A CD  1 
ATOM   446  C CE  . LYS A 1 61  ? -11.723 -0.694  7.815   1.00 69.76 ? 61  LYS A CE  1 
ATOM   447  N NZ  . LYS A 1 61  ? -12.565 -1.304  8.911   1.00 70.12 ? 61  LYS A NZ  1 
ATOM   448  N N   . ASN A 1 62  ? -7.497  -1.785  4.414   1.00 21.18 ? 62  ASN A N   1 
ATOM   449  C CA  . ASN A 1 62  ? -7.272  -3.164  3.955   1.00 22.55 ? 62  ASN A CA  1 
ATOM   450  C C   . ASN A 1 62  ? -5.926  -3.252  3.287   1.00 27.98 ? 62  ASN A C   1 
ATOM   451  O O   . ASN A 1 62  ? -5.247  -4.250  3.444   1.00 30.83 ? 62  ASN A O   1 
ATOM   452  C CB  . ASN A 1 62  ? -8.325  -3.642  2.932   1.00 22.73 ? 62  ASN A CB  1 
ATOM   453  C CG  . ASN A 1 62  ? -9.705  -3.847  3.552   1.00 35.40 ? 62  ASN A CG  1 
ATOM   454  O OD1 . ASN A 1 62  ? -9.838  -3.815  4.759   1.00 37.22 ? 62  ASN A OD1 1 
ATOM   455  N ND2 . ASN A 1 62  ? -10.730 -4.059  2.718   1.00 33.45 ? 62  ASN A ND2 1 
ATOM   456  N N   . LEU A 1 63  ? -5.513  -2.200  2.575   1.00 22.06 ? 63  LEU A N   1 
ATOM   457  C CA  . LEU A 1 63  ? -4.260  -2.291  1.865   1.00 25.02 ? 63  LEU A CA  1 
ATOM   458  C C   . LEU A 1 63  ? -3.100  -2.206  2.830   1.00 22.16 ? 63  LEU A C   1 
ATOM   459  O O   . LEU A 1 63  ? -2.014  -2.797  2.620   1.00 21.29 ? 63  LEU A O   1 
ATOM   460  C CB  . LEU A 1 63  ? -4.155  -1.163  0.836   1.00 34.22 ? 63  LEU A CB  1 
ATOM   461  C CG  . LEU A 1 63  ? -5.177  -1.086  -0.295  1.00 45.16 ? 63  LEU A CG  1 
ATOM   462  C CD1 . LEU A 1 63  ? -5.212  0.335   -0.896  1.00 41.79 ? 63  LEU A CD1 1 
ATOM   463  C CD2 . LEU A 1 63  ? -4.850  -2.070  -1.315  1.00 32.41 ? 63  LEU A CD2 1 
ATOM   464  N N   . LEU A 1 64  ? -3.297  -1.452  3.892   1.00 23.62 ? 64  LEU A N   1 
ATOM   465  C CA  . LEU A 1 64  ? -2.190  -1.361  4.848   1.00 30.18 ? 64  LEU A CA  1 
ATOM   466  C C   . LEU A 1 64  ? -1.987  -2.766  5.455   1.00 32.66 ? 64  LEU A C   1 
ATOM   467  O O   . LEU A 1 64  ? -0.827  -3.256  5.666   1.00 20.42 ? 64  LEU A O   1 
ATOM   468  C CB  . LEU A 1 64  ? -2.534  -0.349  5.961   1.00 26.18 ? 64  LEU A CB  1 
ATOM   469  C CG  . LEU A 1 64  ? -1.967  1.080   6.060   1.00 41.20 ? 64  LEU A CG  1 
ATOM   470  C CD1 . LEU A 1 64  ? -1.174  1.540   4.882   1.00 32.09 ? 64  LEU A CD1 1 
ATOM   471  C CD2 . LEU A 1 64  ? -3.092  2.016   6.362   1.00 36.35 ? 64  LEU A CD2 1 
ATOM   472  N N   . ALA A 1 65  ? -3.102  -3.452  5.684   1.00 20.64 ? 65  ALA A N   1 
ATOM   473  C CA  . ALA A 1 65  ? -2.991  -4.752  6.337   1.00 24.89 ? 65  ALA A CA  1 
ATOM   474  C C   . ALA A 1 65  ? -2.416  -5.702  5.263   1.00 31.30 ? 65  ALA A C   1 
ATOM   475  O O   . ALA A 1 65  ? -1.693  -6.615  5.574   1.00 24.42 ? 65  ALA A O   1 
ATOM   476  C CB  . ALA A 1 65  ? -4.360  -5.252  6.775   1.00 18.77 ? 65  ALA A CB  1 
ATOM   477  N N   . PHE A 1 66  ? -2.811  -5.520  4.017   1.00 19.89 ? 66  PHE A N   1 
ATOM   478  C CA  . PHE A 1 66  ? -2.257  -6.367  2.947   1.00 28.45 ? 66  PHE A CA  1 
ATOM   479  C C   . PHE A 1 66  ? -0.721  -6.310  3.001   1.00 27.12 ? 66  PHE A C   1 
ATOM   480  O O   . PHE A 1 66  ? -0.037  -7.315  2.951   1.00 24.08 ? 66  PHE A O   1 
ATOM   481  C CB  . PHE A 1 66  ? -2.714  -5.857  1.577   1.00 25.86 ? 66  PHE A CB  1 
ATOM   482  C CG  . PHE A 1 66  ? -1.939  -6.428  0.407   1.00 27.06 ? 66  PHE A CG  1 
ATOM   483  C CD1 . PHE A 1 66  ? -1.987  -7.772  0.099   1.00 19.48 ? 66  PHE A CD1 1 
ATOM   484  C CD2 . PHE A 1 66  ? -1.213  -5.606  -0.401  1.00 21.10 ? 66  PHE A CD2 1 
ATOM   485  C CE1 . PHE A 1 66  ? -1.292  -8.261  -1.026  1.00 24.77 ? 66  PHE A CE1 1 
ATOM   486  C CE2 . PHE A 1 66  ? -0.520  -6.077  -1.513  1.00 18.97 ? 66  PHE A CE2 1 
ATOM   487  C CZ  . PHE A 1 66  ? -0.558  -7.393  -1.827  1.00 23.58 ? 66  PHE A CZ  1 
ATOM   488  N N   . TYR A 1 67  ? -0.179  -5.115  3.156   1.00 20.02 ? 67  TYR A N   1 
ATOM   489  C CA  . TYR A 1 67  ? 1.256   -5.023  3.161   1.00 28.19 ? 67  TYR A CA  1 
ATOM   490  C C   . TYR A 1 67  ? 1.873   -5.531  4.450   1.00 27.25 ? 67  TYR A C   1 
ATOM   491  O O   . TYR A 1 67  ? 2.849   -6.282  4.438   1.00 26.27 ? 67  TYR A O   1 
ATOM   492  C CB  . TYR A 1 67  ? 1.695   -3.572  2.935   1.00 22.53 ? 67  TYR A CB  1 
ATOM   493  C CG  . TYR A 1 67  ? 1.866   -3.243  1.486   1.00 25.94 ? 67  TYR A CG  1 
ATOM   494  C CD1 . TYR A 1 67  ? 0.856   -2.604  0.784   1.00 19.09 ? 67  TYR A CD1 1 
ATOM   495  C CD2 . TYR A 1 67  ? 3.041   -3.648  0.787   1.00 24.92 ? 67  TYR A CD2 1 
ATOM   496  C CE1 . TYR A 1 67  ? 0.978   -2.378  -0.589  1.00 27.40 ? 67  TYR A CE1 1 
ATOM   497  C CE2 . TYR A 1 67  ? 3.186   -3.421  -0.602  1.00 14.64 ? 67  TYR A CE2 1 
ATOM   498  C CZ  . TYR A 1 67  ? 2.144   -2.797  -1.285  1.00 21.63 ? 67  TYR A CZ  1 
ATOM   499  O OH  . TYR A 1 67  ? 2.187   -2.668  -2.650  1.00 23.78 ? 67  TYR A OH  1 
ATOM   500  N N   . VAL A 1 68  ? 1.292   -5.128  5.564   1.00 24.79 ? 68  VAL A N   1 
ATOM   501  C CA  . VAL A 1 68  ? 1.879   -5.490  6.831   1.00 18.78 ? 68  VAL A CA  1 
ATOM   502  C C   . VAL A 1 68  ? 1.787   -6.986  7.127   1.00 25.94 ? 68  VAL A C   1 
ATOM   503  O O   . VAL A 1 68  ? 2.757   -7.604  7.555   1.00 28.15 ? 68  VAL A O   1 
ATOM   504  C CB  . VAL A 1 68  ? 1.209   -4.650  7.961   1.00 24.38 ? 68  VAL A CB  1 
ATOM   505  C CG1 . VAL A 1 68  ? 1.600   -5.235  9.347   1.00 31.43 ? 68  VAL A CG1 1 
ATOM   506  C CG2 . VAL A 1 68  ? 1.633   -3.172  7.838   1.00 22.31 ? 68  VAL A CG2 1 
ATOM   507  N N   . ASP A 1 69  ? 0.628   -7.563  6.873   1.00 24.51 ? 69  ASP A N   1 
ATOM   508  C CA  . ASP A 1 69  ? 0.404   -8.952  7.184   1.00 20.87 ? 69  ASP A CA  1 
ATOM   509  C C   . ASP A 1 69  ? 0.765   -9.874  6.075   1.00 35.40 ? 69  ASP A C   1 
ATOM   510  O O   . ASP A 1 69  ? 0.902   -11.068 6.345   1.00 35.87 ? 69  ASP A O   1 
ATOM   511  C CB  . ASP A 1 69  ? -1.056  -9.213  7.540   1.00 25.26 ? 69  ASP A CB  1 
ATOM   512  C CG  . ASP A 1 69  ? -1.491  -8.439  8.749   1.00 36.73 ? 69  ASP A CG  1 
ATOM   513  O OD1 . ASP A 1 69  ? -0.624  -8.002  9.533   1.00 39.31 ? 69  ASP A OD1 1 
ATOM   514  O OD2 . ASP A 1 69  ? -2.700  -8.269  8.890   1.00 38.77 ? 69  ASP A OD2 1 
ATOM   515  N N   . ARG A 1 70  ? 0.900   -9.381  4.835   1.00 24.61 ? 70  ARG A N   1 
ATOM   516  C CA  . ARG A 1 70  ? 1.228   -10.343 3.780   1.00 22.77 ? 70  ARG A CA  1 
ATOM   517  C C   . ARG A 1 70  ? 2.545   -10.027 3.119   1.00 31.86 ? 70  ARG A C   1 
ATOM   518  O O   . ARG A 1 70  ? 3.513   -10.747 3.331   1.00 23.18 ? 70  ARG A O   1 
ATOM   519  C CB  . ARG A 1 70  ? 0.144   -10.405 2.722   1.00 25.09 ? 70  ARG A CB  1 
ATOM   520  C CG  . ARG A 1 70  ? -1.187  -10.875 3.236   1.00 22.95 ? 70  ARG A CG  1 
ATOM   521  C CD  . ARG A 1 70  ? -2.002  -11.419 2.053   1.00 21.58 ? 70  ARG A CD  1 
ATOM   522  N NE  . ARG A 1 70  ? -1.480  -12.727 1.616   1.00 27.93 ? 70  ARG A NE  1 
ATOM   523  C CZ  . ARG A 1 70  ? -1.983  -13.440 0.618   1.00 26.02 ? 70  ARG A CZ  1 
ATOM   524  N NH1 . ARG A 1 70  ? -3.027  -12.986 -0.064  1.00 26.24 ? 70  ARG A NH1 1 
ATOM   525  N NH2 . ARG A 1 70  ? -1.456  -14.611 0.303   1.00 28.29 ? 70  ARG A NH2 1 
ATOM   526  N N   . VAL A 1 71  ? 2.607   -8.888  2.417   1.00 19.21 ? 71  VAL A N   1 
ATOM   527  C CA  . VAL A 1 71  ? 3.823   -8.554  1.689   1.00 24.14 ? 71  VAL A CA  1 
ATOM   528  C C   . VAL A 1 71  ? 5.079   -8.547  2.548   1.00 22.00 ? 71  VAL A C   1 
ATOM   529  O O   . VAL A 1 71  ? 6.045   -9.220  2.214   1.00 20.93 ? 71  VAL A O   1 
ATOM   530  C CB  . VAL A 1 71  ? 3.737   -7.167  0.984   1.00 23.74 ? 71  VAL A CB  1 
ATOM   531  C CG1 . VAL A 1 71  ? 5.046   -6.946  0.111   1.00 23.64 ? 71  VAL A CG1 1 
ATOM   532  C CG2 . VAL A 1 71  ? 2.423   -7.072  0.111   1.00 24.65 ? 71  VAL A CG2 1 
ATOM   533  N N   . PHE A 1 72  ? 5.083   -7.753  3.616   1.00 26.18 ? 72  PHE A N   1 
ATOM   534  C CA  . PHE A 1 72  ? 6.271   -7.661  4.485   1.00 31.05 ? 72  PHE A CA  1 
ATOM   535  C C   . PHE A 1 72  ? 6.677   -8.951  5.195   1.00 32.23 ? 72  PHE A C   1 
ATOM   536  O O   . PHE A 1 72  ? 7.816   -9.090  5.609   1.00 33.81 ? 72  PHE A O   1 
ATOM   537  C CB  . PHE A 1 72  ? 6.127   -6.578  5.549   1.00 24.49 ? 72  PHE A CB  1 
ATOM   538  C CG  . PHE A 1 72  ? 5.862   -5.220  5.010   1.00 31.64 ? 72  PHE A CG  1 
ATOM   539  C CD1 . PHE A 1 72  ? 6.398   -4.816  3.790   1.00 27.18 ? 72  PHE A CD1 1 
ATOM   540  C CD2 . PHE A 1 72  ? 5.114   -4.305  5.770   1.00 34.59 ? 72  PHE A CD2 1 
ATOM   541  C CE1 . PHE A 1 72  ? 6.210   -3.529  3.314   1.00 33.77 ? 72  PHE A CE1 1 
ATOM   542  C CE2 . PHE A 1 72  ? 4.912   -3.006  5.306   1.00 32.07 ? 72  PHE A CE2 1 
ATOM   543  C CZ  . PHE A 1 72  ? 5.469   -2.611  4.066   1.00 32.15 ? 72  PHE A CZ  1 
ATOM   544  N N   . LYS A 1 73  ? 5.730   -9.863  5.354   1.00 35.40 ? 73  LYS A N   1 
ATOM   545  C CA  . LYS A 1 73  ? 6.008   -11.134 5.949   1.00 25.05 ? 73  LYS A CA  1 
ATOM   546  C C   . LYS A 1 73  ? 6.594   -12.067 4.930   1.00 36.76 ? 73  LYS A C   1 
ATOM   547  O O   . LYS A 1 73  ? 7.416   -12.921 5.252   1.00 35.23 ? 73  LYS A O   1 
ATOM   548  C CB  . LYS A 1 73  ? 4.721   -11.786 6.474   1.00 29.51 ? 73  LYS A CB  1 
ATOM   549  C CG  . LYS A 1 73  ? 4.456   -11.286 7.890   1.00 45.77 ? 73  LYS A CG  1 
ATOM   550  C CD  . LYS A 1 73  ? 3.141   -11.691 8.464   1.00 43.25 ? 73  LYS A CD  1 
ATOM   551  C CE  . LYS A 1 73  ? 2.698   -10.713 9.574   1.00 49.03 ? 73  LYS A CE  1 
ATOM   552  N NZ  . LYS A 1 73  ? 3.488   -10.754 10.841  1.00 54.08 ? 73  LYS A NZ  1 
ATOM   553  N N   . ASP A 1 74  ? 6.148   -11.931 3.696   1.00 23.46 ? 74  ASP A N   1 
ATOM   554  C CA  . ASP A 1 74  ? 6.590   -12.871 2.682   1.00 24.98 ? 74  ASP A CA  1 
ATOM   555  C C   . ASP A 1 74  ? 7.899   -12.558 2.048   1.00 30.18 ? 74  ASP A C   1 
ATOM   556  O O   . ASP A 1 74  ? 8.529   -13.425 1.480   1.00 32.86 ? 74  ASP A O   1 
ATOM   557  C CB  . ASP A 1 74  ? 5.556   -12.963 1.571   1.00 27.74 ? 74  ASP A CB  1 
ATOM   558  C CG  . ASP A 1 74  ? 4.261   -13.590 2.044   1.00 37.28 ? 74  ASP A CG  1 
ATOM   559  O OD1 . ASP A 1 74  ? 3.185   -13.354 1.443   1.00 27.35 ? 74  ASP A OD1 1 
ATOM   560  O OD2 . ASP A 1 74  ? 4.347   -14.334 3.023   1.00 30.48 ? 74  ASP A OD2 1 
ATOM   561  N N   . HIS A 1 75  ? 8.290   -11.299 2.067   1.00 22.53 ? 75  HIS A N   1 
ATOM   562  C CA  . HIS A 1 75  ? 9.543   -11.002 1.381   1.00 21.03 ? 75  HIS A CA  1 
ATOM   563  C C   . HIS A 1 75  ? 10.750  -11.176 2.297   1.00 30.07 ? 75  HIS A C   1 
ATOM   564  O O   . HIS A 1 75  ? 10.855  -10.573 3.390   1.00 35.44 ? 75  HIS A O   1 
ATOM   565  C CB  . HIS A 1 75  ? 9.466   -9.586  0.807   1.00 26.07 ? 75  HIS A CB  1 
ATOM   566  C CG  . HIS A 1 75  ? 10.719  -9.152  0.132   1.00 28.59 ? 75  HIS A CG  1 
ATOM   567  N ND1 . HIS A 1 75  ? 11.118  -9.657  -1.079  1.00 27.70 ? 75  HIS A ND1 1 
ATOM   568  C CD2 . HIS A 1 75  ? 11.672  -8.273  0.510   1.00 27.25 ? 75  HIS A CD2 1 
ATOM   569  C CE1 . HIS A 1 75  ? 12.271  -9.109  -1.420  1.00 36.97 ? 75  HIS A CE1 1 
ATOM   570  N NE2 . HIS A 1 75  ? 12.633  -8.268  -0.470  1.00 27.32 ? 75  HIS A NE2 1 
ATOM   571  N N   . GLN A 1 76  ? 11.692  -11.981 1.842   1.00 21.25 ? 76  GLN A N   1 
ATOM   572  C CA  . GLN A 1 76  ? 12.875  -12.187 2.643   1.00 21.22 ? 76  GLN A CA  1 
ATOM   573  C C   . GLN A 1 76  ? 13.931  -11.374 1.932   1.00 32.52 ? 76  GLN A C   1 
ATOM   574  O O   . GLN A 1 76  ? 14.184  -11.560 0.757   1.00 28.60 ? 76  GLN A O   1 
ATOM   575  C CB  . GLN A 1 76  ? 13.291  -13.642 2.707   1.00 23.18 ? 76  GLN A CB  1 
ATOM   576  C CG  . GLN A 1 76  ? 14.304  -13.816 3.867   1.00 33.99 ? 76  GLN A CG  1 
ATOM   577  C CD  . GLN A 1 76  ? 14.787  -15.216 4.019   1.00 27.25 ? 76  GLN A CD  1 
ATOM   578  O OE1 . GLN A 1 76  ? 14.050  -16.117 3.752   1.00 37.90 ? 76  GLN A OE1 1 
ATOM   579  N NE2 . GLN A 1 76  ? 16.030  -15.399 4.473   1.00 29.06 ? 76  GLN A NE2 1 
ATOM   580  N N   . GLU A 1 77  ? 14.577  -10.483 2.650   1.00 25.16 ? 77  GLU A N   1 
ATOM   581  C CA  . GLU A 1 77  ? 15.519  -9.610  1.957   1.00 26.40 ? 77  GLU A CA  1 
ATOM   582  C C   . GLU A 1 77  ? 16.949  -9.820  2.475   1.00 26.57 ? 77  GLU A C   1 
ATOM   583  O O   . GLU A 1 77  ? 17.302  -9.401  3.581   1.00 25.70 ? 77  GLU A O   1 
ATOM   584  C CB  . GLU A 1 77  ? 15.064  -8.186  2.190   1.00 25.15 ? 77  GLU A CB  1 
ATOM   585  C CG  . GLU A 1 77  ? 15.924  -7.146  1.560   1.00 20.74 ? 77  GLU A CG  1 
ATOM   586  C CD  . GLU A 1 77  ? 16.131  -7.441  0.073   1.00 25.78 ? 77  GLU A CD  1 
ATOM   587  O OE1 . GLU A 1 77  ? 15.169  -7.385  -0.715  1.00 30.13 ? 77  GLU A OE1 1 
ATOM   588  O OE2 . GLU A 1 77  ? 17.273  -7.774  -0.264  1.00 28.18 ? 77  GLU A OE2 1 
ATOM   589  N N   . PRO A 1 78  ? 17.801  -10.470 1.661   1.00 23.27 ? 78  PRO A N   1 
ATOM   590  C CA  . PRO A 1 78  ? 19.181  -10.722 2.054   1.00 30.07 ? 78  PRO A CA  1 
ATOM   591  C C   . PRO A 1 78  ? 20.048  -9.453  2.001   1.00 38.13 ? 78  PRO A C   1 
ATOM   592  O O   . PRO A 1 78  ? 21.081  -9.377  2.675   1.00 37.87 ? 78  PRO A O   1 
ATOM   593  C CB  . PRO A 1 78  ? 19.642  -11.814 1.067   1.00 32.53 ? 78  PRO A CB  1 
ATOM   594  C CG  . PRO A 1 78  ? 18.868  -11.521 -0.172  1.00 23.36 ? 78  PRO A CG  1 
ATOM   595  C CD  . PRO A 1 78  ? 17.493  -11.037 0.331   1.00 25.77 ? 78  PRO A CD  1 
ATOM   596  N N   . ASN A 1 79  ? 19.646  -8.459  1.226   1.00 32.47 ? 79  ASN A N   1 
ATOM   597  C CA  . ASN A 1 79  ? 20.483  -7.282  1.179   1.00 32.40 ? 79  ASN A CA  1 
ATOM   598  C C   . ASN A 1 79  ? 20.124  -6.333  2.348   1.00 22.00 ? 79  ASN A C   1 
ATOM   599  O O   . ASN A 1 79  ? 19.042  -5.738  2.390   1.00 32.35 ? 79  ASN A O   1 
ATOM   600  C CB  . ASN A 1 79  ? 20.335  -6.615  -0.174  1.00 20.97 ? 79  ASN A CB  1 
ATOM   601  C CG  . ASN A 1 79  ? 21.290  -5.423  -0.343  1.00 34.36 ? 79  ASN A CG  1 
ATOM   602  O OD1 . ASN A 1 79  ? 21.287  -4.495  0.448   1.00 27.21 ? 79  ASN A OD1 1 
ATOM   603  N ND2 . ASN A 1 79  ? 22.078  -5.455  -1.389  1.00 26.85 ? 79  ASN A ND2 1 
ATOM   604  N N   . PRO A 1 80  ? 21.046  -6.144  3.273   1.00 27.59 ? 80  PRO A N   1 
ATOM   605  C CA  . PRO A 1 80  ? 20.727  -5.266  4.412   1.00 25.65 ? 80  PRO A CA  1 
ATOM   606  C C   . PRO A 1 80  ? 20.398  -3.837  4.077   1.00 32.58 ? 80  PRO A C   1 
ATOM   607  O O   . PRO A 1 80  ? 19.574  -3.225  4.761   1.00 32.00 ? 80  PRO A O   1 
ATOM   608  C CB  . PRO A 1 80  ? 21.946  -5.407  5.324   1.00 30.55 ? 80  PRO A CB  1 
ATOM   609  C CG  . PRO A 1 80  ? 23.076  -5.721  4.322   1.00 34.71 ? 80  PRO A CG  1 
ATOM   610  C CD  . PRO A 1 80  ? 22.417  -6.678  3.336   1.00 29.50 ? 80  PRO A CD  1 
ATOM   611  N N   . LYS A 1 81  ? 21.024  -3.287  3.039   1.00 30.53 ? 81  LYS A N   1 
ATOM   612  C CA  . LYS A 1 81  ? 20.705  -1.915  2.713   1.00 29.32 ? 81  LYS A CA  1 
ATOM   613  C C   . LYS A 1 81  ? 19.264  -1.835  2.168   1.00 31.46 ? 81  LYS A C   1 
ATOM   614  O O   . LYS A 1 81  ? 18.538  -0.888  2.484   1.00 33.15 ? 81  LYS A O   1 
ATOM   615  C CB  . LYS A 1 81  ? 21.733  -1.336  1.738   1.00 43.43 ? 81  LYS A CB  1 
ATOM   616  C CG  . LYS A 1 81  ? 21.478  0.107   1.291   1.00 55.78 ? 81  LYS A CG  1 
ATOM   617  C CD  . LYS A 1 81  ? 20.914  1.030   2.403   1.00 68.81 ? 81  LYS A CD  1 
ATOM   618  C CE  . LYS A 1 81  ? 20.769  2.500   1.936   1.00 72.79 ? 81  LYS A CE  1 
ATOM   619  N NZ  . LYS A 1 81  ? 21.910  3.405   2.321   1.00 74.80 ? 81  LYS A NZ  1 
ATOM   620  N N   . ILE A 1 82  ? 18.834  -2.817  1.366   1.00 20.75 ? 82  ILE A N   1 
ATOM   621  C CA  . ILE A 1 82  ? 17.480  -2.793  0.872   1.00 23.91 ? 82  ILE A CA  1 
ATOM   622  C C   . ILE A 1 82  ? 16.521  -3.050  2.085   1.00 26.72 ? 82  ILE A C   1 
ATOM   623  O O   . ILE A 1 82  ? 15.437  -2.473  2.178   1.00 28.93 ? 82  ILE A O   1 
ATOM   624  C CB  . ILE A 1 82  ? 17.272  -3.903  -0.156  1.00 26.18 ? 82  ILE A CB  1 
ATOM   625  C CG1 . ILE A 1 82  ? 18.169  -3.619  -1.379  1.00 33.90 ? 82  ILE A CG1 1 
ATOM   626  C CG2 . ILE A 1 82  ? 15.774  -4.024  -0.563  1.00 19.72 ? 82  ILE A CG2 1 
ATOM   627  C CD1 . ILE A 1 82  ? 18.072  -4.669  -2.441  1.00 33.74 ? 82  ILE A CD1 1 
ATOM   628  N N   . LEU A 1 83  ? 16.934  -3.919  3.002   1.00 23.46 ? 83  LEU A N   1 
ATOM   629  C CA  . LEU A 1 83  ? 16.033  -4.249  4.083   1.00 24.63 ? 83  LEU A CA  1 
ATOM   630  C C   . LEU A 1 83  ? 15.836  -3.036  4.987   1.00 28.71 ? 83  LEU A C   1 
ATOM   631  O O   . LEU A 1 83  ? 14.754  -2.767  5.486   1.00 23.83 ? 83  LEU A O   1 
ATOM   632  C CB  . LEU A 1 83  ? 16.549  -5.450  4.846   1.00 21.61 ? 83  LEU A CB  1 
ATOM   633  C CG  . LEU A 1 83  ? 15.655  -5.831  6.031   1.00 20.32 ? 83  LEU A CG  1 
ATOM   634  C CD1 . LEU A 1 83  ? 14.272  -6.168  5.583   1.00 20.86 ? 83  LEU A CD1 1 
ATOM   635  C CD2 . LEU A 1 83  ? 16.353  -6.964  6.768   1.00 27.89 ? 83  LEU A CD2 1 
ATOM   636  N N   . ARG A 1 84  ? 16.871  -2.239  5.133   1.00 28.96 ? 84  ARG A N   1 
ATOM   637  C CA  . ARG A 1 84  ? 16.720  -1.097  5.983   1.00 29.30 ? 84  ARG A CA  1 
ATOM   638  C C   . ARG A 1 84  ? 15.644  -0.165  5.373   1.00 27.65 ? 84  ARG A C   1 
ATOM   639  O O   . ARG A 1 84  ? 14.801  0.385   6.067   1.00 24.96 ? 84  ARG A O   1 
ATOM   640  C CB  . ARG A 1 84  ? 18.091  -0.440  6.102   1.00 33.25 ? 84  ARG A CB  1 
ATOM   641  C CG  . ARG A 1 84  ? 18.139  0.822   6.928   1.00 41.53 ? 84  ARG A CG  1 
ATOM   642  C CD  . ARG A 1 84  ? 19.582  1.347   6.973   1.00 56.54 ? 84  ARG A CD  1 
ATOM   643  N NE  . ARG A 1 84  ? 20.521  0.232   6.875   1.00 53.88 ? 84  ARG A NE  1 
ATOM   644  C CZ  . ARG A 1 84  ? 21.565  0.190   6.040   1.00 65.52 ? 84  ARG A CZ  1 
ATOM   645  N NH1 . ARG A 1 84  ? 21.804  1.230   5.237   1.00 61.34 ? 84  ARG A NH1 1 
ATOM   646  N NH2 . ARG A 1 84  ? 22.344  -0.907  5.973   1.00 52.63 ? 84  ARG A NH2 1 
ATOM   647  N N   . LYS A 1 85  ? 15.629  -0.010  4.055   1.00 20.96 ? 85  LYS A N   1 
ATOM   648  C CA  . LYS A 1 85  ? 14.630  0.908   3.467   1.00 25.96 ? 85  LYS A CA  1 
ATOM   649  C C   . LYS A 1 85  ? 13.215  0.361   3.583   1.00 31.78 ? 85  LYS A C   1 
ATOM   650  O O   . LYS A 1 85  ? 12.282  1.073   3.899   1.00 27.53 ? 85  LYS A O   1 
ATOM   651  C CB  . LYS A 1 85  ? 14.955  1.231   1.985   1.00 30.39 ? 85  LYS A CB  1 
ATOM   652  C CG  . LYS A 1 85  ? 16.365  1.845   1.793   1.00 39.32 ? 85  LYS A CG  1 
ATOM   653  C CD  . LYS A 1 85  ? 16.540  2.973   2.802   1.00 41.80 ? 85  LYS A CD  1 
ATOM   654  C CE  . LYS A 1 85  ? 17.754  3.832   2.536   1.00 51.61 ? 85  LYS A CE  1 
ATOM   655  N NZ  . LYS A 1 85  ? 17.723  5.087   3.372   1.00 59.17 ? 85  LYS A NZ  1 
ATOM   656  N N   . ILE A 1 86  ? 13.074  -0.922  3.310   1.00 24.94 ? 86  ILE A N   1 
ATOM   657  C CA  . ILE A 1 86  ? 11.805  -1.544  3.414   1.00 26.59 ? 86  ILE A CA  1 
ATOM   658  C C   . ILE A 1 86  ? 11.338  -1.484  4.895   1.00 24.69 ? 86  ILE A C   1 
ATOM   659  O O   . ILE A 1 86  ? 10.132  -1.426  5.133   1.00 29.26 ? 86  ILE A O   1 
ATOM   660  C CB  . ILE A 1 86  ? 11.898  -3.012  3.008   1.00 16.82 ? 86  ILE A CB  1 
ATOM   661  C CG1 . ILE A 1 86  ? 12.329  -3.140  1.569   1.00 28.05 ? 86  ILE A CG1 1 
ATOM   662  C CG2 . ILE A 1 86  ? 10.471  -3.633  3.101   1.00 22.50 ? 86  ILE A CG2 1 
ATOM   663  C CD1 . ILE A 1 86  ? 12.381  -4.618  1.238   1.00 30.62 ? 86  ILE A CD1 1 
ATOM   664  N N   . SER A 1 87  ? 12.265  -1.525  5.878   1.00 23.42 ? 87  SER A N   1 
ATOM   665  C CA  . SER A 1 87  ? 11.834  -1.469  7.310   1.00 27.07 ? 87  SER A CA  1 
ATOM   666  C C   . SER A 1 87  ? 11.257  -0.111  7.618   1.00 26.55 ? 87  SER A C   1 
ATOM   667  O O   . SER A 1 87  ? 10.272  0.062   8.366   1.00 27.07 ? 87  SER A O   1 
ATOM   668  C CB  . SER A 1 87  ? 12.993  -1.711  8.273   1.00 23.83 ? 87  SER A CB  1 
ATOM   669  O OG  . SER A 1 87  ? 13.583  -2.930  7.949   1.00 37.46 ? 87  SER A OG  1 
ATOM   670  N N   . SER A 1 88  ? 11.876  0.883   7.028   1.00 24.69 ? 88  SER A N   1 
ATOM   671  C CA  . SER A 1 88  ? 11.399  2.227   7.228   1.00 25.72 ? 88  SER A CA  1 
ATOM   672  C C   . SER A 1 88  ? 9.978   2.396   6.643   1.00 27.53 ? 88  SER A C   1 
ATOM   673  O O   . SER A 1 88  ? 9.107   3.043   7.217   1.00 26.01 ? 88  SER A O   1 
ATOM   674  C CB  . SER A 1 88  ? 12.400  3.205   6.595   1.00 24.70 ? 88  SER A CB  1 
ATOM   675  O OG  . SER A 1 88  ? 11.808  4.486   6.610   1.00 38.51 ? 88  SER A OG  1 
ATOM   676  N N   . ILE A 1 89  ? 9.730   1.805   5.487   1.00 19.90 ? 89  ILE A N   1 
ATOM   677  C CA  . ILE A 1 89  ? 8.425   1.893   4.906   1.00 22.67 ? 89  ILE A CA  1 
ATOM   678  C C   . ILE A 1 89  ? 7.443   1.150   5.776   1.00 19.55 ? 89  ILE A C   1 
ATOM   679  O O   . ILE A 1 89  ? 6.295   1.571   5.911   1.00 24.08 ? 89  ILE A O   1 
ATOM   680  C CB  . ILE A 1 89  ? 8.392   1.259   3.503   1.00 19.84 ? 89  ILE A CB  1 
ATOM   681  C CG1 . ILE A 1 89  ? 9.208   2.140   2.568   1.00 23.77 ? 89  ILE A CG1 1 
ATOM   682  C CG2 . ILE A 1 89  ? 6.959   1.113   2.974   1.00 12.79 ? 89  ILE A CG2 1 
ATOM   683  C CD1 . ILE A 1 89  ? 9.406   1.523   1.211   1.00 21.23 ? 89  ILE A CD1 1 
ATOM   684  N N   . ALA A 1 90  ? 7.906   0.040   6.332   1.00 25.60 ? 90  ALA A N   1 
ATOM   685  C CA  . ALA A 1 90  ? 7.039   -0.829  7.110   1.00 25.41 ? 90  ALA A CA  1 
ATOM   686  C C   . ALA A 1 90  ? 6.649   -0.094  8.374   1.00 27.53 ? 90  ALA A C   1 
ATOM   687  O O   . ALA A 1 90  ? 5.508   -0.186  8.869   1.00 27.97 ? 90  ALA A O   1 
ATOM   688  C CB  . ALA A 1 90  ? 7.758   -2.095  7.459   1.00 24.65 ? 90  ALA A CB  1 
ATOM   689  N N   . ASN A 1 91  ? 7.623   0.597   8.911   1.00 28.05 ? 91  ASN A N   1 
ATOM   690  C CA  . ASN A 1 91  ? 7.384   1.347   10.134  1.00 28.97 ? 91  ASN A CA  1 
ATOM   691  C C   . ASN A 1 91  ? 6.341   2.440   9.835   1.00 27.44 ? 91  ASN A C   1 
ATOM   692  O O   . ASN A 1 91  ? 5.394   2.593   10.604  1.00 30.90 ? 91  ASN A O   1 
ATOM   693  C CB  . ASN A 1 91  ? 8.701   1.896   10.668  1.00 24.15 ? 91  ASN A CB  1 
ATOM   694  C CG  . ASN A 1 91  ? 8.486   2.885   11.768  1.00 47.10 ? 91  ASN A CG  1 
ATOM   695  O OD1 . ASN A 1 91  ? 7.960   3.982   11.542  1.00 45.63 ? 91  ASN A OD1 1 
ATOM   696  N ND2 . ASN A 1 91  ? 8.854   2.508   12.964  1.00 39.05 ? 91  ASN A ND2 1 
ATOM   697  N N   . SER A 1 92  ? 6.470   3.133   8.696   1.00 28.62 ? 92  SER A N   1 
ATOM   698  C CA  . SER A 1 92  ? 5.494   4.161   8.288   1.00 25.11 ? 92  SER A CA  1 
ATOM   699  C C   . SER A 1 92  ? 4.078   3.635   8.161   1.00 31.64 ? 92  SER A C   1 
ATOM   700  O O   . SER A 1 92  ? 3.105   4.339   8.470   1.00 30.95 ? 92  SER A O   1 
ATOM   701  C CB  . SER A 1 92  ? 5.833   4.734   6.932   1.00 23.20 ? 92  SER A CB  1 
ATOM   702  O OG  . SER A 1 92  ? 6.997   5.508   7.068   1.00 26.65 ? 92  SER A OG  1 
ATOM   703  N N   . PHE A 1 93  ? 3.977   2.408   7.678   1.00 20.96 ? 93  PHE A N   1 
ATOM   704  C CA  . PHE A 1 93  ? 2.680   1.767   7.431   1.00 28.43 ? 93  PHE A CA  1 
ATOM   705  C C   . PHE A 1 93  ? 2.045   1.425   8.773   1.00 25.77 ? 93  PHE A C   1 
ATOM   706  O O   . PHE A 1 93  ? 0.839   1.524   8.937   1.00 32.51 ? 93  PHE A O   1 
ATOM   707  C CB  . PHE A 1 93  ? 2.864   0.486   6.637   1.00 24.23 ? 93  PHE A CB  1 
ATOM   708  C CG  . PHE A 1 93  ? 2.910   0.680   5.131   1.00 32.22 ? 93  PHE A CG  1 
ATOM   709  C CD1 . PHE A 1 93  ? 2.539   -0.348  4.280   1.00 36.60 ? 93  PHE A CD1 1 
ATOM   710  C CD2 . PHE A 1 93  ? 3.281   1.915   4.561   1.00 42.15 ? 93  PHE A CD2 1 
ATOM   711  C CE1 . PHE A 1 93  ? 2.530   -0.145  2.864   1.00 45.82 ? 93  PHE A CE1 1 
ATOM   712  C CE2 . PHE A 1 93  ? 3.270   2.119   3.154   1.00 38.81 ? 93  PHE A CE2 1 
ATOM   713  C CZ  . PHE A 1 93  ? 2.895   1.098   2.313   1.00 24.66 ? 93  PHE A CZ  1 
ATOM   714  N N   . LEU A 1 94  ? 2.872   0.981   9.703   1.00 18.12 ? 94  LEU A N   1 
ATOM   715  C CA  . LEU A 1 94  ? 2.370   0.648   11.049  1.00 33.24 ? 94  LEU A CA  1 
ATOM   716  C C   . LEU A 1 94  ? 1.804   1.930   11.641  1.00 23.46 ? 94  LEU A C   1 
ATOM   717  O O   . LEU A 1 94  ? 0.734   1.921   12.264  1.00 30.33 ? 94  LEU A O   1 
ATOM   718  C CB  . LEU A 1 94  ? 3.484   0.124   11.954  1.00 26.06 ? 94  LEU A CB  1 
ATOM   719  C CG  . LEU A 1 94  ? 4.022   -1.278  11.656  1.00 31.00 ? 94  LEU A CG  1 
ATOM   720  C CD1 . LEU A 1 94  ? 5.109   -1.670  12.662  1.00 25.67 ? 94  LEU A CD1 1 
ATOM   721  C CD2 . LEU A 1 94  ? 2.885   -2.255  11.663  1.00 26.35 ? 94  LEU A CD2 1 
ATOM   722  N N   . TYR A 1 95  ? 2.483   3.045   11.384  1.00 30.48 ? 95  TYR A N   1 
ATOM   723  C CA  . TYR A 1 95  ? 2.041   4.339   11.910  1.00 33.37 ? 95  TYR A CA  1 
ATOM   724  C C   . TYR A 1 95  ? 0.702   4.731   11.244  1.00 39.40 ? 95  TYR A C   1 
ATOM   725  O O   . TYR A 1 95  ? -0.273  5.198   11.895  1.00 24.57 ? 95  TYR A O   1 
ATOM   726  C CB  . TYR A 1 95  ? 3.123   5.408   11.660  1.00 25.47 ? 95  TYR A CB  1 
ATOM   727  C CG  . TYR A 1 95  ? 2.783   6.750   12.272  1.00 32.93 ? 95  TYR A CG  1 
ATOM   728  C CD1 . TYR A 1 95  ? 2.644   6.888   13.655  1.00 32.91 ? 95  TYR A CD1 1 
ATOM   729  C CD2 . TYR A 1 95  ? 2.551   7.885   11.458  1.00 24.60 ? 95  TYR A CD2 1 
ATOM   730  C CE1 . TYR A 1 95  ? 2.270   8.128   14.219  1.00 26.45 ? 95  TYR A CE1 1 
ATOM   731  C CE2 . TYR A 1 95  ? 2.182   9.105   12.006  1.00 31.36 ? 95  TYR A CE2 1 
ATOM   732  C CZ  . TYR A 1 95  ? 2.046   9.225   13.389  1.00 34.46 ? 95  TYR A CZ  1 
ATOM   733  O OH  . TYR A 1 95  ? 1.752   10.470  13.954  1.00 33.46 ? 95  TYR A OH  1 
ATOM   734  N N   . MET A 1 96  ? 0.663   4.572   9.931   1.00 24.90 ? 96  MET A N   1 
ATOM   735  C CA  . MET A 1 96  ? -0.556  4.863   9.205   1.00 30.69 ? 96  MET A CA  1 
ATOM   736  C C   . MET A 1 96  ? -1.686  3.992   9.769   1.00 28.65 ? 96  MET A C   1 
ATOM   737  O O   . MET A 1 96  ? -2.795  4.470   9.879   1.00 28.88 ? 96  MET A O   1 
ATOM   738  C CB  . MET A 1 96  ? -0.391  4.595   7.704   1.00 19.68 ? 96  MET A CB  1 
ATOM   739  C CG  . MET A 1 96  ? 0.359   5.678   7.011   1.00 27.89 ? 96  MET A CG  1 
ATOM   740  S SD  . MET A 1 96  ? 0.396   5.342   5.294   1.00 38.72 ? 96  MET A SD  1 
ATOM   741  C CE  . MET A 1 96  ? 1.400   4.050   5.328   1.00 48.02 ? 96  MET A CE  1 
ATOM   742  N N   . GLN A 1 97  ? -1.440  2.720   10.122  1.00 19.91 ? 97  GLN A N   1 
ATOM   743  C CA  . GLN A 1 97  ? -2.563  1.936   10.674  1.00 28.69 ? 97  GLN A CA  1 
ATOM   744  C C   . GLN A 1 97  ? -2.937  2.505   12.041  1.00 30.53 ? 97  GLN A C   1 
ATOM   745  O O   . GLN A 1 97  ? -4.087  2.504   12.452  1.00 30.96 ? 97  GLN A O   1 
ATOM   746  C CB  . GLN A 1 97  ? -2.164  0.481   10.910  1.00 29.78 ? 97  GLN A CB  1 
ATOM   747  C CG  . GLN A 1 97  ? -1.915  -0.288  9.654   1.00 27.92 ? 97  GLN A CG  1 
ATOM   748  C CD  . GLN A 1 97  ? -1.600  -1.739  9.981   1.00 30.31 ? 97  GLN A CD  1 
ATOM   749  O OE1 . GLN A 1 97  ? -0.645  -2.033  10.706  1.00 31.91 ? 97  GLN A OE1 1 
ATOM   750  N NE2 . GLN A 1 97  ? -2.416  -2.656  9.459   1.00 35.86 ? 97  GLN A NE2 1 
ATOM   751  N N   . LYS A 1 98  ? -1.942  2.971   12.776  1.00 26.97 ? 98  LYS A N   1 
ATOM   752  C CA  . LYS A 1 98  ? -2.252  3.483   14.113  1.00 33.69 ? 98  LYS A CA  1 
ATOM   753  C C   . LYS A 1 98  ? -3.088  4.712   13.949  1.00 35.99 ? 98  LYS A C   1 
ATOM   754  O O   . LYS A 1 98  ? -4.109  4.894   14.582  1.00 34.77 ? 98  LYS A O   1 
ATOM   755  C CB  . LYS A 1 98  ? -0.986  3.851   14.890  1.00 29.50 ? 98  LYS A CB  1 
ATOM   756  C CG  . LYS A 1 98  ? -1.301  4.230   16.311  1.00 47.86 ? 98  LYS A CG  1 
ATOM   757  C CD  . LYS A 1 98  ? -0.162  4.948   16.983  1.00 56.19 ? 98  LYS A CD  1 
ATOM   758  C CE  . LYS A 1 98  ? -0.058  6.398   16.511  1.00 59.40 ? 98  LYS A CE  1 
ATOM   759  N NZ  . LYS A 1 98  ? 0.653   7.239   17.534  1.00 61.46 ? 98  LYS A NZ  1 
ATOM   760  N N   . THR A 1 99  ? -2.665  5.565   13.045  1.00 30.65 ? 99  THR A N   1 
ATOM   761  C CA  . THR A 1 99  ? -3.398  6.791   12.833  1.00 39.57 ? 99  THR A CA  1 
ATOM   762  C C   . THR A 1 99  ? -4.829  6.526   12.422  1.00 43.16 ? 99  THR A C   1 
ATOM   763  O O   . THR A 1 99  ? -5.754  7.144   12.925  1.00 44.08 ? 99  THR A O   1 
ATOM   764  C CB  . THR A 1 99  ? -2.655  7.619   11.798  1.00 39.30 ? 99  THR A CB  1 
ATOM   765  O OG1 . THR A 1 99  ? -1.448  8.113   12.402  1.00 52.23 ? 99  THR A OG1 1 
ATOM   766  C CG2 . THR A 1 99  ? -3.444  8.721   11.373  1.00 43.35 ? 99  THR A CG2 1 
ATOM   767  N N   . LEU A 1 100 ? -5.010  5.581   11.518  1.00 35.67 ? 100 LEU A N   1 
ATOM   768  C CA  . LEU A 1 100 ? -6.314  5.267   11.008  1.00 38.21 ? 100 LEU A CA  1 
ATOM   769  C C   . LEU A 1 100 ? -7.171  4.759   12.116  1.00 39.82 ? 100 LEU A C   1 
ATOM   770  O O   . LEU A 1 100 ? -8.347  5.084   12.175  1.00 41.15 ? 100 LEU A O   1 
ATOM   771  C CB  . LEU A 1 100 ? -6.211  4.234   9.907   1.00 40.81 ? 100 LEU A CB  1 
ATOM   772  C CG  . LEU A 1 100 ? -6.487  4.759   8.517   1.00 48.17 ? 100 LEU A CG  1 
ATOM   773  C CD1 . LEU A 1 100 ? -6.537  3.563   7.562   1.00 57.45 ? 100 LEU A CD1 1 
ATOM   774  C CD2 . LEU A 1 100 ? -7.825  5.484   8.495   1.00 43.53 ? 100 LEU A CD2 1 
ATOM   775  N N   . ARG A 1 101 ? -6.609  3.956   13.010  1.00 44.23 ? 101 ARG A N   1 
ATOM   776  C CA  . ARG A 1 101 ? -7.451  3.488   14.098  1.00 46.30 ? 101 ARG A CA  1 
ATOM   777  C C   . ARG A 1 101 ? -7.995  4.742   14.771  1.00 52.33 ? 101 ARG A C   1 
ATOM   778  O O   . ARG A 1 101 ? -9.196  4.992   14.719  1.00 54.62 ? 101 ARG A O   1 
ATOM   779  C CB  . ARG A 1 101 ? -6.660  2.680   15.102  1.00 51.91 ? 101 ARG A CB  1 
ATOM   780  C CG  . ARG A 1 101 ? -6.777  1.209   14.963  1.00 49.56 ? 101 ARG A CG  1 
ATOM   781  C CD  . ARG A 1 101 ? -5.585  0.583   15.593  1.00 55.59 ? 101 ARG A CD  1 
ATOM   782  N NE  . ARG A 1 101 ? -5.067  -0.451  14.711  1.00 69.43 ? 101 ARG A NE  1 
ATOM   783  C CZ  . ARG A 1 101 ? -3.774  -0.720  14.542  1.00 71.80 ? 101 ARG A CZ  1 
ATOM   784  N NH1 . ARG A 1 101 ? -3.412  -1.689  13.711  1.00 48.48 ? 101 ARG A NH1 1 
ATOM   785  N NH2 . ARG A 1 101 ? -2.848  -0.011  15.193  1.00 74.13 ? 101 ARG A NH2 1 
ATOM   786  N N   . GLN A 1 102 ? -7.099  5.551   15.344  1.00 53.08 ? 102 GLN A N   1 
ATOM   787  C CA  . GLN A 1 102 ? -7.474  6.792   16.043  1.00 56.40 ? 102 GLN A CA  1 
ATOM   788  C C   . GLN A 1 102 ? -8.627  7.504   15.363  1.00 59.50 ? 102 GLN A C   1 
ATOM   789  O O   . GLN A 1 102 ? -9.520  8.027   16.013  1.00 65.90 ? 102 GLN A O   1 
ATOM   790  C CB  . GLN A 1 102 ? -6.318  7.777   16.085  1.00 62.76 ? 102 GLN A CB  1 
ATOM   791  C CG  . GLN A 1 102 ? -5.075  7.370   16.821  1.00 68.69 ? 102 GLN A CG  1 
ATOM   792  C CD  . GLN A 1 102 ? -3.925  8.317   16.478  1.00 76.69 ? 102 GLN A CD  1 
ATOM   793  O OE1 . GLN A 1 102 ? -2.769  8.023   16.763  1.00 79.05 ? 102 GLN A OE1 1 
ATOM   794  N NE2 . GLN A 1 102 ? -4.249  9.464   15.849  1.00 75.21 ? 102 GLN A NE2 1 
ATOM   795  N N   . CYS A 1 103 ? -8.582  7.536   14.044  1.00 60.72 ? 103 CYS A N   1 
ATOM   796  C CA  . CYS A 1 103 ? -9.613  8.179   13.255  1.00 69.30 ? 103 CYS A CA  1 
ATOM   797  C C   . CYS A 1 103 ? -10.934 7.451   13.400  1.00 71.92 ? 103 CYS A C   1 
ATOM   798  O O   . CYS A 1 103 ? -11.614 7.571   14.406  1.00 74.51 ? 103 CYS A O   1 
ATOM   799  C CB  . CYS A 1 103 ? -9.201  8.142   11.801  1.00 72.75 ? 103 CYS A CB  1 
ATOM   800  S SG  . CYS A 1 103 ? -9.355  9.716   10.920  1.00 81.37 ? 103 CYS A SG  1 
ATOM   801  N N   . GLN A 1 104 ? -11.273 6.694   12.355  1.00 82.69 ? 104 GLN A N   1 
ATOM   802  C CA  . GLN A 1 104 ? -12.488 5.895   12.277  1.00 83.78 ? 104 GLN A CA  1 
ATOM   803  C C   . GLN A 1 104 ? -13.542 6.210   13.355  1.00 83.52 ? 104 GLN A C   1 
ATOM   804  O O   . GLN A 1 104 ? -13.563 5.612   14.437  1.00 83.01 ? 104 GLN A O   1 
ATOM   805  C CB  . GLN A 1 104 ? -12.110 4.426   12.310  1.00 79.99 ? 104 GLN A CB  1 
ATOM   806  N N   . GLN A 1 108 ? -16.257 5.648   11.763  1.00 71.28 ? 108 GLN A N   1 
ATOM   807  C CA  . GLN A 1 108 ? -16.902 4.928   10.655  1.00 82.77 ? 108 GLN A CA  1 
ATOM   808  C C   . GLN A 1 108 ? -15.941 3.962   9.950   1.00 82.64 ? 108 GLN A C   1 
ATOM   809  O O   . GLN A 1 108 ? -15.495 2.961   10.525  1.00 85.51 ? 108 GLN A O   1 
ATOM   810  C CB  . GLN A 1 108 ? -17.456 5.928   9.638   1.00 80.01 ? 108 GLN A CB  1 
ATOM   811  N N   . CYS A 1 109 ? -15.646 4.277   8.691   1.00 81.25 ? 109 CYS A N   1 
ATOM   812  C CA  . CYS A 1 109 ? -14.729 3.494   7.875   1.00 75.12 ? 109 CYS A CA  1 
ATOM   813  C C   . CYS A 1 109 ? -15.145 2.028   7.665   1.00 75.86 ? 109 CYS A C   1 
ATOM   814  O O   . CYS A 1 109 ? -14.275 1.162   7.557   1.00 82.61 ? 109 CYS A O   1 
ATOM   815  C CB  . CYS A 1 109 ? -13.327 3.568   8.496   1.00 67.25 ? 109 CYS A CB  1 
ATOM   816  S SG  . CYS A 1 109 ? -11.897 3.124   7.436   1.00 66.09 ? 109 CYS A SG  1 
ATOM   817  N N   . HIS A 1 110 ? -16.454 1.742   7.598   1.00 67.69 ? 110 HIS A N   1 
ATOM   818  C CA  . HIS A 1 110 ? -16.935 0.361   7.364   1.00 61.03 ? 110 HIS A CA  1 
ATOM   819  C C   . HIS A 1 110 ? -16.688 -0.136  5.908   1.00 54.30 ? 110 HIS A C   1 
ATOM   820  O O   . HIS A 1 110 ? -16.606 0.654   4.964   1.00 41.83 ? 110 HIS A O   1 
ATOM   821  C CB  . HIS A 1 110 ? -18.437 0.267   7.682   1.00 77.06 ? 110 HIS A CB  1 
ATOM   822  C CG  . HIS A 1 110 ? -19.054 -1.070  7.380   1.00 91.08 ? 110 HIS A CG  1 
ATOM   823  N ND1 . HIS A 1 110 ? -18.562 -2.256  7.889   1.00 99.87 ? 110 HIS A ND1 1 
ATOM   824  C CD2 . HIS A 1 110 ? -20.154 -1.401  6.656   1.00 95.55 ? 110 HIS A CD2 1 
ATOM   825  C CE1 . HIS A 1 110 ? -19.332 -3.259  7.494   1.00 98.63 ? 110 HIS A CE1 1 
ATOM   826  N NE2 . HIS A 1 110 ? -20.305 -2.766  6.746   1.00 99.48 ? 110 HIS A NE2 1 
ATOM   827  N N   . CYS A 1 111 ? -16.579 -1.441  5.715   1.00 36.78 ? 111 CYS A N   1 
ATOM   828  C CA  . CYS A 1 111 ? -16.359 -1.958  4.372   1.00 45.11 ? 111 CYS A CA  1 
ATOM   829  C C   . CYS A 1 111 ? -17.628 -2.487  3.678   1.00 38.41 ? 111 CYS A C   1 
ATOM   830  O O   . CYS A 1 111 ? -18.104 -3.585  3.999   1.00 40.57 ? 111 CYS A O   1 
ATOM   831  C CB  . CYS A 1 111 ? -15.299 -3.082  4.384   1.00 31.44 ? 111 CYS A CB  1 
ATOM   832  S SG  . CYS A 1 111 ? -13.591 -2.534  4.651   1.00 37.51 ? 111 CYS A SG  1 
ATOM   833  N N   . ARG A 1 112 ? -18.149 -1.704  2.732   1.00 40.31 ? 112 ARG A N   1 
ATOM   834  C CA  . ARG A 1 112 ? -19.312 -2.114  1.923   1.00 41.79 ? 112 ARG A CA  1 
ATOM   835  C C   . ARG A 1 112 ? -18.801 -3.239  1.038   1.00 44.29 ? 112 ARG A C   1 
ATOM   836  O O   . ARG A 1 112 ? -17.584 -3.335  0.777   1.00 33.04 ? 112 ARG A O   1 
ATOM   837  C CB  . ARG A 1 112 ? -19.796 -0.962  1.045   1.00 41.81 ? 112 ARG A CB  1 
ATOM   838  C CG  . ARG A 1 112 ? -20.888 -0.078  1.658   1.00 58.27 ? 112 ARG A CG  1 
ATOM   839  C CD  . ARG A 1 112 ? -20.640 1.434   1.478   1.00 61.50 ? 112 ARG A CD  1 
ATOM   840  N NE  . ARG A 1 112 ? -20.427 1.911   0.099   1.00 67.06 ? 112 ARG A NE  1 
ATOM   841  C CZ  . ARG A 1 112 ? -20.329 3.208   -0.236  1.00 74.93 ? 112 ARG A CZ  1 
ATOM   842  N NH1 . ARG A 1 112 ? -20.431 4.164   0.685   1.00 68.02 ? 112 ARG A NH1 1 
ATOM   843  N NH2 . ARG A 1 112 ? -20.115 3.570   -1.495  1.00 79.82 ? 112 ARG A NH2 1 
ATOM   844  N N   . GLN A 1 113 ? -19.704 -4.106  0.600   1.00 33.73 ? 113 GLN A N   1 
ATOM   845  C CA  . GLN A 1 113 ? -19.330 -5.220  -0.237  1.00 35.75 ? 113 GLN A CA  1 
ATOM   846  C C   . GLN A 1 113 ? -18.464 -4.846  -1.464  1.00 34.08 ? 113 GLN A C   1 
ATOM   847  O O   . GLN A 1 113 ? -17.608 -5.620  -1.840  1.00 32.23 ? 113 GLN A O   1 
ATOM   848  C CB  . GLN A 1 113 ? -20.576 -5.963  -0.704  1.00 40.39 ? 113 GLN A CB  1 
ATOM   849  C CG  . GLN A 1 113 ? -20.292 -7.413  -1.076  1.00 42.98 ? 113 GLN A CG  1 
ATOM   850  C CD  . GLN A 1 113 ? -19.396 -8.151  -0.059  1.00 60.10 ? 113 GLN A CD  1 
ATOM   851  O OE1 . GLN A 1 113 ? -19.729 -8.297  1.143   1.00 49.96 ? 113 GLN A OE1 1 
ATOM   852  N NE2 . GLN A 1 113 ? -18.255 -8.626  -0.550  1.00 51.18 ? 113 GLN A NE2 1 
ATOM   853  N N   . GLU A 1 114 ? -18.675 -3.688  -2.083  1.00 31.33 ? 114 GLU A N   1 
ATOM   854  C CA  . GLU A 1 114 ? -17.856 -3.294  -3.257  1.00 40.33 ? 114 GLU A CA  1 
ATOM   855  C C   . GLU A 1 114 ? -16.377 -3.038  -2.878  1.00 42.18 ? 114 GLU A C   1 
ATOM   856  O O   . GLU A 1 114 ? -15.448 -3.353  -3.621  1.00 32.34 ? 114 GLU A O   1 
ATOM   857  C CB  . GLU A 1 114 ? -18.437 -2.021  -3.900  1.00 41.53 ? 114 GLU A CB  1 
ATOM   858  C CG  . GLU A 1 114 ? -17.502 -1.274  -4.897  1.00 71.18 ? 114 GLU A CG  1 
ATOM   859  C CD  . GLU A 1 114 ? -17.672 -1.686  -6.368  1.00 76.63 ? 114 GLU A CD  1 
ATOM   860  O OE1 . GLU A 1 114 ? -18.829 -1.852  -6.808  1.00 88.07 ? 114 GLU A OE1 1 
ATOM   861  O OE2 . GLU A 1 114 ? -16.656 -1.820  -7.094  1.00 72.01 ? 114 GLU A OE2 1 
ATOM   862  N N   . ALA A 1 115 ? -16.182 -2.445  -1.711  1.00 24.79 ? 115 ALA A N   1 
ATOM   863  C CA  . ALA A 1 115 ? -14.853 -2.124  -1.206  1.00 27.66 ? 115 ALA A CA  1 
ATOM   864  C C   . ALA A 1 115 ? -14.199 -3.468  -0.867  1.00 32.69 ? 115 ALA A C   1 
ATOM   865  O O   . ALA A 1 115 ? -13.013 -3.718  -1.179  1.00 26.92 ? 115 ALA A O   1 
ATOM   866  C CB  . ALA A 1 115 ? -14.966 -1.260  0.072   1.00 27.08 ? 115 ALA A CB  1 
ATOM   867  N N   . THR A 1 116 ? -14.968 -4.326  -0.211  1.00 26.56 ? 116 THR A N   1 
ATOM   868  C CA  . THR A 1 116 ? -14.440 -5.637  0.145   1.00 24.86 ? 116 THR A CA  1 
ATOM   869  C C   . THR A 1 116 ? -14.016 -6.441  -1.100  1.00 22.04 ? 116 THR A C   1 
ATOM   870  O O   . THR A 1 116 ? -12.975 -7.111  -1.148  1.00 29.89 ? 116 THR A O   1 
ATOM   871  C CB  . THR A 1 116 ? -15.497 -6.377  0.958   1.00 27.06 ? 116 THR A CB  1 
ATOM   872  O OG1 . THR A 1 116 ? -15.658 -5.692  2.232   1.00 26.97 ? 116 THR A OG1 1 
ATOM   873  C CG2 . THR A 1 116 ? -15.051 -7.838  1.228   1.00 30.88 ? 116 THR A CG2 1 
ATOM   874  N N   . ASN A 1 117 ? -14.819 -6.377  -2.129  1.00 29.46 ? 117 ASN A N   1 
ATOM   875  C CA  . ASN A 1 117 ? -14.483 -7.126  -3.298  1.00 26.91 ? 117 ASN A CA  1 
ATOM   876  C C   . ASN A 1 117 ? -13.238 -6.576  -3.993  1.00 40.33 ? 117 ASN A C   1 
ATOM   877  O O   . ASN A 1 117 ? -12.360 -7.342  -4.483  1.00 30.98 ? 117 ASN A O   1 
ATOM   878  C CB  . ASN A 1 117 ? -15.688 -7.119  -4.232  1.00 34.80 ? 117 ASN A CB  1 
ATOM   879  C CG  . ASN A 1 117 ? -16.887 -7.953  -3.642  1.00 46.28 ? 117 ASN A CG  1 
ATOM   880  O OD1 . ASN A 1 117 ? -16.692 -8.848  -2.805  1.00 43.79 ? 117 ASN A OD1 1 
ATOM   881  N ND2 . ASN A 1 117 ? -18.097 -7.653  -4.083  1.00 49.59 ? 117 ASN A ND2 1 
ATOM   882  N N   . ALA A 1 118 ? -13.166 -5.249  -4.030  1.00 28.53 ? 118 ALA A N   1 
ATOM   883  C CA  . ALA A 1 118 ? -12.069 -4.563  -4.688  1.00 38.95 ? 118 ALA A CA  1 
ATOM   884  C C   . ALA A 1 118 ? -10.773 -5.011  -4.032  1.00 33.92 ? 118 ALA A C   1 
ATOM   885  O O   . ALA A 1 118 ? -9.760  -5.240  -4.680  1.00 34.11 ? 118 ALA A O   1 
ATOM   886  C CB  . ALA A 1 118 ? -12.264 -3.040  -4.575  1.00 39.74 ? 118 ALA A CB  1 
ATOM   887  N N   . THR A 1 119 ? -10.857 -5.201  -2.732  1.00 28.82 ? 119 THR A N   1 
ATOM   888  C CA  . THR A 1 119 ? -9.752  -5.645  -1.938  1.00 28.53 ? 119 THR A CA  1 
ATOM   889  C C   . THR A 1 119 ? -9.416  -7.120  -2.221  1.00 35.99 ? 119 THR A C   1 
ATOM   890  O O   . THR A 1 119 ? -8.240  -7.500  -2.306  1.00 28.59 ? 119 THR A O   1 
ATOM   891  C CB  . THR A 1 119 ? -10.109 -5.527  -0.456  1.00 31.28 ? 119 THR A CB  1 
ATOM   892  O OG1 . THR A 1 119 ? -10.268 -4.152  -0.122  1.00 34.96 ? 119 THR A OG1 1 
ATOM   893  C CG2 . THR A 1 119 ? -9.022  -6.166  0.414   1.00 25.75 ? 119 THR A CG2 1 
ATOM   894  N N   . ARG A 1 120 ? -10.438 -7.969  -2.319  1.00 23.77 ? 120 ARG A N   1 
ATOM   895  C CA  . ARG A 1 120 ? -10.162 -9.381  -2.567  1.00 27.53 ? 120 ARG A CA  1 
ATOM   896  C C   . ARG A 1 120 ? -9.514  -9.620  -3.934  1.00 26.30 ? 120 ARG A C   1 
ATOM   897  O O   . ARG A 1 120 ? -8.748  -10.567 -4.119  1.00 30.38 ? 120 ARG A O   1 
ATOM   898  C CB  . ARG A 1 120 ? -11.452 -10.197 -2.445  1.00 28.39 ? 120 ARG A CB  1 
ATOM   899  C CG  . ARG A 1 120 ? -11.942 -10.274 -0.978  1.00 34.32 ? 120 ARG A CG  1 
ATOM   900  C CD  . ARG A 1 120 ? -13.203 -11.137 -0.977  1.00 31.58 ? 120 ARG A CD  1 
ATOM   901  N NE  . ARG A 1 120 ? -13.921 -11.057 0.279   1.00 41.50 ? 120 ARG A NE  1 
ATOM   902  C CZ  . ARG A 1 120 ? -15.237 -11.227 0.333   1.00 38.73 ? 120 ARG A CZ  1 
ATOM   903  N NH1 . ARG A 1 120 ? -15.936 -11.484 -0.790  1.00 31.81 ? 120 ARG A NH1 1 
ATOM   904  N NH2 . ARG A 1 120 ? -15.850 -11.137 1.487   1.00 29.06 ? 120 ARG A NH2 1 
ATOM   905  N N   . VAL A 1 121 ? -9.825  -8.763  -4.886  1.00 24.63 ? 121 VAL A N   1 
ATOM   906  C CA  . VAL A 1 121 ? -9.215  -8.892  -6.218  1.00 27.58 ? 121 VAL A CA  1 
ATOM   907  C C   . VAL A 1 121 ? -7.708  -8.846  -6.071  1.00 32.40 ? 121 VAL A C   1 
ATOM   908  O O   . VAL A 1 121 ? -6.991  -9.654  -6.698  1.00 28.61 ? 121 VAL A O   1 
ATOM   909  C CB  . VAL A 1 121 ? -9.667  -7.740  -7.150  1.00 31.40 ? 121 VAL A CB  1 
ATOM   910  C CG1 . VAL A 1 121 ? -8.772  -7.705  -8.487  1.00 26.98 ? 121 VAL A CG1 1 
ATOM   911  C CG2 . VAL A 1 121 ? -11.131 -7.970  -7.517  1.00 21.66 ? 121 VAL A CG2 1 
ATOM   912  N N   . ILE A 1 122 ? -7.223  -7.923  -5.220  1.00 26.44 ? 122 ILE A N   1 
ATOM   913  C CA  . ILE A 1 122 ? -5.780  -7.797  -5.006  1.00 19.28 ? 122 ILE A CA  1 
ATOM   914  C C   . ILE A 1 122 ? -5.218  -9.025  -4.374  1.00 27.30 ? 122 ILE A C   1 
ATOM   915  O O   . ILE A 1 122 ? -4.187  -9.545  -4.817  1.00 20.90 ? 122 ILE A O   1 
ATOM   916  C CB  . ILE A 1 122 ? -5.474  -6.559  -4.147  1.00 20.90 ? 122 ILE A CB  1 
ATOM   917  C CG1 . ILE A 1 122 ? -5.792  -5.305  -5.005  1.00 20.09 ? 122 ILE A CG1 1 
ATOM   918  C CG2 . ILE A 1 122 ? -4.060  -6.675  -3.521  1.00 20.12 ? 122 ILE A CG2 1 
ATOM   919  C CD1 . ILE A 1 122 ? -6.010  -4.016  -4.168  1.00 27.11 ? 122 ILE A CD1 1 
ATOM   920  N N   . HIS A 1 123 ? -5.891  -9.540  -3.343  1.00 27.76 ? 123 HIS A N   1 
ATOM   921  C CA  . HIS A 1 123 ? -5.358  -10.743 -2.691  1.00 27.44 ? 123 HIS A CA  1 
ATOM   922  C C   . HIS A 1 123 ? -5.378  -11.886 -3.695  1.00 18.71 ? 123 HIS A C   1 
ATOM   923  O O   . HIS A 1 123 ? -4.458  -12.713 -3.736  1.00 26.13 ? 123 HIS A O   1 
ATOM   924  C CB  . HIS A 1 123 ? -6.179  -11.088 -1.439  1.00 23.62 ? 123 HIS A CB  1 
ATOM   925  C CG  . HIS A 1 123 ? -5.826  -10.242 -0.259  1.00 21.57 ? 123 HIS A CG  1 
ATOM   926  N ND1 . HIS A 1 123 ? -4.811  -10.577 0.599   1.00 21.74 ? 123 HIS A ND1 1 
ATOM   927  C CD2 . HIS A 1 123 ? -6.345  -9.079  0.204   1.00 22.64 ? 123 HIS A CD2 1 
ATOM   928  C CE1 . HIS A 1 123 ? -4.718  -9.673  1.563   1.00 20.16 ? 123 HIS A CE1 1 
ATOM   929  N NE2 . HIS A 1 123 ? -5.642  -8.747  1.342   1.00 23.47 ? 123 HIS A NE2 1 
ATOM   930  N N   . ASP A 1 124 ? -6.400  -11.875 -4.523  1.00 23.96 ? 124 ASP A N   1 
ATOM   931  C CA  . ASP A 1 124 ? -6.511  -12.896 -5.515  1.00 26.86 ? 124 ASP A CA  1 
ATOM   932  C C   . ASP A 1 124 ? -5.380  -12.743 -6.537  1.00 34.98 ? 124 ASP A C   1 
ATOM   933  O O   . ASP A 1 124 ? -4.829  -13.723 -6.981  1.00 29.07 ? 124 ASP A O   1 
ATOM   934  C CB  . ASP A 1 124 ? -7.880  -12.815 -6.178  1.00 29.17 ? 124 ASP A CB  1 
ATOM   935  C CG  . ASP A 1 124 ? -9.018  -13.295 -5.245  1.00 39.23 ? 124 ASP A CG  1 
ATOM   936  O OD1 . ASP A 1 124 ? -10.211 -13.105 -5.583  1.00 39.53 ? 124 ASP A OD1 1 
ATOM   937  O OD2 . ASP A 1 124 ? -8.710  -13.879 -4.174  1.00 43.63 ? 124 ASP A OD2 1 
ATOM   938  N N   . ASN A 1 125 ? -5.027  -11.533 -6.940  1.00 30.52 ? 125 ASN A N   1 
ATOM   939  C CA  . ASN A 1 125 ? -3.947  -11.432 -7.917  1.00 24.80 ? 125 ASN A CA  1 
ATOM   940  C C   . ASN A 1 125 ? -2.670  -11.886 -7.279  1.00 23.23 ? 125 ASN A C   1 
ATOM   941  O O   . ASN A 1 125 ? -1.878  -12.538 -7.907  1.00 28.78 ? 125 ASN A O   1 
ATOM   942  C CB  . ASN A 1 125 ? -3.771  -10.003 -8.402  1.00 23.53 ? 125 ASN A CB  1 
ATOM   943  C CG  . ASN A 1 125 ? -5.010  -9.482  -9.095  1.00 26.92 ? 125 ASN A CG  1 
ATOM   944  O OD1 . ASN A 1 125 ? -5.758  -10.241 -9.676  1.00 28.12 ? 125 ASN A OD1 1 
ATOM   945  N ND2 . ASN A 1 125 ? -5.207  -8.191  -9.063  1.00 29.92 ? 125 ASN A ND2 1 
ATOM   946  N N   . TYR A 1 126 ? -2.482  -11.527 -5.999  1.00 24.70 ? 126 TYR A N   1 
ATOM   947  C CA  . TYR A 1 126 ? -1.295  -11.866 -5.249  1.00 24.65 ? 126 TYR A CA  1 
ATOM   948  C C   . TYR A 1 126 ? -1.140  -13.381 -5.180  1.00 32.32 ? 126 TYR A C   1 
ATOM   949  O O   . TYR A 1 126 ? -0.046  -13.925 -5.401  1.00 23.38 ? 126 TYR A O   1 
ATOM   950  C CB  . TYR A 1 126 ? -1.391  -11.316 -3.799  1.00 19.67 ? 126 TYR A CB  1 
ATOM   951  C CG  . TYR A 1 126 ? -0.128  -11.430 -2.965  1.00 24.48 ? 126 TYR A CG  1 
ATOM   952  C CD1 . TYR A 1 126 ? 0.076   -12.499 -2.099  1.00 22.39 ? 126 TYR A CD1 1 
ATOM   953  C CD2 . TYR A 1 126 ? 0.817   -10.390 -2.959  1.00 28.39 ? 126 TYR A CD2 1 
ATOM   954  C CE1 . TYR A 1 126 ? 1.162   -12.519 -1.242  1.00 17.82 ? 126 TYR A CE1 1 
ATOM   955  C CE2 . TYR A 1 126 ? 1.902   -10.407 -2.115  1.00 26.61 ? 126 TYR A CE2 1 
ATOM   956  C CZ  . TYR A 1 126 ? 2.073   -11.480 -1.257  1.00 25.11 ? 126 TYR A CZ  1 
ATOM   957  O OH  . TYR A 1 126 ? 3.190   -11.553 -0.450  1.00 24.39 ? 126 TYR A OH  1 
ATOM   958  N N   . ASP A 1 127 ? -2.248  -14.059 -4.885  1.00 29.76 ? 127 ASP A N   1 
ATOM   959  C CA  . ASP A 1 127 ? -2.196  -15.496 -4.737  1.00 32.24 ? 127 ASP A CA  1 
ATOM   960  C C   . ASP A 1 127 ? -2.001  -16.236 -6.062  1.00 35.34 ? 127 ASP A C   1 
ATOM   961  O O   . ASP A 1 127 ? -1.784  -17.427 -6.077  1.00 40.71 ? 127 ASP A O   1 
ATOM   962  C CB  . ASP A 1 127 ? -3.422  -15.971 -3.963  1.00 29.24 ? 127 ASP A CB  1 
ATOM   963  C CG  . ASP A 1 127 ? -3.369  -15.530 -2.503  1.00 27.68 ? 127 ASP A CG  1 
ATOM   964  O OD1 . ASP A 1 127 ? -2.307  -15.620 -1.853  1.00 34.99 ? 127 ASP A OD1 1 
ATOM   965  O OD2 . ASP A 1 127 ? -4.391  -15.074 -1.980  1.00 42.60 ? 127 ASP A OD2 1 
ATOM   966  N N   . GLN A 1 128 ? -1.996  -15.504 -7.165  1.00 37.81 ? 128 GLN A N   1 
ATOM   967  C CA  . GLN A 1 128 ? -1.780  -16.103 -8.473  1.00 45.12 ? 128 GLN A CA  1 
ATOM   968  C C   . GLN A 1 128 ? -0.321  -16.485 -8.600  1.00 43.69 ? 128 GLN A C   1 
ATOM   969  O O   . GLN A 1 128 ? 0.014   -17.436 -9.281  1.00 44.92 ? 128 GLN A O   1 
ATOM   970  C CB  . GLN A 1 128 ? -2.076  -15.091 -9.590  1.00 49.02 ? 128 GLN A CB  1 
ATOM   971  C CG  . GLN A 1 128 ? -3.071  -15.550 -10.623 1.00 61.30 ? 128 GLN A CG  1 
ATOM   972  C CD  . GLN A 1 128 ? -4.417  -15.799 -10.020 1.00 62.84 ? 128 GLN A CD  1 
ATOM   973  O OE1 . GLN A 1 128 ? -4.612  -16.754 -9.267  1.00 61.23 ? 128 GLN A OE1 1 
ATOM   974  N NE2 . GLN A 1 128 ? -5.367  -14.924 -10.332 1.00 76.21 ? 128 GLN A NE2 1 
ATOM   975  N N   . LEU A 1 129 ? 0.550   -15.721 -7.952  1.00 42.52 ? 129 LEU A N   1 
ATOM   976  C CA  . LEU A 1 129 ? 1.991   -15.954 -8.079  1.00 34.36 ? 129 LEU A CA  1 
ATOM   977  C C   . LEU A 1 129 ? 2.662   -16.698 -6.966  1.00 36.85 ? 129 LEU A C   1 
ATOM   978  O O   . LEU A 1 129 ? 2.133   -16.799 -5.844  1.00 26.46 ? 129 LEU A O   1 
ATOM   979  C CB  . LEU A 1 129 ? 2.747   -14.610 -8.205  1.00 41.89 ? 129 LEU A CB  1 
ATOM   980  C CG  . LEU A 1 129 ? 2.590   -13.591 -9.354  1.00 36.74 ? 129 LEU A CG  1 
ATOM   981  C CD1 . LEU A 1 129 ? 1.953   -14.215 -10.564 1.00 39.81 ? 129 LEU A CD1 1 
ATOM   982  C CD2 . LEU A 1 129 ? 1.759   -12.472 -8.887  1.00 47.42 ? 129 LEU A CD2 1 
ATOM   983  N N   . GLU A 1 130 ? 3.853   -17.211 -7.270  1.00 29.80 ? 130 GLU A N   1 
ATOM   984  C CA  . GLU A 1 130 ? 4.669   -17.820 -6.226  1.00 29.68 ? 130 GLU A CA  1 
ATOM   985  C C   . GLU A 1 130 ? 4.807   -16.706 -5.186  1.00 33.35 ? 130 GLU A C   1 
ATOM   986  O O   . GLU A 1 130 ? 4.880   -15.504 -5.523  1.00 34.15 ? 130 GLU A O   1 
ATOM   987  C CB  . GLU A 1 130 ? 6.028   -18.240 -6.799  1.00 40.37 ? 130 GLU A CB  1 
ATOM   988  C CG  . GLU A 1 130 ? 6.846   -19.141 -5.882  1.00 59.50 ? 130 GLU A CG  1 
ATOM   989  C CD  . GLU A 1 130 ? 7.544   -18.373 -4.747  1.00 69.04 ? 130 GLU A CD  1 
ATOM   990  O OE1 . GLU A 1 130 ? 8.306   -17.424 -5.045  1.00 75.34 ? 130 GLU A OE1 1 
ATOM   991  O OE2 . GLU A 1 130 ? 7.341   -18.720 -3.557  1.00 80.79 ? 130 GLU A OE2 1 
ATOM   992  N N   . VAL A 1 131 ? 4.814   -17.093 -3.916  1.00 35.27 ? 131 VAL A N   1 
ATOM   993  C CA  . VAL A 1 131 ? 4.805   -16.134 -2.841  1.00 25.37 ? 131 VAL A CA  1 
ATOM   994  C C   . VAL A 1 131 ? 5.927   -15.099 -2.805  1.00 33.36 ? 131 VAL A C   1 
ATOM   995  O O   . VAL A 1 131 ? 5.682   -13.930 -2.592  1.00 28.97 ? 131 VAL A O   1 
ATOM   996  C CB  . VAL A 1 131 ? 4.703   -16.856 -1.486  1.00 37.86 ? 131 VAL A CB  1 
ATOM   997  C CG1 . VAL A 1 131 ? 6.019   -17.273 -1.028  1.00 33.59 ? 131 VAL A CG1 1 
ATOM   998  C CG2 . VAL A 1 131 ? 4.114   -15.942 -0.463  1.00 51.37 ? 131 VAL A CG2 1 
ATOM   999  N N   . HIS A 1 132 ? 7.162   -15.515 -3.006  1.00 29.37 ? 132 HIS A N   1 
ATOM   1000 C CA  . HIS A 1 132 ? 8.242   -14.568 -3.019  1.00 33.90 ? 132 HIS A CA  1 
ATOM   1001 C C   . HIS A 1 132 ? 8.137   -13.624 -4.227  1.00 29.71 ? 132 HIS A C   1 
ATOM   1002 O O   . HIS A 1 132 ? 8.447   -12.431 -4.109  1.00 32.47 ? 132 HIS A O   1 
ATOM   1003 C CB  . HIS A 1 132 ? 9.569   -15.324 -2.947  1.00 37.16 ? 132 HIS A CB  1 
ATOM   1004 C CG  . HIS A 1 132 ? 9.710   -16.114 -1.671  1.00 58.19 ? 132 HIS A CG  1 
ATOM   1005 N ND1 . HIS A 1 132 ? 9.940   -17.478 -1.644  1.00 67.95 ? 132 HIS A ND1 1 
ATOM   1006 C CD2 . HIS A 1 132 ? 9.574   -15.737 -0.373  1.00 59.63 ? 132 HIS A CD2 1 
ATOM   1007 C CE1 . HIS A 1 132 ? 9.937   -17.903 -0.391  1.00 56.04 ? 132 HIS A CE1 1 
ATOM   1008 N NE2 . HIS A 1 132 ? 9.715   -16.866 0.399   1.00 52.74 ? 132 HIS A NE2 1 
ATOM   1009 N N   . ALA A 1 133 ? 7.695   -14.126 -5.373  1.00 23.29 ? 133 ALA A N   1 
ATOM   1010 C CA  . ALA A 1 133 ? 7.543   -13.232 -6.528  1.00 30.45 ? 133 ALA A CA  1 
ATOM   1011 C C   . ALA A 1 133 ? 6.365   -12.297 -6.281  1.00 30.73 ? 133 ALA A C   1 
ATOM   1012 O O   . ALA A 1 133 ? 6.361   -11.153 -6.720  1.00 24.18 ? 133 ALA A O   1 
ATOM   1013 C CB  . ALA A 1 133 ? 7.287   -14.014 -7.794  1.00 24.48 ? 133 ALA A CB  1 
ATOM   1014 N N   . ALA A 1 134 ? 5.351   -12.791 -5.584  1.00 23.04 ? 134 ALA A N   1 
ATOM   1015 C CA  . ALA A 1 134 ? 4.199   -11.946 -5.322  1.00 22.01 ? 134 ALA A CA  1 
ATOM   1016 C C   . ALA A 1 134 ? 4.592   -10.819 -4.383  1.00 17.25 ? 134 ALA A C   1 
ATOM   1017 O O   . ALA A 1 134 ? 4.163   -9.653  -4.618  1.00 23.39 ? 134 ALA A O   1 
ATOM   1018 C CB  . ALA A 1 134 ? 3.107   -12.729 -4.680  1.00 27.78 ? 134 ALA A CB  1 
ATOM   1019 N N   . ALA A 1 135 ? 5.425   -11.157 -3.384  1.00 19.55 ? 135 ALA A N   1 
ATOM   1020 C CA  . ALA A 1 135 ? 5.817   -10.173 -2.381  1.00 22.13 ? 135 ALA A CA  1 
ATOM   1021 C C   . ALA A 1 135 ? 6.720   -9.148  -3.020  1.00 24.37 ? 135 ALA A C   1 
ATOM   1022 O O   . ALA A 1 135 ? 6.516   -7.963  -2.833  1.00 21.72 ? 135 ALA A O   1 
ATOM   1023 C CB  . ALA A 1 135 ? 6.516   -10.858 -1.125  1.00 19.79 ? 135 ALA A CB  1 
ATOM   1024 N N   . ILE A 1 136 ? 7.712   -9.575  -3.803  1.00 18.10 ? 136 ILE A N   1 
ATOM   1025 C CA  . ILE A 1 136 ? 8.577   -8.555  -4.408  1.00 22.03 ? 136 ILE A CA  1 
ATOM   1026 C C   . ILE A 1 136 ? 7.842   -7.691  -5.470  1.00 17.19 ? 136 ILE A C   1 
ATOM   1027 O O   . ILE A 1 136 ? 8.066   -6.471  -5.622  1.00 22.91 ? 136 ILE A O   1 
ATOM   1028 C CB  . ILE A 1 136 ? 9.891   -9.235  -4.993  1.00 29.29 ? 136 ILE A CB  1 
ATOM   1029 C CG1 . ILE A 1 136 ? 10.968  -8.157  -5.184  1.00 38.72 ? 136 ILE A CG1 1 
ATOM   1030 C CG2 . ILE A 1 136 ? 9.606   -9.886  -6.298  1.00 21.06 ? 136 ILE A CG2 1 
ATOM   1031 C CD1 . ILE A 1 136 ? 12.365  -8.625  -4.911  1.00 41.99 ? 136 ILE A CD1 1 
ATOM   1032 N N   . LYS A 1 137 ? 6.894   -8.287  -6.153  1.00 23.51 ? 137 LYS A N   1 
ATOM   1033 C CA  . LYS A 1 137 ? 6.188   -7.516  -7.132  1.00 23.72 ? 137 LYS A CA  1 
ATOM   1034 C C   . LYS A 1 137 ? 5.310   -6.511  -6.393  1.00 26.48 ? 137 LYS A C   1 
ATOM   1035 O O   . LYS A 1 137 ? 5.171   -5.347  -6.812  1.00 16.27 ? 137 LYS A O   1 
ATOM   1036 C CB  . LYS A 1 137 ? 5.340   -8.432  -7.983  1.00 28.96 ? 137 LYS A CB  1 
ATOM   1037 C CG  . LYS A 1 137 ? 4.445   -7.712  -8.985  1.00 37.76 ? 137 LYS A CG  1 
ATOM   1038 C CD  . LYS A 1 137 ? 3.863   -8.720  -9.964  1.00 31.70 ? 137 LYS A CD  1 
ATOM   1039 C CE  . LYS A 1 137 ? 3.034   -8.055  -10.969 1.00 29.78 ? 137 LYS A CE  1 
ATOM   1040 N NZ  . LYS A 1 137 ? 3.816   -7.202  -11.931 1.00 39.22 ? 137 LYS A NZ  1 
ATOM   1041 N N   . SER A 1 138 ? 4.692   -6.943  -5.298  1.00 24.13 ? 138 SER A N   1 
ATOM   1042 C CA  . SER A 1 138 ? 3.805   -6.011  -4.560  1.00 23.22 ? 138 SER A CA  1 
ATOM   1043 C C   . SER A 1 138 ? 4.638   -4.866  -4.044  1.00 17.97 ? 138 SER A C   1 
ATOM   1044 O O   . SER A 1 138 ? 4.240   -3.689  -4.064  1.00 27.32 ? 138 SER A O   1 
ATOM   1045 C CB  . SER A 1 138 ? 3.111   -6.731  -3.393  1.00 17.27 ? 138 SER A CB  1 
ATOM   1046 O OG  . SER A 1 138 ? 2.242   -7.715  -3.957  1.00 21.51 ? 138 SER A OG  1 
ATOM   1047 N N   . LEU A 1 139 ? 5.820   -5.229  -3.596  1.00 24.84 ? 139 LEU A N   1 
ATOM   1048 C CA  . LEU A 1 139 ? 6.769   -4.274  -3.062  1.00 24.51 ? 139 LEU A CA  1 
ATOM   1049 C C   . LEU A 1 139 ? 7.053   -3.275  -4.163  1.00 31.43 ? 139 LEU A C   1 
ATOM   1050 O O   . LEU A 1 139 ? 7.147   -2.103  -3.909  1.00 23.49 ? 139 LEU A O   1 
ATOM   1051 C CB  . LEU A 1 139 ? 8.047   -5.035  -2.665  1.00 24.43 ? 139 LEU A CB  1 
ATOM   1052 C CG  . LEU A 1 139 ? 8.619   -4.927  -1.253  1.00 44.27 ? 139 LEU A CG  1 
ATOM   1053 C CD1 . LEU A 1 139 ? 7.526   -4.537  -0.279  1.00 25.88 ? 139 LEU A CD1 1 
ATOM   1054 C CD2 . LEU A 1 139 ? 9.336   -6.241  -0.862  1.00 31.74 ? 139 LEU A CD2 1 
ATOM   1055 N N   . GLY A 1 140 ? 7.198   -3.770  -5.393  1.00 30.09 ? 140 GLY A N   1 
ATOM   1056 C CA  . GLY A 1 140 ? 7.465   -2.909  -6.529  1.00 23.89 ? 140 GLY A CA  1 
ATOM   1057 C C   . GLY A 1 140 ? 6.302   -2.013  -6.909  1.00 30.65 ? 140 GLY A C   1 
ATOM   1058 O O   . GLY A 1 140 ? 6.488   -0.999  -7.563  1.00 26.73 ? 140 GLY A O   1 
ATOM   1059 N N   . GLU A 1 141 ? 5.094   -2.380  -6.508  1.00 23.80 ? 141 GLU A N   1 
ATOM   1060 C CA  . GLU A 1 141 ? 3.936   -1.566  -6.821  1.00 18.04 ? 141 GLU A CA  1 
ATOM   1061 C C   . GLU A 1 141 ? 3.662   -0.532  -5.751  1.00 26.78 ? 141 GLU A C   1 
ATOM   1062 O O   . GLU A 1 141 ? 2.632   0.140   -5.759  1.00 23.80 ? 141 GLU A O   1 
ATOM   1063 C CB  . GLU A 1 141 ? 2.715   -2.467  -7.067  1.00 26.12 ? 141 GLU A CB  1 
ATOM   1064 C CG  . GLU A 1 141 ? 2.849   -3.273  -8.368  1.00 25.04 ? 141 GLU A CG  1 
ATOM   1065 C CD  . GLU A 1 141 ? 1.651   -4.205  -8.560  1.00 32.78 ? 141 GLU A CD  1 
ATOM   1066 O OE1 . GLU A 1 141 ? 0.637   -4.031  -7.862  1.00 29.93 ? 141 GLU A OE1 1 
ATOM   1067 O OE2 . GLU A 1 141 ? 1.703   -5.092  -9.406  1.00 26.63 ? 141 GLU A OE2 1 
ATOM   1068 N N   . LEU A 1 142 ? 4.555   -0.419  -4.775  1.00 24.67 ? 142 LEU A N   1 
ATOM   1069 C CA  . LEU A 1 142 ? 4.344   0.649   -3.762  1.00 24.01 ? 142 LEU A CA  1 
ATOM   1070 C C   . LEU A 1 142 ? 4.055   2.026   -4.458  1.00 33.13 ? 142 LEU A C   1 
ATOM   1071 O O   . LEU A 1 142 ? 3.350   2.863   -3.930  1.00 33.17 ? 142 LEU A O   1 
ATOM   1072 C CB  . LEU A 1 142 ? 5.572   0.773   -2.844  1.00 19.31 ? 142 LEU A CB  1 
ATOM   1073 C CG  . LEU A 1 142 ? 5.501   -0.235  -1.684  1.00 27.60 ? 142 LEU A CG  1 
ATOM   1074 C CD1 . LEU A 1 142 ? 6.845   -0.386  -1.013  1.00 21.53 ? 142 LEU A CD1 1 
ATOM   1075 C CD2 . LEU A 1 142 ? 4.362   0.240   -0.711  1.00 25.89 ? 142 LEU A CD2 1 
ATOM   1076 N N   . ASP A 1 143 ? 4.594   2.276   -5.638  1.00 25.68 ? 143 ASP A N   1 
ATOM   1077 C CA  . ASP A 1 143 ? 4.287   3.557   -6.231  1.00 33.81 ? 143 ASP A CA  1 
ATOM   1078 C C   . ASP A 1 143 ? 2.800   3.641   -6.592  1.00 33.64 ? 143 ASP A C   1 
ATOM   1079 O O   . ASP A 1 143 ? 2.187   4.677   -6.454  1.00 34.03 ? 143 ASP A O   1 
ATOM   1080 C CB  . ASP A 1 143 ? 5.203   3.833   -7.442  1.00 33.75 ? 143 ASP A CB  1 
ATOM   1081 C CG  . ASP A 1 143 ? 5.256   2.697   -8.429  1.00 46.89 ? 143 ASP A CG  1 
ATOM   1082 O OD1 . ASP A 1 143 ? 5.807   2.929   -9.552  1.00 51.82 ? 143 ASP A OD1 1 
ATOM   1083 O OD2 . ASP A 1 143 ? 4.770   1.589   -8.094  1.00 44.55 ? 143 ASP A OD2 1 
ATOM   1084 N N   . VAL A 1 144 ? 2.204   2.536   -7.005  1.00 23.98 ? 144 VAL A N   1 
ATOM   1085 C CA  . VAL A 1 144 ? 0.801   2.537   -7.327  1.00 24.33 ? 144 VAL A CA  1 
ATOM   1086 C C   . VAL A 1 144 ? 0.000   2.769   -6.060  1.00 24.96 ? 144 VAL A C   1 
ATOM   1087 O O   . VAL A 1 144 ? -0.996  3.500   -6.049  1.00 29.13 ? 144 VAL A O   1 
ATOM   1088 C CB  . VAL A 1 144 ? 0.363   1.233   -7.916  1.00 26.24 ? 144 VAL A CB  1 
ATOM   1089 C CG1 . VAL A 1 144 ? -1.083  1.291   -8.105  1.00 22.90 ? 144 VAL A CG1 1 
ATOM   1090 C CG2 . VAL A 1 144 ? 1.026   1.003   -9.259  1.00 30.69 ? 144 VAL A CG2 1 
ATOM   1091 N N   . PHE A 1 145 ? 0.443   2.132   -4.978  1.00 25.58 ? 145 PHE A N   1 
ATOM   1092 C CA  . PHE A 1 145 ? -0.235  2.343   -3.694  1.00 19.25 ? 145 PHE A CA  1 
ATOM   1093 C C   . PHE A 1 145 ? -0.067  3.828   -3.234  1.00 22.22 ? 145 PHE A C   1 
ATOM   1094 O O   . PHE A 1 145 ? -1.030  4.478   -2.848  1.00 27.59 ? 145 PHE A O   1 
ATOM   1095 C CB  . PHE A 1 145 ? 0.373   1.407   -2.648  1.00 28.97 ? 145 PHE A CB  1 
ATOM   1096 C CG  . PHE A 1 145 ? -0.237  1.551   -1.270  1.00 29.30 ? 145 PHE A CG  1 
ATOM   1097 C CD1 . PHE A 1 145 ? 0.503   2.082   -0.219  1.00 43.06 ? 145 PHE A CD1 1 
ATOM   1098 C CD2 . PHE A 1 145 ? -1.554  1.226   -1.047  1.00 30.43 ? 145 PHE A CD2 1 
ATOM   1099 C CE1 . PHE A 1 145 ? -0.086  2.274   1.036   1.00 34.20 ? 145 PHE A CE1 1 
ATOM   1100 C CE2 . PHE A 1 145 ? -2.148  1.417   0.199   1.00 32.40 ? 145 PHE A CE2 1 
ATOM   1101 C CZ  . PHE A 1 145 ? -1.414  1.929   1.219   1.00 37.21 ? 145 PHE A CZ  1 
ATOM   1102 N N   . LEU A 1 146 ? 1.149   4.371   -3.271  1.00 28.73 ? 146 LEU A N   1 
ATOM   1103 C CA  . LEU A 1 146 ? 1.327   5.753   -2.781  1.00 33.34 ? 146 LEU A CA  1 
ATOM   1104 C C   . LEU A 1 146 ? 0.551   6.775   -3.612  1.00 32.34 ? 146 LEU A C   1 
ATOM   1105 O O   . LEU A 1 146 ? -0.020  7.721   -3.073  1.00 30.07 ? 146 LEU A O   1 
ATOM   1106 C CB  . LEU A 1 146 ? 2.816   6.120   -2.718  1.00 33.53 ? 146 LEU A CB  1 
ATOM   1107 C CG  . LEU A 1 146 ? 3.583   5.121   -1.847  1.00 39.41 ? 146 LEU A CG  1 
ATOM   1108 C CD1 . LEU A 1 146 ? 5.026   5.389   -1.943  1.00 33.89 ? 146 LEU A CD1 1 
ATOM   1109 C CD2 . LEU A 1 146 ? 3.143   5.231   -0.386  1.00 31.27 ? 146 LEU A CD2 1 
ATOM   1110 N N   . ALA A 1 147 ? 0.500   6.565   -4.919  1.00 33.13 ? 147 ALA A N   1 
ATOM   1111 C CA  . ALA A 1 147 ? -0.266  7.433   -5.788  1.00 31.92 ? 147 ALA A CA  1 
ATOM   1112 C C   . ALA A 1 147 ? -1.751  7.373   -5.410  1.00 34.47 ? 147 ALA A C   1 
ATOM   1113 O O   . ALA A 1 147 ? -2.440  8.372   -5.375  1.00 37.11 ? 147 ALA A O   1 
ATOM   1114 C CB  . ALA A 1 147 ? -0.081  7.015   -7.256  1.00 35.75 ? 147 ALA A CB  1 
ATOM   1115 N N   . TRP A 1 148 ? -2.246  6.198   -5.082  1.00 30.32 ? 148 TRP A N   1 
ATOM   1116 C CA  . TRP A 1 148 ? -3.653  6.100   -4.759  1.00 25.50 ? 148 TRP A CA  1 
ATOM   1117 C C   . TRP A 1 148 ? -3.946  6.776   -3.412  1.00 32.05 ? 148 TRP A C   1 
ATOM   1118 O O   . TRP A 1 148 ? -4.964  7.435   -3.259  1.00 31.42 ? 148 TRP A O   1 
ATOM   1119 C CB  . TRP A 1 148 ? -4.068  4.624   -4.751  1.00 21.94 ? 148 TRP A CB  1 
ATOM   1120 C CG  . TRP A 1 148 ? -5.500  4.376   -4.499  1.00 30.54 ? 148 TRP A CG  1 
ATOM   1121 C CD1 . TRP A 1 148 ? -6.528  4.403   -5.407  1.00 22.86 ? 148 TRP A CD1 1 
ATOM   1122 C CD2 . TRP A 1 148 ? -6.095  4.104   -3.214  1.00 24.05 ? 148 TRP A CD2 1 
ATOM   1123 N NE1 . TRP A 1 148 ? -7.743  4.166   -4.737  1.00 26.27 ? 148 TRP A NE1 1 
ATOM   1124 C CE2 . TRP A 1 148 ? -7.492  3.986   -3.403  1.00 27.75 ? 148 TRP A CE2 1 
ATOM   1125 C CE3 . TRP A 1 148 ? -5.575  3.942   -1.928  1.00 29.99 ? 148 TRP A CE3 1 
ATOM   1126 C CZ2 . TRP A 1 148 ? -8.375  3.722   -2.347  1.00 26.48 ? 148 TRP A CZ2 1 
ATOM   1127 C CZ3 . TRP A 1 148 ? -6.464  3.664   -0.876  1.00 27.89 ? 148 TRP A CZ3 1 
ATOM   1128 C CH2 . TRP A 1 148 ? -7.843  3.566   -1.100  1.00 29.90 ? 148 TRP A CH2 1 
ATOM   1129 N N   . ILE A 1 149 ? -3.046  6.609   -2.455  1.00 30.69 ? 149 ILE A N   1 
ATOM   1130 C CA  . ILE A 1 149 ? -3.214  7.194   -1.135  1.00 37.29 ? 149 ILE A CA  1 
ATOM   1131 C C   . ILE A 1 149 ? -3.162  8.717   -1.349  1.00 39.92 ? 149 ILE A C   1 
ATOM   1132 O O   . ILE A 1 149 ? -3.979  9.489   -0.803  1.00 36.73 ? 149 ILE A O   1 
ATOM   1133 C CB  . ILE A 1 149 ? -2.047  6.838   -0.181  1.00 32.99 ? 149 ILE A CB  1 
ATOM   1134 C CG1 . ILE A 1 149 ? -2.159  5.383   0.343   1.00 28.60 ? 149 ILE A CG1 1 
ATOM   1135 C CG2 . ILE A 1 149 ? -2.005  7.851   0.974   1.00 29.86 ? 149 ILE A CG2 1 
ATOM   1136 C CD1 . ILE A 1 149 ? -3.481  5.062   0.968   1.00 39.73 ? 149 ILE A CD1 1 
ATOM   1137 N N   . ASN A 1 150 ? -2.205  9.134   -2.151  1.00 30.04 ? 150 ASN A N   1 
ATOM   1138 C CA  . ASN A 1 150 ? -2.049  10.555  -2.395  1.00 37.81 ? 150 ASN A CA  1 
ATOM   1139 C C   . ASN A 1 150 ? -3.253  11.232  -2.950  1.00 40.43 ? 150 ASN A C   1 
ATOM   1140 O O   . ASN A 1 150 ? -3.566  12.307  -2.492  1.00 34.05 ? 150 ASN A O   1 
ATOM   1141 C CB  . ASN A 1 150 ? -0.883  10.818  -3.303  1.00 42.15 ? 150 ASN A CB  1 
ATOM   1142 C CG  . ASN A 1 150 ? 0.352   11.130  -2.531  1.00 51.71 ? 150 ASN A CG  1 
ATOM   1143 O OD1 . ASN A 1 150 ? 0.420   12.156  -1.853  1.00 48.54 ? 150 ASN A OD1 1 
ATOM   1144 N ND2 . ASN A 1 150 ? 1.342   10.244  -2.604  1.00 51.76 ? 150 ASN A ND2 1 
ATOM   1145 N N   . LYS A 1 151 ? -3.923  10.590  -3.916  1.00 39.44 ? 151 LYS A N   1 
ATOM   1146 C CA  . LYS A 1 151 ? -5.119  11.117  -4.579  1.00 38.08 ? 151 LYS A CA  1 
ATOM   1147 C C   . LYS A 1 151 ? -6.322  11.058  -3.691  1.00 34.43 ? 151 LYS A C   1 
ATOM   1148 O O   . LYS A 1 151 ? -7.228  11.863  -3.835  1.00 44.71 ? 151 LYS A O   1 
ATOM   1149 C CB  . LYS A 1 151 ? -5.513  10.309  -5.837  1.00 38.73 ? 151 LYS A CB  1 
ATOM   1150 C CG  . LYS A 1 151 ? -4.356  9.868   -6.752  1.00 66.35 ? 151 LYS A CG  1 
ATOM   1151 C CD  . LYS A 1 151 ? -4.845  9.365   -8.150  1.00 65.66 ? 151 LYS A CD  1 
ATOM   1152 C CE  . LYS A 1 151 ? -3.945  8.258   -8.809  1.00 59.31 ? 151 LYS A CE  1 
ATOM   1153 N NZ  . LYS A 1 151 ? -4.052  6.808   -8.245  1.00 47.34 ? 151 LYS A NZ  1 
ATOM   1154 N N   . ASN A 1 152 ? -6.364  10.100  -2.782  1.00 30.52 ? 152 ASN A N   1 
ATOM   1155 C CA  . ASN A 1 152 ? -7.570  9.956   -1.954  1.00 30.35 ? 152 ASN A CA  1 
ATOM   1156 C C   . ASN A 1 152 ? -7.498  10.428  -0.509  1.00 33.11 ? 152 ASN A C   1 
ATOM   1157 O O   . ASN A 1 152 ? -8.461  10.205  0.246   1.00 47.33 ? 152 ASN A O   1 
ATOM   1158 C CB  . ASN A 1 152 ? -8.033  8.489   -1.951  1.00 31.51 ? 152 ASN A CB  1 
ATOM   1159 C CG  . ASN A 1 152 ? -8.413  8.004   -3.323  1.00 46.51 ? 152 ASN A CG  1 
ATOM   1160 O OD1 . ASN A 1 152 ? -7.614  7.359   -4.040  1.00 42.00 ? 152 ASN A OD1 1 
ATOM   1161 N ND2 . ASN A 1 152 ? -9.632  8.321   -3.716  1.00 39.46 ? 152 ASN A ND2 1 
ATOM   1162 N N   . HIS A 1 153 ? -6.387  11.056  -0.109  1.00 37.17 ? 153 HIS A N   1 
ATOM   1163 C CA  . HIS A 1 153 ? -6.231  11.498  1.288   1.00 42.90 ? 153 HIS A CA  1 
ATOM   1164 C C   . HIS A 1 153 ? -5.526  12.820  1.382   1.00 45.60 ? 153 HIS A C   1 
ATOM   1165 O O   . HIS A 1 153 ? -4.735  13.162  0.499   1.00 47.41 ? 153 HIS A O   1 
ATOM   1166 C CB  . HIS A 1 153 ? -5.370  10.511  2.089   1.00 37.10 ? 153 HIS A CB  1 
ATOM   1167 C CG  . HIS A 1 153 ? -6.005  9.189   2.324   1.00 29.11 ? 153 HIS A CG  1 
ATOM   1168 N ND1 . HIS A 1 153 ? -6.798  8.938   3.426   1.00 32.62 ? 153 HIS A ND1 1 
ATOM   1169 C CD2 . HIS A 1 153 ? -5.948  8.032   1.626   1.00 32.73 ? 153 HIS A CD2 1 
ATOM   1170 C CE1 . HIS A 1 153 ? -7.198  7.683   3.409   1.00 26.13 ? 153 HIS A CE1 1 
ATOM   1171 N NE2 . HIS A 1 153 ? -6.696  7.108   2.325   1.00 38.26 ? 153 HIS A NE2 1 
ATOM   1172 N N   . GLU A 1 154 ? -5.827  13.555  2.458   1.00 51.02 ? 154 GLU A N   1 
ATOM   1173 C CA  . GLU A 1 154 ? -5.145  14.818  2.725   1.00 51.60 ? 154 GLU A CA  1 
ATOM   1174 C C   . GLU A 1 154 ? -3.910  14.177  3.346   1.00 45.31 ? 154 GLU A C   1 
ATOM   1175 O O   . GLU A 1 154 ? -4.002  13.538  4.382   1.00 44.81 ? 154 GLU A O   1 
ATOM   1176 C CB  . GLU A 1 154 ? -5.829  15.639  3.831   1.00 58.60 ? 154 GLU A CB  1 
ATOM   1177 C CG  . GLU A 1 154 ? -7.311  15.959  3.679   1.00 77.28 ? 154 GLU A CG  1 
ATOM   1178 C CD  . GLU A 1 154 ? -7.583  17.177  2.811   1.00 84.11 ? 154 GLU A CD  1 
ATOM   1179 O OE1 . GLU A 1 154 ? -8.767  17.584  2.715   1.00 82.90 ? 154 GLU A OE1 1 
ATOM   1180 O OE2 . GLU A 1 154 ? -6.615  17.720  2.227   1.00 96.03 ? 154 GLU A OE2 1 
ATOM   1181 N N   . VAL A 1 155 ? -2.768  14.297  2.713   1.00 44.24 ? 155 VAL A N   1 
ATOM   1182 C CA  . VAL A 1 155 ? -1.587  13.702  3.293   1.00 49.86 ? 155 VAL A CA  1 
ATOM   1183 C C   . VAL A 1 155 ? -0.542  14.781  3.249   1.00 55.54 ? 155 VAL A C   1 
ATOM   1184 O O   . VAL A 1 155 ? -0.524  15.651  2.376   1.00 54.98 ? 155 VAL A O   1 
ATOM   1185 C CB  . VAL A 1 155 ? -1.060  12.428  2.534   1.00 51.56 ? 155 VAL A CB  1 
ATOM   1186 C CG1 . VAL A 1 155 ? -1.904  11.195  2.914   1.00 47.22 ? 155 VAL A CG1 1 
ATOM   1187 C CG2 . VAL A 1 155 ? -1.067  12.675  1.011   1.00 38.95 ? 155 VAL A CG2 1 
ATOM   1188 N N   . MET A 1 156 ? 0.344   14.712  4.210   1.00 47.19 ? 156 MET A N   1 
ATOM   1189 C CA  . MET A 1 156 ? 1.365   15.701  4.302   1.00 53.98 ? 156 MET A CA  1 
ATOM   1190 C C   . MET A 1 156 ? 2.597   15.344  3.488   1.00 49.64 ? 156 MET A C   1 
ATOM   1191 O O   . MET A 1 156 ? 2.911   14.160  3.280   1.00 45.82 ? 156 MET A O   1 
ATOM   1192 C CB  . MET A 1 156 ? 1.702   15.844  5.764   1.00 46.78 ? 156 MET A CB  1 
ATOM   1193 C CG  . MET A 1 156 ? 2.698   16.872  6.053   1.00 59.76 ? 156 MET A CG  1 
ATOM   1194 S SD  . MET A 1 156 ? 2.947   16.727  7.778   1.00 50.90 ? 156 MET A SD  1 
ATOM   1195 C CE  . MET A 1 156 ? 2.846   14.898  8.066   1.00 59.75 ? 156 MET A CE  1 
ATOM   1196 N N   . SER A 1 157 ? 3.280   16.372  3.008   1.00 41.79 ? 157 SER A N   1 
ATOM   1197 C CA  . SER A 1 157 ? 4.516   16.139  2.281   1.00 45.43 ? 157 SER A CA  1 
ATOM   1198 C C   . SER A 1 157 ? 5.594   17.149  2.668   1.00 44.78 ? 157 SER A C   1 
ATOM   1199 O O   . SER A 1 157 ? 5.391   18.378  2.639   1.00 38.35 ? 157 SER A O   1 
ATOM   1200 C CB  . SER A 1 157 ? 4.304   16.182  0.767   1.00 38.10 ? 157 SER A CB  1 
ATOM   1201 O OG  . SER A 1 157 ? 5.522   15.777  0.146   1.00 42.19 ? 157 SER A OG  1 
ATOM   1202 N N   . SER A 1 158 ? 6.742   16.624  3.062   1.00 40.54 ? 158 SER A N   1 
ATOM   1203 C CA  . SER A 1 158 ? 7.874   17.469  3.430   1.00 49.52 ? 158 SER A CA  1 
ATOM   1204 C C   . SER A 1 158 ? 8.786   17.612  2.218   1.00 51.42 ? 158 SER A C   1 
ATOM   1205 O O   . SER A 1 158 ? 9.925   18.075  2.355   1.00 44.99 ? 158 SER A O   1 
ATOM   1206 C CB  . SER A 1 158 ? 8.676   16.846  4.584   1.00 46.19 ? 158 SER A CB  1 
ATOM   1207 O OG  . SER A 1 158 ? 9.270   15.609  4.195   1.00 49.48 ? 158 SER A OG  1 
ATOM   1208 N N   . ALA A 1 159 ? 8.282   17.185  1.050   1.00 46.56 ? 159 ALA A N   1 
ATOM   1209 C CA  . ALA A 1 159 ? 9.030   17.252  -0.210  1.00 54.42 ? 159 ALA A CA  1 
ATOM   1210 C C   . ALA A 1 159 ? 9.476   18.690  -0.461  1.00 60.17 ? 159 ALA A C   1 
ATOM   1211 O O   . ALA A 1 159 ? 10.618  18.889  -0.946  1.00 64.11 ? 159 ALA A O   1 
ATOM   1212 C CB  . ALA A 1 159 ? 8.159   16.773  -1.384  1.00 43.43 ? 159 ALA A CB  1 
ATOM   1213 O OXT . ALA A 1 159 ? 8.653   19.596  -0.192  1.00 57.82 ? 159 ALA A OXT 1 
HETATM 1214 C C1  . NAG B 2 .   ? -0.656  -9.167  -20.508 0.70 82.24 ? 300 NAG A C1  1 
HETATM 1215 C C2  . NAG B 2 .   ? -2.000  -8.780  -21.142 0.70 84.02 ? 300 NAG A C2  1 
HETATM 1216 C C3  . NAG B 2 .   ? -1.812  -8.506  -22.630 0.70 82.34 ? 300 NAG A C3  1 
HETATM 1217 C C4  . NAG B 2 .   ? -1.330  -9.777  -23.316 0.70 79.32 ? 300 NAG A C4  1 
HETATM 1218 C C5  . NAG B 2 .   ? -0.317  -10.523 -22.460 0.70 81.59 ? 300 NAG A C5  1 
HETATM 1219 C C6  . NAG B 2 .   ? 0.809   -11.100 -23.294 0.70 87.46 ? 300 NAG A C6  1 
HETATM 1220 C C7  . NAG B 2 .   ? -3.694  -9.949  -19.879 0.70 94.16 ? 300 NAG A C7  1 
HETATM 1221 C C8  . NAG B 2 .   ? -5.190  -9.721  -20.063 0.70 86.90 ? 300 NAG A C8  1 
HETATM 1222 N N2  . NAG B 2 .   ? -2.939  -9.872  -20.972 0.70 92.24 ? 300 NAG A N2  1 
HETATM 1223 O O3  . NAG B 2 .   ? -0.861  -7.468  -22.819 0.70 80.81 ? 300 NAG A O3  1 
HETATM 1224 O O4  . NAG B 2 .   ? -2.432  -10.627 -23.547 0.70 87.12 ? 300 NAG A O4  1 
HETATM 1225 O O5  . NAG B 2 .   ? 0.276   -9.630  -21.502 0.70 80.46 ? 300 NAG A O5  1 
HETATM 1226 O O6  . NAG B 2 .   ? 0.438   -11.210 -24.665 0.70 95.81 ? 300 NAG A O6  1 
HETATM 1227 O O7  . NAG B 2 .   ? -3.235  -10.197 -18.758 0.70 91.71 ? 300 NAG A O7  1 
HETATM 1228 O O   . HOH C 3 .   ? -3.075  4.325   -8.399  1.00 24.51 ? 501 HOH A O   1 
HETATM 1229 O O   . HOH C 3 .   ? -16.518 0.611   1.984   1.00 33.21 ? 502 HOH A O   1 
HETATM 1230 O O   . HOH C 3 .   ? -1.393  10.748  -7.383  1.00 60.93 ? 503 HOH A O   1 
HETATM 1231 O O   . HOH C 3 .   ? -16.248 4.510   -4.131  1.00 27.64 ? 504 HOH A O   1 
HETATM 1232 O O   . HOH C 3 .   ? 19.316  -8.533  5.348   1.00 30.40 ? 505 HOH A O   1 
HETATM 1233 O O   . HOH C 3 .   ? 3.835   12.951  -4.373  1.00 59.25 ? 506 HOH A O   1 
HETATM 1234 O O   . HOH C 3 .   ? -4.757  -2.045  8.502   1.00 27.68 ? 507 HOH A O   1 
HETATM 1235 O O   . HOH C 3 .   ? -5.300  11.974  5.449   1.00 37.06 ? 508 HOH A O   1 
HETATM 1236 O O   . HOH C 3 .   ? 8.553   10.440  -6.242  1.00 58.28 ? 509 HOH A O   1 
HETATM 1237 O O   . HOH C 3 .   ? 15.040  -10.985 -2.420  1.00 52.17 ? 510 HOH A O   1 
HETATM 1238 O O   . HOH C 3 .   ? -6.230  -6.694  3.023   1.00 31.23 ? 511 HOH A O   1 
HETATM 1239 O O   . HOH C 3 .   ? -9.940  2.513   -7.013  1.00 30.86 ? 512 HOH A O   1 
HETATM 1240 O O   . HOH C 3 .   ? 15.256  -8.501  -3.082  1.00 41.51 ? 513 HOH A O   1 
HETATM 1241 O O   . HOH C 3 .   ? 10.182  -11.915 -2.168  1.00 24.94 ? 514 HOH A O   1 
HETATM 1242 O O   . HOH C 3 .   ? 17.940  -8.518  -2.745  1.00 43.46 ? 515 HOH A O   1 
HETATM 1243 O O   . HOH C 3 .   ? 1.829   -3.739  -16.728 1.00 48.62 ? 516 HOH A O   1 
HETATM 1244 O O   . HOH C 3 .   ? 10.005  -8.205  4.151   1.00 45.97 ? 517 HOH A O   1 
HETATM 1245 O O   . HOH C 3 .   ? 16.945  0.772   -6.404  1.00 30.44 ? 518 HOH A O   1 
HETATM 1246 O O   . HOH C 3 .   ? 7.056   14.842  8.538   1.00 48.06 ? 519 HOH A O   1 
HETATM 1247 O O   . HOH C 3 .   ? -0.796  9.245   9.642   1.00 40.74 ? 520 HOH A O   1 
HETATM 1248 O O   . HOH C 3 .   ? -11.633 -10.179 2.720   1.00 53.21 ? 521 HOH A O   1 
HETATM 1249 O O   . HOH C 3 .   ? 6.640   -4.565  -9.380  1.00 34.18 ? 522 HOH A O   1 
HETATM 1250 O O   . HOH C 3 .   ? -17.949 -0.897  -0.694  1.00 53.99 ? 523 HOH A O   1 
HETATM 1251 O O   . HOH C 3 .   ? 4.702   -7.882  9.526   1.00 33.25 ? 524 HOH A O   1 
HETATM 1252 O O   . HOH C 3 .   ? 17.820  1.936   -16.052 1.00 42.34 ? 525 HOH A O   1 
HETATM 1253 O O   . HOH C 3 .   ? 7.737   -11.043 -9.168  1.00 32.86 ? 526 HOH A O   1 
HETATM 1254 O O   . HOH C 3 .   ? 21.120  -11.610 -2.355  1.00 50.75 ? 527 HOH A O   1 
HETATM 1255 O O   . HOH C 3 .   ? 12.310  0.828   -11.903 1.00 33.73 ? 528 HOH A O   1 
HETATM 1256 O O   . HOH C 3 .   ? 10.198  -16.510 -6.100  1.00 62.90 ? 529 HOH A O   1 
HETATM 1257 O O   . HOH C 3 .   ? 0.251   0.287   14.336  1.00 47.49 ? 530 HOH A O   1 
HETATM 1258 O O   . HOH C 3 .   ? 0.368   -17.021 -1.623  1.00 44.13 ? 531 HOH A O   1 
HETATM 1259 O O   . HOH C 3 .   ? -2.276  -5.671  9.807   1.00 31.80 ? 532 HOH A O   1 
HETATM 1260 O O   . HOH C 3 .   ? -10.737 -11.725 -8.346  1.00 51.38 ? 533 HOH A O   1 
HETATM 1261 O O   . HOH C 3 .   ? -17.814 4.702   -6.371  1.00 33.21 ? 534 HOH A O   1 
HETATM 1262 O O   . HOH C 3 .   ? 0.796   -13.907 2.547   1.00 31.37 ? 535 HOH A O   1 
HETATM 1263 O O   . HOH C 3 .   ? 1.333   -15.463 -3.602  1.00 35.28 ? 536 HOH A O   1 
HETATM 1264 O O   . HOH C 3 .   ? 4.756   -16.970 -9.757  1.00 39.14 ? 537 HOH A O   1 
HETATM 1265 O O   . HOH C 3 .   ? -5.830  0.635   10.946  1.00 48.89 ? 538 HOH A O   1 
HETATM 1266 O O   . HOH C 3 .   ? -4.573  15.854  -6.968  1.00 67.64 ? 539 HOH A O   1 
HETATM 1267 O O   . HOH C 3 .   ? 26.070  -5.254  2.671   1.00 49.74 ? 540 HOH A O   1 
HETATM 1268 O O   . HOH C 3 .   ? 4.489   -19.946 -3.185  1.00 50.88 ? 541 HOH A O   1 
HETATM 1269 O O   . HOH C 3 .   ? 21.163  3.471   4.676   1.00 49.62 ? 542 HOH A O   1 
HETATM 1270 O O   . HOH C 3 .   ? -20.500 9.581   -1.584  1.00 64.39 ? 543 HOH A O   1 
HETATM 1271 O O   . HOH C 3 .   ? 5.538   5.016   -12.610 1.00 64.87 ? 544 HOH A O   1 
HETATM 1272 O O   . HOH C 3 .   ? -9.343  6.041   -6.443  1.00 48.13 ? 545 HOH A O   1 
HETATM 1273 O O   . HOH C 3 .   ? 4.623   -0.307  -10.127 1.00 35.99 ? 546 HOH A O   1 
HETATM 1274 O O   . HOH C 3 .   ? 9.022   -0.091  12.713  1.00 54.79 ? 547 HOH A O   1 
HETATM 1275 O O   . HOH C 3 .   ? -6.766  -14.980 -2.039  1.00 45.29 ? 548 HOH A O   1 
HETATM 1276 O O   . HOH C 3 .   ? 0.723   -15.566 -13.876 1.00 69.82 ? 549 HOH A O   1 
HETATM 1277 O O   . HOH C 3 .   ? -9.076  -5.039  -11.321 1.00 51.65 ? 550 HOH A O   1 
HETATM 1278 O O   . HOH C 3 .   ? 0.922   -20.634 -8.148  1.00 72.64 ? 551 HOH A O   1 
HETATM 1279 O O   . HOH C 3 .   ? 3.166   7.146   8.261   1.00 38.39 ? 552 HOH A O   1 
HETATM 1280 O O   . HOH C 3 .   ? 6.000   -2.404  -10.714 1.00 39.96 ? 553 HOH A O   1 
HETATM 1281 O O   . HOH C 3 .   ? 11.767  -3.470  11.454  1.00 49.72 ? 554 HOH A O   1 
HETATM 1282 O O   . HOH C 3 .   ? 5.196   -3.355  -14.507 1.00 62.50 ? 555 HOH A O   1 
HETATM 1283 O O   . HOH C 3 .   ? -7.463  5.103   -8.687  1.00 29.30 ? 556 HOH A O   1 
HETATM 1284 O O   . HOH C 3 .   ? -5.086  11.012  12.862  1.00 57.24 ? 557 HOH A O   1 
HETATM 1285 O O   . HOH C 3 .   ? 19.218  -4.313  7.356   1.00 43.46 ? 558 HOH A O   1 
HETATM 1286 O O   . HOH C 3 .   ? -19.422 7.294   0.739   1.00 54.95 ? 559 HOH A O   1 
HETATM 1287 O O   . HOH C 3 .   ? -22.428 -8.229  1.702   1.00 41.65 ? 560 HOH A O   1 
HETATM 1288 O O   . HOH C 3 .   ? -8.620  13.999  -1.338  1.00 64.87 ? 561 HOH A O   1 
HETATM 1289 O O   . HOH C 3 .   ? -21.288 9.613   4.830   1.00 51.93 ? 562 HOH A O   1 
HETATM 1290 O O   . HOH C 3 .   ? 20.947  -6.905  -3.689  1.00 41.19 ? 563 HOH A O   1 
HETATM 1291 O O   . HOH C 3 .   ? 9.367   5.643   5.134   1.00 45.96 ? 564 HOH A O   1 
HETATM 1292 O O   . HOH C 3 .   ? 11.100  -13.518 -0.025  1.00 38.73 ? 565 HOH A O   1 
HETATM 1293 O O   . HOH C 3 .   ? -20.569 3.571   -6.251  1.00 52.52 ? 566 HOH A O   1 
HETATM 1294 O O   . HOH C 3 .   ? 8.936   -5.920  -8.152  1.00 33.43 ? 567 HOH A O   1 
HETATM 1295 O O   . HOH C 3 .   ? 20.485  -9.275  -2.486  1.00 43.64 ? 568 HOH A O   1 
HETATM 1296 O O   . HOH C 3 .   ? -3.708  12.739  11.912  1.00 48.76 ? 569 HOH A O   1 
HETATM 1297 O O   . HOH C 3 .   ? -3.305  -5.900  -13.828 1.00 35.93 ? 570 HOH A O   1 
HETATM 1298 O O   . HOH C 3 .   ? -17.940 -6.058  2.772   1.00 44.73 ? 571 HOH A O   1 
HETATM 1299 O O   . HOH C 3 .   ? 2.800   -0.902  15.817  1.00 56.49 ? 572 HOH A O   1 
HETATM 1300 O O   . HOH C 3 .   ? -0.265  1.709   -13.003 1.00 35.27 ? 573 HOH A O   1 
HETATM 1301 O O   . HOH C 3 .   ? 15.315  1.566   9.108   1.00 46.62 ? 574 HOH A O   1 
HETATM 1302 O O   . HOH C 3 .   ? 20.315  5.694   3.967   1.00 64.22 ? 575 HOH A O   1 
HETATM 1303 O O   . HOH C 3 .   ? 4.666   17.956  -1.518  1.00 68.36 ? 576 HOH A O   1 
HETATM 1304 O O   . HOH C 3 .   ? -10.030 -4.221  -8.513  1.00 44.61 ? 577 HOH A O   1 
HETATM 1305 O O   . HOH C 3 .   ? 21.976  -6.566  -6.105  1.00 47.38 ? 578 HOH A O   1 
HETATM 1306 O O   . HOH C 3 .   ? -19.054 -10.791 -3.343  1.00 54.71 ? 579 HOH A O   1 
HETATM 1307 O O   . HOH C 3 .   ? 3.776   -4.772  -11.004 1.00 43.31 ? 580 HOH A O   1 
HETATM 1308 O O   . HOH C 3 .   ? 6.925   -21.084 -2.939  1.00 66.43 ? 581 HOH A O   1 
HETATM 1309 O O   . HOH C 3 .   ? 9.471   -22.978 -5.575  1.00 81.93 ? 582 HOH A O   1 
HETATM 1310 O O   . HOH C 3 .   ? -0.629  -5.948  17.343  1.00 78.20 ? 583 HOH A O   1 
HETATM 1311 O O   . HOH C 3 .   ? -1.519  5.183   -10.310 1.00 32.79 ? 584 HOH A O   1 
HETATM 1312 O O   . HOH C 3 .   ? 2.354   -10.680 -17.421 1.00 73.36 ? 585 HOH A O   1 
HETATM 1313 O O   . HOH C 3 .   ? -2.700  17.023  -5.842  1.00 58.60 ? 586 HOH A O   1 
HETATM 1314 O O   . HOH C 3 .   ? 0.054   -17.820 -12.775 1.00 62.83 ? 587 HOH A O   1 
HETATM 1315 O O   . HOH C 3 .   ? -22.481 -2.559  -4.985  1.00 64.93 ? 588 HOH A O   1 
HETATM 1316 O O   . HOH C 3 .   ? 1.205   -13.798 4.940   1.00 70.24 ? 589 HOH A O   1 
HETATM 1317 O O   . HOH C 3 .   ? 3.090   -17.866 -12.011 1.00 69.65 ? 590 HOH A O   1 
HETATM 1318 O O   . HOH C 3 .   ? 9.272   5.223   9.007   1.00 38.94 ? 591 HOH A O   1 
HETATM 1319 O O   . HOH C 3 .   ? -1.786  -18.376 0.428   1.00 53.32 ? 592 HOH A O   1 
HETATM 1320 O O   . HOH C 3 .   ? -1.532  -15.968 -13.213 1.00 65.77 ? 593 HOH A O   1 
HETATM 1321 O O   . HOH C 3 .   ? 4.429   7.021   -6.087  1.00 57.61 ? 594 HOH A O   1 
HETATM 1322 O O   . HOH C 3 .   ? -6.801  -8.148  -12.187 1.00 53.14 ? 595 HOH A O   1 
HETATM 1323 O O   . HOH C 3 .   ? -12.013 -5.709  5.833   1.00 46.18 ? 596 HOH A O   1 
HETATM 1324 O O   . HOH C 3 .   ? -22.252 -4.889  6.363   1.00 60.07 ? 597 HOH A O   1 
HETATM 1325 O O   . HOH C 3 .   ? -12.289 10.110  15.959  1.00 49.94 ? 598 HOH A O   1 
HETATM 1326 O O   . HOH C 3 .   ? -1.897  -5.182  -22.992 1.00 58.53 ? 599 HOH A O   1 
HETATM 1327 O O   . HOH C 3 .   ? 0.570   -14.224 -21.597 1.00 72.97 ? 600 HOH A O   1 
HETATM 1328 O O   . HOH C 3 .   ? -21.262 10.313  1.229   1.00 71.82 ? 601 HOH A O   1 
HETATM 1329 O O   . HOH C 3 .   ? -8.070  -11.707 -9.482  1.00 77.97 ? 602 HOH A O   1 
HETATM 1330 O O   . HOH C 3 .   ? 21.458  -3.061  8.278   1.00 40.10 ? 603 HOH A O   1 
HETATM 1331 O O   . HOH C 3 .   ? 24.314  3.981   2.733   1.00 68.84 ? 604 HOH A O   1 
HETATM 1332 O O   . HOH C 3 .   ? 2.321   -2.786  -12.800 1.00 54.91 ? 605 HOH A O   1 
HETATM 1333 O O   . HOH C 3 .   ? 2.480   -1.278  -15.035 1.00 46.43 ? 606 HOH A O   1 
HETATM 1334 O O   . HOH C 3 .   ? 2.954   6.939   -10.155 1.00 66.80 ? 607 HOH A O   1 
HETATM 1335 O O   . HOH C 3 .   ? -6.554  7.562   -8.263  1.00 44.49 ? 608 HOH A O   1 
HETATM 1336 O O   . HOH C 3 .   ? 6.176   19.780  0.513   1.00 42.76 ? 609 HOH A O   1 
HETATM 1337 O O   . HOH C 3 .   ? 5.366   2.841   13.460  1.00 40.14 ? 610 HOH A O   1 
HETATM 1338 O O   . HOH C 3 .   ? -0.659  -19.083 -2.754  1.00 52.16 ? 611 HOH A O   1 
HETATM 1339 O O   . HOH C 3 .   ? 8.473   12.891  -2.836  1.00 79.55 ? 612 HOH A O   1 
HETATM 1340 O O   . HOH C 3 .   ? -11.255 -7.182  2.144   1.00 54.46 ? 613 HOH A O   1 
HETATM 1341 O O   . HOH C 3 .   ? -15.014 13.321  -3.255  1.00 45.24 ? 614 HOH A O   1 
HETATM 1342 O O   . HOH C 3 .   ? -13.710 -11.262 3.963   1.00 62.67 ? 615 HOH A O   1 
HETATM 1343 O O   . HOH C 3 .   ? 0.750   0.047   -14.740 1.00 49.78 ? 616 HOH A O   1 
HETATM 1344 O O   . HOH C 3 .   ? 10.204  11.175  -3.788  1.00 78.14 ? 617 HOH A O   1 
HETATM 1345 O O   . HOH C 3 .   ? 12.317  18.994  1.254   1.00 58.54 ? 618 HOH A O   1 
HETATM 1346 O O   . HOH C 3 .   ? 15.990  -8.835  -11.905 1.00 60.27 ? 619 HOH A O   1 
HETATM 1347 O O   . HOH C 3 .   ? -0.694  -15.201 -18.810 1.00 68.91 ? 620 HOH A O   1 
HETATM 1348 O O   . HOH C 3 .   ? 19.931  2.247   -2.502  1.00 63.48 ? 621 HOH A O   1 
HETATM 1349 O O   . HOH C 3 .   ? -4.421  16.934  -9.361  1.00 59.88 ? 622 HOH A O   1 
HETATM 1350 O O   . HOH C 3 .   ? 1.470   4.718   -10.110 1.00 49.41 ? 623 HOH A O   1 
HETATM 1351 O O   . HOH C 3 .   ? 24.444  -4.573  0.998   1.00 55.54 ? 624 HOH A O   1 
HETATM 1352 O O   . HOH C 3 .   ? -13.162 -5.728  3.571   1.00 44.00 ? 625 HOH A O   1 
HETATM 1353 O O   . HOH C 3 .   ? 17.620  -5.920  -8.488  1.00 40.34 ? 626 HOH A O   1 
HETATM 1354 O O   . HOH C 3 .   ? -2.571  11.436  10.292  1.00 62.51 ? 627 HOH A O   1 
HETATM 1355 O O   . HOH C 3 .   ? 11.351  0.055   12.446  1.00 61.39 ? 628 HOH A O   1 
HETATM 1356 O O   . HOH C 3 .   ? -19.995 1.558   -2.750  1.00 48.77 ? 629 HOH A O   1 
HETATM 1357 O O   . HOH C 3 .   ? 1.532   -11.521 12.576  1.00 69.01 ? 630 HOH A O   1 
HETATM 1358 O O   . HOH C 3 .   ? 12.995  9.858   4.987   1.00 69.25 ? 631 HOH A O   1 
HETATM 1359 O O   . HOH C 3 .   ? -9.203  5.779   19.256  1.00 66.70 ? 632 HOH A O   1 
HETATM 1360 O O   . HOH C 3 .   ? 5.184   13.974  -1.895  1.00 53.47 ? 633 HOH A O   1 
HETATM 1361 O O   . HOH C 3 .   ? -15.971 14.896  10.986  1.00 60.65 ? 634 HOH A O   1 
HETATM 1362 O O   . HOH C 3 .   ? 9.217   -15.483 4.255   1.00 58.28 ? 635 HOH A O   1 
HETATM 1363 O O   . HOH C 3 .   ? 9.111   8.959   -9.830  1.00 55.14 ? 636 HOH A O   1 
HETATM 1364 O O   . HOH C 3 .   ? 0.440   -18.577 -18.179 1.00 59.29 ? 637 HOH A O   1 
HETATM 1365 O O   . HOH C 3 .   ? -0.476  -1.792  13.734  1.00 54.81 ? 638 HOH A O   1 
HETATM 1366 O O   . HOH C 3 .   ? -2.157  10.456  16.100  1.00 60.48 ? 639 HOH A O   1 
HETATM 1367 O O   . HOH C 3 .   ? 4.648   -9.797  -17.406 1.00 60.78 ? 640 HOH A O   1 
HETATM 1368 O O   . HOH C 3 .   ? 3.189   3.749   14.857  1.00 42.68 ? 641 HOH A O   1 
HETATM 1369 O O   . HOH C 3 .   ? 5.223   8.964   6.130   1.00 84.72 ? 642 HOH A O   1 
HETATM 1370 O O   . HOH C 3 .   ? 2.635   -16.264 3.014   1.00 53.96 ? 643 HOH A O   1 
HETATM 1371 O O   . HOH C 3 .   ? -20.854 -1.310  -2.396  1.00 53.74 ? 644 HOH A O   1 
HETATM 1372 O O   . HOH C 3 .   ? -4.198  -8.329  -12.823 1.00 58.44 ? 645 HOH A O   1 
HETATM 1373 O O   . HOH C 3 .   ? -23.630 -6.881  -0.110  1.00 70.42 ? 646 HOH A O   1 
HETATM 1374 O O   . HOH C 3 .   ? -20.500 15.692  4.965   1.00 69.57 ? 647 HOH A O   1 
HETATM 1375 O O   . HOH C 3 .   ? 2.687   -0.570  -11.481 1.00 58.03 ? 648 HOH A O   1 
HETATM 1376 O O   . HOH C 3 .   ? -1.740  -12.163 -10.723 1.00 58.81 ? 649 HOH A O   1 
HETATM 1377 O O   . HOH C 3 .   ? -1.013  -19.535 -10.217 1.00 60.42 ? 650 HOH A O   1 
HETATM 1378 O O   . HOH C 3 .   ? 24.810  3.523   6.249   1.00 65.26 ? 651 HOH A O   1 
HETATM 1379 O O   . HOH C 3 .   ? 2.535   3.173   -11.854 1.00 52.86 ? 652 HOH A O   1 
HETATM 1380 O O   . HOH C 3 .   ? -0.889  -9.734  -17.351 1.00 97.47 ? 653 HOH A O   1 
HETATM 1381 O O   . HOH C 3 .   ? 6.549   16.219  6.135   1.00 93.67 ? 654 HOH A O   1 
HETATM 1382 O O   . HOH C 3 .   ? 11.133  -16.745 3.727   1.00 65.66 ? 655 HOH A O   1 
HETATM 1383 O O   . HOH C 3 .   ? 3.039   6.119   21.086  1.00 71.93 ? 656 HOH A O   1 
HETATM 1384 O O   . HOH C 3 .   ? 7.522   -16.367 -10.209 1.00 52.72 ? 657 HOH A O   1 
HETATM 1385 O O   . HOH C 3 .   ? -11.122 -3.147  7.230   1.00 49.53 ? 658 HOH A O   1 
HETATM 1386 O O   . HOH C 3 .   ? -3.128  -6.694  -16.414 1.00 74.44 ? 659 HOH A O   1 
HETATM 1387 O O   . HOH C 3 .   ? 8.702   -24.486 -3.694  1.00 61.65 ? 660 HOH A O   1 
HETATM 1388 O O   . HOH C 3 .   ? -4.588  15.184  -4.276  1.00 67.00 ? 661 HOH A O   1 
HETATM 1389 O O   . HOH C 3 .   ? -13.415 -4.326  7.999   1.00 69.87 ? 662 HOH A O   1 
HETATM 1390 O O   . HOH C 3 .   ? 8.060   4.613   -13.309 1.00 75.11 ? 663 HOH A O   1 
HETATM 1391 O O   . HOH C 3 .   ? 11.128  -13.102 -8.163  1.00 58.33 ? 664 HOH A O   1 
# 
